data_4FH8
#
_entry.id   4FH8
#
_cell.length_a   64.688
_cell.length_b   146.282
_cell.length_c   136.030
_cell.angle_alpha   90.00
_cell.angle_beta   95.24
_cell.angle_gamma   90.00
#
_symmetry.space_group_name_H-M   'P 1 21 1'
#
loop_
_entity.id
_entity.type
_entity.pdbx_description
1 polymer AcePrx-1
2 water water
#
_entity_poly.entity_id   1
_entity_poly.type   'polypeptide(L)'
_entity_poly.pdbx_seq_one_letter_code
;MHHHHHHHMSKAFIGKPAPDFATKAVFDGDFVDVKLSDYKGKYVVLFFYPLDFTFVCPTEIIAFSDRFPEFKNLNVAVLA
CSTDSVFSHLAWINTPRKHGGLGDMKIPVLADTNHQIAKDYGVLKDDEGIAYRGLFIIDPKGILRQITINDLPVGRSVDE
TLRLVQAFQYTDKHGEVCPAGWTPGKDTIKPAVKESKEYFNKAN
;
_entity_poly.pdbx_strand_id   A,B,C,D,E,F,G,H,I,J
#
# COMPACT_ATOMS: atom_id res chain seq x y z
N HIS A 8 -18.64 2.91 11.67
CA HIS A 8 -19.78 3.53 10.93
C HIS A 8 -19.99 4.96 11.36
N MET A 9 -20.29 5.81 10.39
CA MET A 9 -20.48 7.24 10.66
C MET A 9 -21.78 7.82 10.07
N SER A 10 -22.17 8.96 10.64
CA SER A 10 -23.38 9.68 10.27
C SER A 10 -23.40 10.07 8.78
N LYS A 11 -24.58 10.00 8.19
CA LYS A 11 -24.80 10.44 6.81
C LYS A 11 -25.73 11.65 6.77
N ALA A 12 -26.01 12.22 7.94
CA ALA A 12 -26.94 13.33 8.08
C ALA A 12 -26.21 14.67 8.02
N PHE A 13 -26.45 15.41 6.95
CA PHE A 13 -25.82 16.72 6.75
C PHE A 13 -26.86 17.72 6.29
N ILE A 14 -26.88 18.89 6.91
CA ILE A 14 -27.78 19.98 6.51
C ILE A 14 -27.57 20.31 5.02
N GLY A 15 -28.67 20.49 4.30
CA GLY A 15 -28.62 20.87 2.89
C GLY A 15 -28.31 19.73 1.94
N LYS A 16 -28.15 18.53 2.50
CA LYS A 16 -27.89 17.32 1.72
C LYS A 16 -29.10 16.39 1.83
N PRO A 17 -29.30 15.50 0.84
CA PRO A 17 -30.39 14.53 0.95
C PRO A 17 -30.34 13.80 2.30
N ALA A 18 -31.46 13.79 3.01
CA ALA A 18 -31.55 13.10 4.29
C ALA A 18 -31.29 11.62 4.08
N PRO A 19 -30.56 10.97 5.02
CA PRO A 19 -30.29 9.54 4.87
C PRO A 19 -31.56 8.76 4.62
N ASP A 20 -31.54 7.96 3.57
CA ASP A 20 -32.69 7.14 3.20
C ASP A 20 -32.91 6.09 4.26
N PHE A 21 -34.18 5.74 4.50
CA PHE A 21 -34.50 4.66 5.41
C PHE A 21 -35.69 3.85 4.94
N ALA A 22 -35.71 2.58 5.32
CA ALA A 22 -36.80 1.68 5.04
C ALA A 22 -36.80 0.64 6.16
N THR A 23 -37.91 0.58 6.90
CA THR A 23 -38.04 -0.34 8.01
C THR A 23 -39.50 -0.69 8.30
N LYS A 24 -39.70 -1.62 9.23
CA LYS A 24 -41.03 -1.98 9.69
C LYS A 24 -41.47 -1.02 10.79
N ALA A 25 -42.77 -0.73 10.82
CA ALA A 25 -43.34 0.15 11.83
C ALA A 25 -44.69 -0.37 12.32
N VAL A 26 -45.10 0.09 13.51
CA VAL A 26 -46.47 -0.09 13.95
C VAL A 26 -47.25 1.19 13.64
N PHE A 27 -48.36 1.04 12.92
CA PHE A 27 -49.29 2.13 12.67
C PHE A 27 -50.72 1.60 12.78
N ASP A 28 -51.53 2.28 13.58
CA ASP A 28 -52.94 1.90 13.80
C ASP A 28 -53.08 0.42 14.19
N GLY A 29 -52.20 -0.03 15.09
CA GLY A 29 -52.23 -1.40 15.61
C GLY A 29 -51.69 -2.49 14.70
N ASP A 30 -51.14 -2.11 13.56
CA ASP A 30 -50.69 -3.07 12.55
C ASP A 30 -49.25 -2.84 12.11
N PHE A 31 -48.62 -3.89 11.61
CA PHE A 31 -47.27 -3.79 11.06
C PHE A 31 -47.34 -3.24 9.64
N VAL A 32 -46.59 -2.17 9.39
CA VAL A 32 -46.50 -1.57 8.05
C VAL A 32 -45.05 -1.36 7.65
N ASP A 33 -44.83 -1.23 6.35
CA ASP A 33 -43.54 -0.84 5.80
C ASP A 33 -43.51 0.67 5.62
N VAL A 34 -42.42 1.30 6.08
CA VAL A 34 -42.25 2.74 5.93
C VAL A 34 -40.95 3.03 5.18
N LYS A 35 -41.05 3.86 4.14
CA LYS A 35 -39.86 4.35 3.41
C LYS A 35 -39.87 5.87 3.44
N LEU A 36 -38.69 6.49 3.46
CA LEU A 36 -38.59 7.94 3.36
C LEU A 36 -39.23 8.47 2.08
N SER A 37 -39.06 7.74 0.98
CA SER A 37 -39.61 8.13 -0.32
C SER A 37 -41.13 8.22 -0.34
N ASP A 38 -41.79 7.54 0.61
CA ASP A 38 -43.24 7.64 0.77
C ASP A 38 -43.69 9.07 1.05
N TYR A 39 -42.78 9.86 1.62
CA TYR A 39 -43.10 11.20 2.11
C TYR A 39 -42.60 12.32 1.19
N LYS A 40 -42.13 11.94 0.01
CA LYS A 40 -41.75 12.89 -1.02
C LYS A 40 -42.91 13.87 -1.24
N GLY A 41 -42.61 15.16 -1.24
CA GLY A 41 -43.63 16.19 -1.39
C GLY A 41 -44.13 16.80 -0.09
N LYS A 42 -43.72 16.22 1.04
CA LYS A 42 -44.16 16.63 2.37
C LYS A 42 -42.96 16.89 3.28
N TYR A 43 -43.12 17.78 4.25
CA TYR A 43 -42.17 17.85 5.37
C TYR A 43 -42.32 16.64 6.28
N VAL A 44 -41.20 16.15 6.79
CA VAL A 44 -41.16 14.98 7.66
C VAL A 44 -40.39 15.32 8.92
N VAL A 45 -40.97 15.04 10.08
CA VAL A 45 -40.25 15.08 11.33
C VAL A 45 -39.99 13.63 11.73
N LEU A 46 -38.72 13.29 11.85
CA LEU A 46 -38.31 11.98 12.30
C LEU A 46 -37.67 12.19 13.64
N PHE A 47 -38.21 11.54 14.67
CA PHE A 47 -37.58 11.65 15.99
C PHE A 47 -37.31 10.27 16.61
N PHE A 48 -36.26 10.23 17.43
CA PHE A 48 -35.79 9.01 18.03
C PHE A 48 -36.00 9.03 19.53
N TYR A 49 -36.23 7.85 20.10
CA TYR A 49 -36.29 7.72 21.55
C TYR A 49 -35.53 6.45 21.96
N PRO A 50 -35.05 6.39 23.22
CA PRO A 50 -34.12 5.31 23.56
C PRO A 50 -34.74 3.90 23.65
N LEU A 51 -35.84 3.75 24.38
CA LEU A 51 -36.32 2.43 24.77
C LEU A 51 -37.82 2.34 25.01
N ASP A 52 -38.44 1.29 24.49
CA ASP A 52 -39.79 0.90 24.88
C ASP A 52 -39.84 0.50 26.35
N PHE A 53 -41.02 0.58 26.95
CA PHE A 53 -41.30 0.11 28.32
C PHE A 53 -40.43 0.69 29.43
N THR A 54 -39.86 1.87 29.23
CA THR A 54 -39.07 2.52 30.29
C THR A 54 -39.98 3.01 31.41
N PHE A 55 -39.43 3.15 32.61
CA PHE A 55 -40.21 3.63 33.75
C PHE A 55 -40.33 5.15 33.74
N VAL A 56 -39.60 5.78 32.82
CA VAL A 56 -39.71 7.21 32.57
C VAL A 56 -41.01 7.47 31.83
N CYS A 57 -41.78 8.43 32.33
CA CYS A 57 -43.04 8.82 31.68
C CYS A 57 -42.79 9.13 30.22
N PRO A 58 -43.42 8.37 29.32
CA PRO A 58 -43.27 8.53 27.88
C PRO A 58 -44.13 9.67 27.35
N THR A 59 -44.44 10.63 28.21
CA THR A 59 -45.22 11.81 27.85
C THR A 59 -44.59 12.55 26.67
N GLU A 60 -43.26 12.56 26.63
CA GLU A 60 -42.51 13.20 25.55
C GLU A 60 -42.85 12.62 24.17
N ILE A 61 -42.92 11.29 24.08
CA ILE A 61 -43.29 10.60 22.85
C ILE A 61 -44.79 10.75 22.56
N ILE A 62 -45.60 10.66 23.60
CA ILE A 62 -47.05 10.77 23.51
C ILE A 62 -47.51 12.16 23.04
N ALA A 63 -46.78 13.19 23.46
CA ALA A 63 -47.07 14.57 23.05
C ALA A 63 -47.07 14.74 21.54
N PHE A 64 -46.14 14.07 20.85
CA PHE A 64 -46.08 14.13 19.39
C PHE A 64 -47.24 13.39 18.72
N SER A 65 -47.78 12.39 19.40
CA SER A 65 -48.94 11.66 18.91
C SER A 65 -50.24 12.41 19.20
N ASP A 66 -50.42 12.82 20.46
CA ASP A 66 -51.58 13.60 20.88
C ASP A 66 -51.75 14.88 20.07
N ARG A 67 -50.64 15.50 19.70
CA ARG A 67 -50.69 16.79 19.00
C ARG A 67 -50.43 16.66 17.50
N PHE A 68 -50.50 15.41 17.00
CA PHE A 68 -50.33 15.16 15.57
C PHE A 68 -51.28 15.93 14.65
N PRO A 69 -52.55 16.14 15.06
CA PRO A 69 -53.43 16.97 14.23
C PRO A 69 -52.83 18.33 13.82
N GLU A 70 -52.06 18.94 14.72
CA GLU A 70 -51.38 20.20 14.42
C GLU A 70 -50.32 20.04 13.32
N PHE A 71 -49.65 18.90 13.29
CA PHE A 71 -48.72 18.59 12.20
C PHE A 71 -49.46 18.26 10.89
N LYS A 72 -50.55 17.49 11.00
CA LYS A 72 -51.36 17.14 9.84
C LYS A 72 -51.94 18.38 9.17
N ASN A 73 -52.40 19.33 9.97
CA ASN A 73 -52.89 20.62 9.50
C ASN A 73 -51.88 21.33 8.60
N LEU A 74 -50.61 21.20 8.94
CA LEU A 74 -49.51 21.80 8.19
C LEU A 74 -48.98 20.90 7.07
N ASN A 75 -49.66 19.77 6.85
CA ASN A 75 -49.24 18.75 5.87
C ASN A 75 -47.84 18.19 6.17
N VAL A 76 -47.60 17.87 7.44
CA VAL A 76 -46.33 17.36 7.91
C VAL A 76 -46.50 15.94 8.48
N ALA A 77 -45.63 15.02 8.05
CA ALA A 77 -45.63 13.67 8.59
C ALA A 77 -44.69 13.60 9.80
N VAL A 78 -45.09 12.84 10.81
CA VAL A 78 -44.29 12.67 12.04
C VAL A 78 -44.01 11.18 12.26
N LEU A 79 -42.74 10.85 12.49
CA LEU A 79 -42.33 9.45 12.67
C LEU A 79 -41.52 9.30 13.92
N ALA A 80 -41.94 8.37 14.78
CA ALA A 80 -41.16 8.01 15.95
C ALA A 80 -40.33 6.79 15.59
N CYS A 81 -39.19 6.64 16.24
CA CYS A 81 -38.29 5.52 15.95
C CYS A 81 -37.45 5.17 17.17
N SER A 82 -37.28 3.88 17.42
CA SER A 82 -36.32 3.37 18.42
C SER A 82 -35.71 2.06 17.94
N THR A 83 -34.69 1.59 18.64
CA THR A 83 -34.02 0.33 18.27
C THR A 83 -34.78 -0.94 18.73
N ASP A 84 -35.91 -0.75 19.40
CA ASP A 84 -36.78 -1.87 19.81
C ASP A 84 -37.53 -2.42 18.59
N SER A 85 -38.00 -3.65 18.67
CA SER A 85 -38.70 -4.31 17.56
C SER A 85 -40.14 -3.83 17.40
N VAL A 86 -40.76 -4.18 16.27
CA VAL A 86 -42.18 -3.90 16.06
C VAL A 86 -43.07 -4.61 17.07
N PHE A 87 -42.64 -5.80 17.50
CA PHE A 87 -43.41 -6.61 18.46
C PHE A 87 -43.41 -5.94 19.82
N SER A 88 -42.26 -5.41 20.20
CA SER A 88 -42.13 -4.60 21.40
C SER A 88 -43.00 -3.33 21.32
N HIS A 89 -42.92 -2.63 20.19
CA HIS A 89 -43.73 -1.43 19.96
C HIS A 89 -45.20 -1.70 20.15
N LEU A 90 -45.70 -2.75 19.49
CA LEU A 90 -47.13 -3.10 19.54
C LEU A 90 -47.59 -3.45 20.96
N ALA A 91 -46.76 -4.19 21.70
CA ALA A 91 -47.05 -4.55 23.07
C ALA A 91 -47.12 -3.32 23.99
N TRP A 92 -46.25 -2.35 23.73
CA TRP A 92 -46.22 -1.10 24.48
C TRP A 92 -47.39 -0.22 24.12
N ILE A 93 -47.73 -0.19 22.84
CA ILE A 93 -48.92 0.50 22.35
C ILE A 93 -50.18 -0.09 22.99
N ASN A 94 -50.23 -1.42 23.09
CA ASN A 94 -51.36 -2.12 23.70
C ASN A 94 -51.39 -2.07 25.23
N THR A 95 -50.36 -1.49 25.84
CA THR A 95 -50.36 -1.27 27.29
C THR A 95 -51.02 0.07 27.58
N PRO A 96 -52.03 0.08 28.48
CA PRO A 96 -52.70 1.34 28.86
C PRO A 96 -51.72 2.37 29.41
N ARG A 97 -51.93 3.63 29.06
CA ARG A 97 -51.07 4.72 29.51
C ARG A 97 -50.96 4.80 31.03
N LYS A 98 -52.04 4.43 31.72
CA LYS A 98 -52.07 4.43 33.19
C LYS A 98 -51.19 3.34 33.81
N HIS A 99 -50.78 2.37 32.99
CA HIS A 99 -49.79 1.37 33.40
C HIS A 99 -48.46 1.59 32.71
N GLY A 100 -48.22 2.82 32.28
CA GLY A 100 -46.94 3.21 31.68
C GLY A 100 -46.79 2.87 30.21
N GLY A 101 -47.89 2.51 29.56
CA GLY A 101 -47.87 2.20 28.15
C GLY A 101 -47.91 3.43 27.27
N LEU A 102 -47.72 3.23 25.97
CA LEU A 102 -47.86 4.30 25.00
C LEU A 102 -49.32 4.60 24.70
N GLY A 103 -50.18 3.58 24.83
CA GLY A 103 -51.57 3.68 24.43
C GLY A 103 -51.70 3.82 22.93
N ASP A 104 -52.86 4.28 22.47
CA ASP A 104 -53.09 4.49 21.05
C ASP A 104 -52.15 5.55 20.50
N MET A 105 -51.49 5.23 19.39
CA MET A 105 -50.61 6.18 18.73
C MET A 105 -51.19 6.63 17.40
N LYS A 106 -51.06 7.92 17.12
CA LYS A 106 -51.58 8.52 15.89
C LYS A 106 -50.48 8.65 14.83
N ILE A 107 -49.27 8.22 15.18
CA ILE A 107 -48.12 8.29 14.29
C ILE A 107 -47.45 6.91 14.19
N PRO A 108 -46.78 6.63 13.06
CA PRO A 108 -46.00 5.40 12.94
C PRO A 108 -44.88 5.33 13.96
N VAL A 109 -44.66 4.14 14.54
CA VAL A 109 -43.52 3.92 15.42
C VAL A 109 -42.58 2.91 14.77
N LEU A 110 -41.47 3.41 14.25
CA LEU A 110 -40.52 2.61 13.47
C LEU A 110 -39.62 1.77 14.37
N ALA A 111 -39.32 0.57 13.89
CA ALA A 111 -38.40 -0.33 14.56
C ALA A 111 -37.05 -0.29 13.84
N ASP A 112 -35.99 -0.04 14.60
CA ASP A 112 -34.64 0.05 14.05
C ASP A 112 -33.75 -0.95 14.77
N THR A 113 -34.14 -2.23 14.71
CA THR A 113 -33.45 -3.30 15.43
C THR A 113 -32.04 -3.58 14.92
N ASN A 114 -31.80 -3.41 13.62
CA ASN A 114 -30.47 -3.58 13.07
C ASN A 114 -29.59 -2.32 13.18
N HIS A 115 -30.16 -1.27 13.79
CA HIS A 115 -29.42 -0.03 14.15
C HIS A 115 -29.02 0.86 12.99
N GLN A 116 -29.35 0.44 11.77
CA GLN A 116 -28.92 1.15 10.56
C GLN A 116 -29.41 2.60 10.49
N ILE A 117 -30.65 2.83 10.92
CA ILE A 117 -31.23 4.17 10.87
C ILE A 117 -30.57 5.09 11.91
N ALA A 118 -30.42 4.61 13.13
CA ALA A 118 -29.77 5.37 14.18
C ALA A 118 -28.32 5.73 13.82
N LYS A 119 -27.62 4.78 13.19
CA LYS A 119 -26.25 5.01 12.70
C LYS A 119 -26.21 6.06 11.59
N ASP A 120 -27.11 5.93 10.62
CA ASP A 120 -27.16 6.86 9.48
C ASP A 120 -27.46 8.30 9.92
N TYR A 121 -28.27 8.44 10.97
CA TYR A 121 -28.61 9.75 11.50
C TYR A 121 -27.68 10.22 12.61
N GLY A 122 -26.67 9.39 12.92
CA GLY A 122 -25.66 9.70 13.93
C GLY A 122 -26.17 9.87 15.35
N VAL A 123 -27.19 9.10 15.72
CA VAL A 123 -27.78 9.20 17.06
C VAL A 123 -27.65 7.93 17.90
N LEU A 124 -26.87 6.97 17.43
CA LEU A 124 -26.71 5.71 18.17
C LEU A 124 -25.74 5.87 19.33
N LYS A 125 -26.20 5.56 20.53
CA LYS A 125 -25.35 5.47 21.70
C LYS A 125 -24.75 4.06 21.66
N ASP A 126 -23.53 3.96 21.16
CA ASP A 126 -22.90 2.68 20.79
C ASP A 126 -22.84 1.64 21.90
N ASP A 127 -22.43 2.06 23.09
CA ASP A 127 -22.26 1.13 24.21
C ASP A 127 -23.56 0.49 24.70
N GLU A 128 -24.70 0.99 24.23
CA GLU A 128 -26.00 0.51 24.70
C GLU A 128 -26.96 0.04 23.61
N GLY A 129 -26.65 0.37 22.35
CA GLY A 129 -27.53 0.02 21.25
C GLY A 129 -28.87 0.72 21.32
N ILE A 130 -28.87 1.94 21.85
CA ILE A 130 -30.07 2.78 21.92
C ILE A 130 -29.82 4.13 21.26
N ALA A 131 -30.88 4.79 20.81
CA ALA A 131 -30.76 6.11 20.21
C ALA A 131 -30.82 7.23 21.25
N TYR A 132 -30.02 8.27 21.04
CA TYR A 132 -30.18 9.54 21.74
C TYR A 132 -31.47 10.22 21.31
N ARG A 133 -31.89 11.24 22.06
CA ARG A 133 -33.13 11.94 21.74
C ARG A 133 -32.95 12.90 20.56
N GLY A 134 -32.80 12.32 19.37
CA GLY A 134 -32.57 13.08 18.16
C GLY A 134 -33.87 13.37 17.43
N LEU A 135 -33.90 14.51 16.75
CA LEU A 135 -35.05 14.92 15.95
C LEU A 135 -34.53 15.58 14.69
N PHE A 136 -35.16 15.29 13.56
CA PHE A 136 -34.69 15.73 12.25
C PHE A 136 -35.85 16.21 11.40
N ILE A 137 -35.66 17.36 10.74
CA ILE A 137 -36.68 17.88 9.82
C ILE A 137 -36.20 17.75 8.37
N ILE A 138 -37.02 17.09 7.55
CA ILE A 138 -36.70 16.78 6.17
C ILE A 138 -37.74 17.44 5.28
N ASP A 139 -37.31 18.13 4.23
CA ASP A 139 -38.24 18.90 3.40
C ASP A 139 -38.88 18.05 2.28
N PRO A 140 -39.86 18.61 1.55
CA PRO A 140 -40.57 17.84 0.52
C PRO A 140 -39.66 17.24 -0.56
N LYS A 141 -38.44 17.76 -0.68
CA LYS A 141 -37.49 17.28 -1.68
C LYS A 141 -36.50 16.26 -1.11
N GLY A 142 -36.70 15.88 0.16
CA GLY A 142 -35.84 14.88 0.80
C GLY A 142 -34.56 15.47 1.36
N ILE A 143 -34.49 16.80 1.39
CA ILE A 143 -33.32 17.52 1.88
C ILE A 143 -33.43 17.73 3.39
N LEU A 144 -32.37 17.41 4.12
CA LEU A 144 -32.34 17.64 5.57
C LEU A 144 -32.18 19.13 5.87
N ARG A 145 -33.06 19.65 6.72
CA ARG A 145 -33.08 21.09 7.05
C ARG A 145 -32.72 21.39 8.51
N GLN A 146 -32.92 20.42 9.40
CA GLN A 146 -32.73 20.66 10.83
C GLN A 146 -32.24 19.41 11.54
N ILE A 147 -31.27 19.61 12.44
CA ILE A 147 -30.75 18.54 13.27
C ILE A 147 -30.86 18.95 14.74
N THR A 148 -31.50 18.08 15.53
CA THR A 148 -31.58 18.25 16.98
C THR A 148 -31.16 16.93 17.62
N ILE A 149 -30.19 16.97 18.53
CA ILE A 149 -29.83 15.79 19.30
C ILE A 149 -29.69 16.16 20.77
N ASN A 150 -30.54 15.57 21.59
CA ASN A 150 -30.49 15.75 23.03
C ASN A 150 -29.82 14.58 23.71
N ASP A 151 -29.01 14.85 24.72
CA ASP A 151 -28.59 13.81 25.66
C ASP A 151 -29.85 13.24 26.31
N LEU A 152 -29.76 11.98 26.75
CA LEU A 152 -30.93 11.22 27.22
C LEU A 152 -31.87 11.88 28.25
N PRO A 153 -31.32 12.63 29.24
CA PRO A 153 -32.17 13.19 30.30
C PRO A 153 -33.12 14.33 29.92
N VAL A 154 -32.95 14.93 28.74
CA VAL A 154 -33.75 16.12 28.40
C VAL A 154 -34.61 15.89 27.15
N GLY A 155 -35.91 16.14 27.28
CA GLY A 155 -36.85 15.86 26.20
C GLY A 155 -37.03 17.00 25.21
N ARG A 156 -37.87 16.77 24.21
CA ARG A 156 -38.09 17.73 23.15
C ARG A 156 -39.43 18.44 23.30
N SER A 157 -39.57 19.55 22.59
CA SER A 157 -40.76 20.38 22.66
C SER A 157 -41.51 20.30 21.35
N VAL A 158 -42.81 19.97 21.42
CA VAL A 158 -43.67 19.96 20.25
C VAL A 158 -43.78 21.38 19.70
N ASP A 159 -43.91 22.35 20.60
CA ASP A 159 -44.00 23.77 20.24
C ASP A 159 -42.80 24.26 19.44
N GLU A 160 -41.59 23.92 19.91
CA GLU A 160 -40.36 24.25 19.20
C GLU A 160 -40.31 23.58 17.81
N THR A 161 -40.74 22.33 17.75
CA THR A 161 -40.78 21.57 16.49
C THR A 161 -41.74 22.20 15.48
N LEU A 162 -42.92 22.60 15.95
CA LEU A 162 -43.89 23.32 15.13
C LEU A 162 -43.34 24.67 14.66
N ARG A 163 -42.66 25.39 15.55
CA ARG A 163 -42.02 26.65 15.18
C ARG A 163 -41.00 26.45 14.05
N LEU A 164 -40.11 25.48 14.22
CA LEU A 164 -39.10 25.15 13.21
C LEU A 164 -39.74 24.79 11.87
N VAL A 165 -40.70 23.86 11.89
CA VAL A 165 -41.35 23.41 10.66
C VAL A 165 -42.06 24.54 9.92
N GLN A 166 -42.83 25.35 10.65
CA GLN A 166 -43.53 26.49 10.03
C GLN A 166 -42.56 27.53 9.48
N ALA A 167 -41.44 27.73 10.16
CA ALA A 167 -40.40 28.64 9.68
C ALA A 167 -39.76 28.15 8.37
N PHE A 168 -39.50 26.85 8.28
CA PHE A 168 -38.96 26.29 7.03
C PHE A 168 -39.98 26.38 5.91
N GLN A 169 -41.25 26.13 6.24
CA GLN A 169 -42.32 26.26 5.27
C GLN A 169 -42.48 27.69 4.81
N TYR A 170 -42.45 28.61 5.77
CA TYR A 170 -42.54 30.01 5.45
C TYR A 170 -41.35 30.48 4.60
N THR A 171 -40.14 30.17 5.04
CA THR A 171 -38.95 30.61 4.31
C THR A 171 -38.78 29.95 2.93
N ASP A 172 -39.33 28.75 2.75
CA ASP A 172 -39.37 28.10 1.43
C ASP A 172 -40.08 28.97 0.39
N LYS A 173 -41.10 29.70 0.85
CA LYS A 173 -41.90 30.54 -0.04
C LYS A 173 -41.31 31.94 -0.25
N HIS A 174 -40.79 32.52 0.83
CA HIS A 174 -40.49 33.95 0.87
C HIS A 174 -39.03 34.29 1.05
N GLY A 175 -38.23 33.33 1.50
CA GLY A 175 -36.87 33.61 1.94
C GLY A 175 -36.92 34.15 3.36
N GLU A 176 -35.85 34.80 3.80
CA GLU A 176 -35.79 35.37 5.15
C GLU A 176 -36.50 36.71 5.24
N VAL A 177 -37.17 36.96 6.36
CA VAL A 177 -37.92 38.22 6.56
C VAL A 177 -37.73 38.85 7.93
N CYS A 178 -37.96 40.17 7.99
CA CYS A 178 -38.09 40.90 9.25
C CYS A 178 -39.57 41.05 9.58
N HIS B 8 -12.04 19.01 8.38
CA HIS B 8 -12.60 17.92 7.54
C HIS B 8 -13.64 17.13 8.30
N MET B 9 -13.32 16.74 9.53
CA MET B 9 -14.20 15.90 10.33
C MET B 9 -14.77 16.63 11.54
N SER B 10 -16.08 16.49 11.75
CA SER B 10 -16.72 17.02 12.95
C SER B 10 -16.21 16.28 14.19
N LYS B 11 -16.01 17.02 15.27
CA LYS B 11 -15.53 16.46 16.51
C LYS B 11 -16.59 16.55 17.61
N ALA B 12 -17.78 17.00 17.25
CA ALA B 12 -18.85 17.22 18.22
C ALA B 12 -19.71 15.97 18.40
N PHE B 13 -19.60 15.34 19.57
CA PHE B 13 -20.40 14.16 19.88
C PHE B 13 -21.04 14.27 21.26
N ILE B 14 -22.32 13.90 21.34
CA ILE B 14 -23.06 13.94 22.60
C ILE B 14 -22.39 13.03 23.64
N GLY B 15 -22.22 13.53 24.86
CA GLY B 15 -21.61 12.75 25.94
C GLY B 15 -20.10 12.66 25.88
N LYS B 16 -19.51 13.36 24.92
CA LYS B 16 -18.07 13.43 24.76
C LYS B 16 -17.62 14.86 25.04
N PRO B 17 -16.34 15.04 25.43
CA PRO B 17 -15.79 16.40 25.59
C PRO B 17 -16.06 17.25 24.34
N ALA B 18 -16.63 18.42 24.55
CA ALA B 18 -16.93 19.36 23.47
C ALA B 18 -15.64 19.77 22.76
N PRO B 19 -15.69 19.93 21.42
CA PRO B 19 -14.49 20.35 20.70
C PRO B 19 -13.92 21.62 21.30
N ASP B 20 -12.64 21.56 21.69
CA ASP B 20 -11.94 22.70 22.25
C ASP B 20 -11.84 23.81 21.21
N PHE B 21 -12.00 25.05 21.65
CA PHE B 21 -11.81 26.21 20.78
C PHE B 21 -11.03 27.32 21.49
N ALA B 22 -10.28 28.08 20.69
CA ALA B 22 -9.55 29.25 21.15
C ALA B 22 -9.43 30.21 19.98
N THR B 23 -9.97 31.41 20.15
CA THR B 23 -9.97 32.40 19.08
C THR B 23 -10.13 33.82 19.64
N LYS B 24 -10.03 34.81 18.76
CA LYS B 24 -10.28 36.21 19.12
C LYS B 24 -11.76 36.54 19.00
N ALA B 25 -12.22 37.43 19.87
CA ALA B 25 -13.62 37.83 19.92
C ALA B 25 -13.75 39.33 20.20
N VAL B 26 -14.92 39.88 19.92
CA VAL B 26 -15.27 41.22 20.37
C VAL B 26 -16.16 41.12 21.59
N PHE B 27 -15.73 41.77 22.67
CA PHE B 27 -16.52 41.86 23.89
C PHE B 27 -16.37 43.25 24.46
N ASP B 28 -17.51 43.92 24.69
CA ASP B 28 -17.54 45.29 25.21
C ASP B 28 -16.65 46.24 24.39
N GLY B 29 -16.73 46.11 23.07
CA GLY B 29 -16.01 46.98 22.14
C GLY B 29 -14.52 46.71 21.97
N ASP B 30 -14.01 45.68 22.63
CA ASP B 30 -12.58 45.35 22.61
C ASP B 30 -12.28 43.96 22.07
N PHE B 31 -11.08 43.79 21.53
CA PHE B 31 -10.62 42.48 21.09
C PHE B 31 -10.12 41.68 22.29
N VAL B 32 -10.72 40.51 22.50
CA VAL B 32 -10.32 39.62 23.59
C VAL B 32 -10.04 38.20 23.08
N ASP B 33 -9.29 37.44 23.86
CA ASP B 33 -9.07 36.01 23.60
C ASP B 33 -10.11 35.20 24.36
N VAL B 34 -10.72 34.24 23.67
CA VAL B 34 -11.71 33.35 24.29
C VAL B 34 -11.29 31.90 24.11
N LYS B 35 -11.19 31.18 25.23
CA LYS B 35 -10.90 29.74 25.25
C LYS B 35 -12.05 29.01 25.92
N LEU B 36 -12.32 27.78 25.49
CA LEU B 36 -13.37 26.95 26.10
C LEU B 36 -13.07 26.67 27.57
N SER B 37 -11.80 26.43 27.88
CA SER B 37 -11.37 26.15 29.25
C SER B 37 -11.64 27.31 30.22
N ASP B 38 -11.89 28.50 29.68
CA ASP B 38 -12.23 29.66 30.49
C ASP B 38 -13.55 29.48 31.22
N TYR B 39 -14.37 28.55 30.73
CA TYR B 39 -15.74 28.39 31.20
C TYR B 39 -16.01 27.09 31.96
N LYS B 40 -14.94 26.39 32.33
CA LYS B 40 -15.05 25.22 33.20
C LYS B 40 -15.82 25.58 34.47
N GLY B 41 -16.70 24.68 34.90
CA GLY B 41 -17.52 24.89 36.08
C GLY B 41 -18.79 25.66 35.80
N LYS B 42 -19.09 25.86 34.51
CA LYS B 42 -20.19 26.70 34.08
C LYS B 42 -20.78 26.15 32.78
N TYR B 43 -22.10 26.24 32.61
CA TYR B 43 -22.73 25.92 31.33
C TYR B 43 -22.40 26.98 30.29
N VAL B 44 -22.13 26.53 29.06
CA VAL B 44 -21.82 27.42 27.95
C VAL B 44 -22.77 27.12 26.80
N VAL B 45 -23.36 28.16 26.24
CA VAL B 45 -24.11 28.05 24.99
C VAL B 45 -23.28 28.70 23.89
N LEU B 46 -22.86 27.89 22.93
CA LEU B 46 -22.11 28.39 21.78
C LEU B 46 -22.99 28.31 20.56
N PHE B 47 -23.22 29.45 19.91
CA PHE B 47 -24.04 29.45 18.71
C PHE B 47 -23.39 30.16 17.53
N PHE B 48 -23.69 29.65 16.34
CA PHE B 48 -23.09 30.10 15.10
C PHE B 48 -24.12 30.83 14.26
N TYR B 49 -23.67 31.84 13.52
CA TYR B 49 -24.48 32.49 12.50
C TYR B 49 -23.63 32.64 11.24
N PRO B 50 -24.28 32.77 10.06
CA PRO B 50 -23.55 32.72 8.80
C PRO B 50 -22.65 33.94 8.49
N LEU B 51 -23.23 35.15 8.55
CA LEU B 51 -22.59 36.33 7.97
C LEU B 51 -22.88 37.65 8.68
N ASP B 52 -21.82 38.42 8.94
CA ASP B 52 -21.95 39.82 9.35
C ASP B 52 -22.56 40.66 8.22
N PHE B 53 -23.19 41.77 8.61
CA PHE B 53 -23.72 42.77 7.66
C PHE B 53 -24.78 42.20 6.70
N THR B 54 -25.51 41.21 7.21
CA THR B 54 -26.61 40.59 6.47
C THR B 54 -27.75 41.59 6.22
N PHE B 55 -28.50 41.37 5.15
CA PHE B 55 -29.59 42.27 4.76
C PHE B 55 -30.82 42.16 5.65
N VAL B 56 -31.12 40.94 6.11
CA VAL B 56 -32.20 40.73 7.07
C VAL B 56 -31.72 41.11 8.47
N CYS B 57 -32.57 41.85 9.18
CA CYS B 57 -32.28 42.31 10.53
C CYS B 57 -31.85 41.15 11.44
N PRO B 58 -30.73 41.34 12.18
CA PRO B 58 -30.17 40.26 13.00
C PRO B 58 -30.89 40.11 14.35
N THR B 59 -32.22 40.05 14.32
CA THR B 59 -33.05 39.96 15.53
C THR B 59 -32.70 38.73 16.37
N GLU B 60 -32.42 37.63 15.69
CA GLU B 60 -32.08 36.37 16.33
C GLU B 60 -30.84 36.51 17.23
N ILE B 61 -29.79 37.13 16.71
CA ILE B 61 -28.53 37.31 17.44
C ILE B 61 -28.72 38.31 18.58
N ILE B 62 -29.40 39.41 18.28
CA ILE B 62 -29.70 40.47 19.25
C ILE B 62 -30.48 39.95 20.46
N ALA B 63 -31.43 39.05 20.21
CA ALA B 63 -32.24 38.46 21.28
C ALA B 63 -31.38 37.77 22.35
N PHE B 64 -30.32 37.08 21.92
CA PHE B 64 -29.39 36.42 22.85
C PHE B 64 -28.60 37.43 23.68
N SER B 65 -28.32 38.59 23.09
CA SER B 65 -27.65 39.68 23.79
C SER B 65 -28.62 40.36 24.77
N ASP B 66 -29.77 40.79 24.26
CA ASP B 66 -30.78 41.48 25.07
C ASP B 66 -31.22 40.66 26.28
N ARG B 67 -31.30 39.34 26.10
CA ARG B 67 -31.80 38.47 27.16
C ARG B 67 -30.70 37.74 27.90
N PHE B 68 -29.46 38.21 27.74
CA PHE B 68 -28.31 37.63 28.44
C PHE B 68 -28.44 37.64 29.98
N PRO B 69 -29.06 38.70 30.57
CA PRO B 69 -29.29 38.65 32.03
C PRO B 69 -29.99 37.38 32.52
N GLU B 70 -30.90 36.84 31.71
CA GLU B 70 -31.57 35.56 32.04
C GLU B 70 -30.58 34.39 32.06
N PHE B 71 -29.57 34.43 31.19
CA PHE B 71 -28.51 33.42 31.19
C PHE B 71 -27.54 33.65 32.34
N LYS B 72 -27.21 34.91 32.60
CA LYS B 72 -26.28 35.27 33.66
C LYS B 72 -26.83 34.85 35.02
N ASN B 73 -28.14 34.98 35.19
CA ASN B 73 -28.81 34.58 36.42
C ASN B 73 -28.76 33.07 36.66
N LEU B 74 -28.70 32.31 35.57
CA LEU B 74 -28.55 30.85 35.63
C LEU B 74 -27.08 30.42 35.64
N ASN B 75 -26.17 31.40 35.70
CA ASN B 75 -24.73 31.18 35.62
C ASN B 75 -24.32 30.45 34.34
N VAL B 76 -24.88 30.91 33.22
CA VAL B 76 -24.61 30.33 31.91
C VAL B 76 -23.92 31.37 31.02
N ALA B 77 -22.85 30.95 30.35
CA ALA B 77 -22.15 31.82 29.41
C ALA B 77 -22.68 31.61 28.00
N VAL B 78 -22.77 32.70 27.23
CA VAL B 78 -23.31 32.66 25.87
C VAL B 78 -22.29 33.26 24.89
N LEU B 79 -21.99 32.50 23.84
CA LEU B 79 -20.99 32.89 22.86
C LEU B 79 -21.55 32.81 21.45
N ALA B 80 -21.43 33.92 20.71
CA ALA B 80 -21.78 33.93 19.29
C ALA B 80 -20.51 33.75 18.47
N CYS B 81 -20.66 33.22 17.25
CA CYS B 81 -19.51 32.92 16.40
C CYS B 81 -19.89 32.91 14.92
N SER B 82 -19.03 33.49 14.10
CA SER B 82 -19.16 33.40 12.63
C SER B 82 -17.77 33.38 12.02
N THR B 83 -17.70 33.08 10.73
CA THR B 83 -16.43 33.01 10.00
C THR B 83 -15.89 34.39 9.58
N ASP B 84 -16.60 35.45 9.97
CA ASP B 84 -16.18 36.84 9.74
C ASP B 84 -15.06 37.21 10.71
N SER B 85 -14.32 38.25 10.39
CA SER B 85 -13.23 38.71 11.24
C SER B 85 -13.73 39.49 12.43
N VAL B 86 -12.82 39.68 13.38
CA VAL B 86 -13.08 40.48 14.56
C VAL B 86 -13.29 41.96 14.17
N PHE B 87 -12.63 42.40 13.11
CA PHE B 87 -12.78 43.76 12.58
C PHE B 87 -14.17 43.96 11.97
N SER B 88 -14.65 42.91 11.30
CA SER B 88 -16.00 42.89 10.76
C SER B 88 -17.04 42.95 11.88
N HIS B 89 -16.82 42.17 12.95
CA HIS B 89 -17.72 42.15 14.10
C HIS B 89 -17.84 43.50 14.73
N LEU B 90 -16.69 44.12 15.00
CA LEU B 90 -16.66 45.43 15.67
C LEU B 90 -17.40 46.49 14.87
N ALA B 91 -17.18 46.52 13.56
CA ALA B 91 -17.85 47.47 12.68
C ALA B 91 -19.38 47.27 12.66
N TRP B 92 -19.81 46.01 12.75
CA TRP B 92 -21.24 45.70 12.77
C TRP B 92 -21.84 46.02 14.11
N ILE B 93 -21.04 45.85 15.16
CA ILE B 93 -21.42 46.24 16.51
C ILE B 93 -21.54 47.77 16.62
N ASN B 94 -20.67 48.47 15.90
CA ASN B 94 -20.70 49.93 15.84
C ASN B 94 -21.79 50.49 14.92
N THR B 95 -22.42 49.63 14.14
CA THR B 95 -23.56 50.02 13.32
C THR B 95 -24.81 49.98 14.20
N PRO B 96 -25.55 51.11 14.27
CA PRO B 96 -26.78 51.18 15.07
C PRO B 96 -27.82 50.18 14.60
N ARG B 97 -28.61 49.65 15.53
CA ARG B 97 -29.63 48.66 15.22
C ARG B 97 -30.69 49.19 14.26
N LYS B 98 -30.89 50.50 14.27
CA LYS B 98 -31.78 51.19 13.34
C LYS B 98 -31.33 50.99 11.89
N HIS B 99 -30.02 50.92 11.68
CA HIS B 99 -29.45 50.77 10.34
C HIS B 99 -29.03 49.34 10.05
N GLY B 100 -29.70 48.39 10.71
CA GLY B 100 -29.47 46.96 10.49
C GLY B 100 -28.25 46.38 11.17
N GLY B 101 -27.67 47.14 12.10
CA GLY B 101 -26.47 46.69 12.81
C GLY B 101 -26.78 45.88 14.04
N LEU B 102 -25.73 45.47 14.75
CA LEU B 102 -25.89 44.70 15.99
C LEU B 102 -26.07 45.60 17.20
N GLY B 103 -25.51 46.80 17.16
CA GLY B 103 -25.48 47.70 18.30
C GLY B 103 -24.66 47.11 19.43
N ASP B 104 -24.97 47.53 20.66
CA ASP B 104 -24.29 47.01 21.85
C ASP B 104 -24.56 45.53 22.06
N MET B 105 -23.48 44.75 22.14
CA MET B 105 -23.59 43.33 22.44
C MET B 105 -23.12 43.05 23.86
N LYS B 106 -23.94 42.32 24.61
CA LYS B 106 -23.60 41.94 25.98
C LYS B 106 -22.87 40.61 26.02
N ILE B 107 -22.74 39.96 24.87
CA ILE B 107 -22.06 38.68 24.76
C ILE B 107 -20.85 38.78 23.82
N PRO B 108 -19.81 37.95 24.06
CA PRO B 108 -18.67 37.90 23.14
C PRO B 108 -19.09 37.42 21.75
N VAL B 109 -18.57 38.05 20.71
CA VAL B 109 -18.80 37.62 19.33
C VAL B 109 -17.48 37.11 18.74
N LEU B 110 -17.40 35.80 18.55
CA LEU B 110 -16.16 35.12 18.18
C LEU B 110 -15.88 35.18 16.69
N ALA B 111 -14.60 35.33 16.34
CA ALA B 111 -14.16 35.31 14.95
C ALA B 111 -13.57 33.94 14.59
N ASP B 112 -14.07 33.37 13.50
CA ASP B 112 -13.63 32.05 13.05
C ASP B 112 -13.20 32.11 11.57
N THR B 113 -12.29 33.03 11.27
CA THR B 113 -11.77 33.18 9.90
C THR B 113 -11.01 31.93 9.44
N ASN B 114 -10.38 31.26 10.40
CA ASN B 114 -9.86 29.88 10.27
C ASN B 114 -10.79 28.88 9.62
N HIS B 115 -12.07 28.95 9.99
CA HIS B 115 -13.06 27.90 9.72
C HIS B 115 -12.88 26.72 10.64
N GLN B 116 -11.85 26.76 11.47
CA GLN B 116 -11.50 25.63 12.33
C GLN B 116 -12.60 25.27 13.33
N ILE B 117 -13.17 26.29 13.98
CA ILE B 117 -14.21 26.07 14.98
C ILE B 117 -15.47 25.52 14.31
N ALA B 118 -15.88 26.15 13.22
CA ALA B 118 -17.03 25.66 12.46
C ALA B 118 -16.83 24.22 11.97
N LYS B 119 -15.59 23.89 11.61
CA LYS B 119 -15.26 22.53 11.16
C LYS B 119 -15.34 21.53 12.31
N ASP B 120 -14.74 21.88 13.44
CA ASP B 120 -14.75 21.01 14.61
C ASP B 120 -16.16 20.75 15.15
N TYR B 121 -17.05 21.71 14.93
CA TYR B 121 -18.44 21.58 15.36
C TYR B 121 -19.36 21.06 14.26
N GLY B 122 -18.79 20.85 13.07
CA GLY B 122 -19.51 20.27 11.94
C GLY B 122 -20.65 21.11 11.42
N VAL B 123 -20.47 22.43 11.43
CA VAL B 123 -21.50 23.36 10.99
C VAL B 123 -21.04 24.21 9.80
N LEU B 124 -19.87 23.89 9.24
CA LEU B 124 -19.37 24.66 8.11
C LEU B 124 -20.07 24.26 6.82
N LYS B 125 -20.62 25.25 6.13
CA LYS B 125 -21.12 25.07 4.78
C LYS B 125 -19.92 25.27 3.86
N ASP B 126 -19.33 24.16 3.41
CA ASP B 126 -18.06 24.14 2.67
C ASP B 126 -17.99 25.07 1.47
N ASP B 127 -19.02 25.03 0.63
CA ASP B 127 -19.00 25.78 -0.63
C ASP B 127 -19.07 27.31 -0.47
N GLU B 128 -19.42 27.78 0.73
CA GLU B 128 -19.54 29.22 0.98
C GLU B 128 -18.64 29.74 2.09
N GLY B 129 -17.99 28.85 2.84
CA GLY B 129 -17.14 29.25 3.96
C GLY B 129 -17.90 29.98 5.06
N ILE B 130 -19.15 29.58 5.27
CA ILE B 130 -19.99 30.17 6.31
C ILE B 130 -20.56 29.06 7.20
N ALA B 131 -20.87 29.40 8.44
CA ALA B 131 -21.46 28.44 9.37
C ALA B 131 -22.96 28.36 9.19
N TYR B 132 -23.50 27.15 9.32
CA TYR B 132 -24.94 26.97 9.49
C TYR B 132 -25.35 27.48 10.87
N ARG B 133 -26.67 27.62 11.09
CA ARG B 133 -27.16 28.14 12.36
C ARG B 133 -27.14 27.06 13.44
N GLY B 134 -25.93 26.77 13.92
CA GLY B 134 -25.72 25.75 14.92
C GLY B 134 -25.73 26.32 16.33
N LEU B 135 -26.21 25.52 17.27
CA LEU B 135 -26.21 25.87 18.68
C LEU B 135 -25.86 24.62 19.46
N PHE B 136 -24.99 24.78 20.45
CA PHE B 136 -24.43 23.68 21.22
C PHE B 136 -24.41 24.03 22.69
N ILE B 137 -24.84 23.09 23.53
CA ILE B 137 -24.84 23.29 24.98
C ILE B 137 -23.77 22.41 25.62
N ILE B 138 -22.84 23.06 26.33
CA ILE B 138 -21.71 22.39 26.95
C ILE B 138 -21.82 22.55 28.46
N ASP B 139 -21.59 21.45 29.20
CA ASP B 139 -21.75 21.47 30.66
C ASP B 139 -20.48 21.92 31.42
N PRO B 140 -20.57 22.10 32.76
CA PRO B 140 -19.44 22.56 33.57
C PRO B 140 -18.16 21.71 33.45
N LYS B 141 -18.31 20.45 33.07
CA LYS B 141 -17.17 19.54 32.92
C LYS B 141 -16.62 19.54 31.49
N GLY B 142 -17.25 20.31 30.60
CA GLY B 142 -16.81 20.41 29.21
C GLY B 142 -17.45 19.38 28.29
N ILE B 143 -18.45 18.68 28.80
CA ILE B 143 -19.11 17.61 28.06
C ILE B 143 -20.23 18.19 27.20
N LEU B 144 -20.25 17.83 25.93
CA LEU B 144 -21.32 18.27 25.03
C LEU B 144 -22.64 17.56 25.38
N ARG B 145 -23.68 18.35 25.61
CA ARG B 145 -24.98 17.82 26.03
C ARG B 145 -26.08 17.94 24.98
N GLN B 146 -25.98 18.96 24.13
CA GLN B 146 -27.02 19.21 23.14
C GLN B 146 -26.44 19.72 21.83
N ILE B 147 -27.01 19.24 20.72
CA ILE B 147 -26.65 19.69 19.38
C ILE B 147 -27.90 20.19 18.68
N THR B 148 -27.82 21.42 18.16
CA THR B 148 -28.85 22.01 17.32
C THR B 148 -28.15 22.61 16.12
N ILE B 149 -28.60 22.25 14.91
CA ILE B 149 -28.10 22.88 13.69
C ILE B 149 -29.29 23.17 12.77
N ASN B 150 -29.44 24.43 12.42
CA ASN B 150 -30.49 24.86 11.51
C ASN B 150 -29.91 25.21 10.15
N ASP B 151 -30.65 24.91 9.11
CA ASP B 151 -30.36 25.48 7.80
C ASP B 151 -30.42 27.00 7.90
N LEU B 152 -29.71 27.68 6.99
CA LEU B 152 -29.53 29.14 7.01
C LEU B 152 -30.77 30.00 7.26
N PRO B 153 -31.91 29.70 6.60
CA PRO B 153 -33.06 30.61 6.69
C PRO B 153 -33.80 30.69 8.04
N VAL B 154 -33.59 29.71 8.92
CA VAL B 154 -34.40 29.58 10.13
C VAL B 154 -33.60 29.79 11.41
N GLY B 155 -34.05 30.73 12.24
CA GLY B 155 -33.34 31.10 13.47
C GLY B 155 -33.71 30.30 14.71
N ARG B 156 -33.03 30.61 15.80
CA ARG B 156 -33.19 29.89 17.07
C ARG B 156 -34.00 30.67 18.11
N SER B 157 -34.49 29.95 19.11
CA SER B 157 -35.31 30.52 20.17
C SER B 157 -34.51 30.62 21.45
N VAL B 158 -34.53 31.82 22.06
CA VAL B 158 -33.92 32.02 23.37
C VAL B 158 -34.71 31.21 24.40
N ASP B 159 -36.04 31.19 24.25
CA ASP B 159 -36.91 30.43 25.15
C ASP B 159 -36.57 28.95 25.17
N GLU B 160 -36.42 28.36 23.98
CA GLU B 160 -36.04 26.95 23.85
C GLU B 160 -34.65 26.71 24.43
N THR B 161 -33.71 27.61 24.15
CA THR B 161 -32.34 27.49 24.66
C THR B 161 -32.34 27.53 26.19
N LEU B 162 -33.14 28.44 26.75
CA LEU B 162 -33.29 28.54 28.19
C LEU B 162 -33.92 27.28 28.77
N ARG B 163 -34.93 26.74 28.09
CA ARG B 163 -35.58 25.51 28.53
C ARG B 163 -34.58 24.36 28.60
N LEU B 164 -33.82 24.17 27.51
CA LEU B 164 -32.83 23.11 27.42
C LEU B 164 -31.77 23.23 28.52
N VAL B 165 -31.19 24.42 28.67
CA VAL B 165 -30.10 24.63 29.64
C VAL B 165 -30.52 24.38 31.09
N GLN B 166 -31.63 24.98 31.54
CA GLN B 166 -32.06 24.76 32.93
C GLN B 166 -32.55 23.33 33.18
N ALA B 167 -33.06 22.68 32.13
CA ALA B 167 -33.40 21.24 32.18
C ALA B 167 -32.14 20.38 32.41
N PHE B 168 -31.06 20.74 31.73
CA PHE B 168 -29.79 20.04 31.93
C PHE B 168 -29.22 20.30 33.32
N GLN B 169 -29.28 21.55 33.77
CA GLN B 169 -28.85 21.89 35.12
C GLN B 169 -29.64 21.15 36.18
N TYR B 170 -30.95 21.04 35.95
CA TYR B 170 -31.84 20.35 36.86
C TYR B 170 -31.60 18.85 36.91
N THR B 171 -31.43 18.24 35.74
CA THR B 171 -31.20 16.79 35.69
C THR B 171 -29.81 16.43 36.18
N ASP B 172 -28.88 17.39 36.13
CA ASP B 172 -27.52 17.19 36.65
C ASP B 172 -27.46 16.82 38.13
N LYS B 173 -28.41 17.32 38.92
CA LYS B 173 -28.41 17.02 40.36
C LYS B 173 -29.63 16.24 40.86
N HIS B 174 -30.68 16.18 40.05
CA HIS B 174 -31.92 15.50 40.44
C HIS B 174 -32.26 14.33 39.57
N GLY B 175 -31.44 14.06 38.56
CA GLY B 175 -31.78 13.06 37.55
C GLY B 175 -32.93 13.55 36.68
N GLU B 176 -33.39 12.69 35.77
CA GLU B 176 -34.40 13.03 34.76
C GLU B 176 -35.71 13.62 35.31
N VAL B 177 -36.50 14.20 34.40
CA VAL B 177 -37.68 14.99 34.77
C VAL B 177 -38.99 14.37 34.25
N CYS B 178 -40.00 14.33 35.14
CA CYS B 178 -41.37 13.94 34.81
C CYS B 178 -42.25 13.99 36.04
N MET C 9 -3.11 23.22 -2.52
CA MET C 9 -1.86 23.65 -3.20
C MET C 9 -2.09 24.65 -4.35
N SER C 10 -1.09 25.50 -4.57
CA SER C 10 -1.15 26.57 -5.55
C SER C 10 -1.21 26.09 -7.00
N LYS C 11 -2.03 26.76 -7.80
CA LYS C 11 -2.18 26.44 -9.22
C LYS C 11 -1.60 27.52 -10.12
N ALA C 12 -0.98 28.53 -9.51
CA ALA C 12 -0.46 29.69 -10.24
C ALA C 12 0.99 29.49 -10.70
N PHE C 13 1.17 29.38 -12.03
CA PHE C 13 2.49 29.20 -12.63
C PHE C 13 2.69 30.12 -13.82
N ILE C 14 3.85 30.77 -13.88
CA ILE C 14 4.21 31.63 -14.99
C ILE C 14 4.20 30.85 -16.31
N GLY C 15 3.57 31.42 -17.33
CA GLY C 15 3.51 30.80 -18.66
C GLY C 15 2.42 29.75 -18.80
N LYS C 16 1.72 29.48 -17.71
CA LYS C 16 0.62 28.52 -17.69
C LYS C 16 -0.70 29.27 -17.52
N PRO C 17 -1.82 28.70 -18.06
CA PRO C 17 -3.12 29.33 -17.86
C PRO C 17 -3.35 29.66 -16.38
N ALA C 18 -3.76 30.89 -16.12
CA ALA C 18 -4.03 31.35 -14.76
C ALA C 18 -5.16 30.55 -14.12
N PRO C 19 -5.04 30.26 -12.81
CA PRO C 19 -6.10 29.52 -12.13
C PRO C 19 -7.45 30.18 -12.34
N ASP C 20 -8.39 29.43 -12.93
CA ASP C 20 -9.73 29.92 -13.18
C ASP C 20 -10.45 30.28 -11.89
N PHE C 21 -11.25 31.34 -11.92
CA PHE C 21 -12.05 31.71 -10.76
C PHE C 21 -13.44 32.20 -11.14
N ALA C 22 -14.40 31.93 -10.26
CA ALA C 22 -15.76 32.44 -10.38
C ALA C 22 -16.30 32.66 -8.97
N THR C 23 -16.75 33.88 -8.69
CA THR C 23 -17.25 34.24 -7.37
C THR C 23 -18.19 35.44 -7.42
N LYS C 24 -18.77 35.78 -6.28
CA LYS C 24 -19.58 36.99 -6.15
C LYS C 24 -18.68 38.18 -5.85
N ALA C 25 -19.09 39.35 -6.34
CA ALA C 25 -18.34 40.58 -6.13
C ALA C 25 -19.29 41.76 -5.97
N VAL C 26 -18.81 42.81 -5.33
CA VAL C 26 -19.53 44.08 -5.29
C VAL C 26 -18.98 45.00 -6.39
N PHE C 27 -19.86 45.42 -7.29
CA PHE C 27 -19.52 46.41 -8.31
C PHE C 27 -20.62 47.43 -8.44
N ASP C 28 -20.26 48.70 -8.30
CA ASP C 28 -21.22 49.82 -8.42
C ASP C 28 -22.41 49.63 -7.49
N GLY C 29 -22.13 49.24 -6.24
CA GLY C 29 -23.14 49.07 -5.21
C GLY C 29 -24.06 47.87 -5.34
N ASP C 30 -23.74 46.96 -6.26
CA ASP C 30 -24.56 45.77 -6.50
C ASP C 30 -23.76 44.48 -6.43
N PHE C 31 -24.44 43.36 -6.18
CA PHE C 31 -23.82 42.04 -6.21
C PHE C 31 -23.82 41.48 -7.62
N VAL C 32 -22.64 41.10 -8.11
CA VAL C 32 -22.50 40.57 -9.47
C VAL C 32 -21.69 39.26 -9.47
N ASP C 33 -21.78 38.52 -10.56
CA ASP C 33 -20.96 37.34 -10.78
C ASP C 33 -19.73 37.72 -11.60
N VAL C 34 -18.57 37.28 -11.15
CA VAL C 34 -17.30 37.56 -11.84
C VAL C 34 -16.59 36.25 -12.19
N LYS C 35 -16.28 36.07 -13.47
CA LYS C 35 -15.55 34.91 -13.96
C LYS C 35 -14.30 35.38 -14.70
N LEU C 36 -13.23 34.59 -14.65
CA LEU C 36 -12.00 34.91 -15.39
C LEU C 36 -12.24 34.95 -16.90
N SER C 37 -13.09 34.05 -17.38
CA SER C 37 -13.40 33.95 -18.82
C SER C 37 -14.13 35.17 -19.36
N ASP C 38 -14.65 36.00 -18.46
CA ASP C 38 -15.31 37.26 -18.84
C ASP C 38 -14.30 38.27 -19.41
N TYR C 39 -13.03 38.06 -19.06
CA TYR C 39 -11.98 39.02 -19.38
C TYR C 39 -11.05 38.56 -20.51
N LYS C 40 -11.48 37.50 -21.20
CA LYS C 40 -10.79 37.00 -22.39
C LYS C 40 -10.58 38.14 -23.38
N GLY C 41 -9.35 38.31 -23.84
CA GLY C 41 -9.01 39.38 -24.79
C GLY C 41 -8.50 40.65 -24.13
N LYS C 42 -8.50 40.68 -22.80
CA LYS C 42 -8.02 41.81 -22.02
C LYS C 42 -6.98 41.37 -21.01
N TYR C 43 -6.04 42.26 -20.71
CA TYR C 43 -5.16 42.06 -19.55
C TYR C 43 -5.95 42.24 -18.26
N VAL C 44 -5.64 41.41 -17.27
CA VAL C 44 -6.34 41.42 -15.99
C VAL C 44 -5.34 41.53 -14.85
N VAL C 45 -5.59 42.47 -13.94
CA VAL C 45 -4.84 42.55 -12.71
C VAL C 45 -5.75 42.10 -11.55
N LEU C 46 -5.37 40.99 -10.93
CA LEU C 46 -6.08 40.49 -9.76
C LEU C 46 -5.22 40.72 -8.54
N PHE C 47 -5.72 41.48 -7.58
CA PHE C 47 -4.99 41.66 -6.33
C PHE C 47 -5.79 41.30 -5.09
N PHE C 48 -5.08 40.79 -4.09
CA PHE C 48 -5.66 40.31 -2.84
C PHE C 48 -5.29 41.25 -1.71
N TYR C 49 -6.19 41.35 -0.73
CA TYR C 49 -5.89 42.06 0.51
C TYR C 49 -6.43 41.23 1.69
N PRO C 50 -5.89 41.42 2.90
CA PRO C 50 -6.23 40.52 4.00
C PRO C 50 -7.64 40.66 4.58
N LEU C 51 -8.06 41.89 4.91
CA LEU C 51 -9.26 42.09 5.72
C LEU C 51 -10.01 43.39 5.43
N ASP C 52 -11.34 43.29 5.44
CA ASP C 52 -12.20 44.47 5.48
C ASP C 52 -12.14 45.07 6.88
N PHE C 53 -12.37 46.39 6.97
CA PHE C 53 -12.55 47.10 8.25
C PHE C 53 -11.32 47.13 9.18
N THR C 54 -10.12 47.05 8.63
CA THR C 54 -8.90 47.21 9.44
C THR C 54 -8.74 48.66 9.90
N PHE C 55 -8.09 48.86 11.03
CA PHE C 55 -7.85 50.20 11.58
C PHE C 55 -6.90 51.01 10.71
N VAL C 56 -6.04 50.29 9.97
CA VAL C 56 -5.14 50.91 9.00
C VAL C 56 -5.95 51.34 7.78
N CYS C 57 -5.88 52.63 7.48
CA CYS C 57 -6.58 53.23 6.33
C CYS C 57 -6.23 52.51 5.02
N PRO C 58 -7.27 52.13 4.24
CA PRO C 58 -7.08 51.29 3.05
C PRO C 58 -6.61 52.06 1.81
N THR C 59 -5.55 52.85 1.97
CA THR C 59 -5.08 53.74 0.91
C THR C 59 -4.58 53.02 -0.35
N GLU C 60 -3.92 51.87 -0.17
CA GLU C 60 -3.42 51.11 -1.33
C GLU C 60 -4.57 50.54 -2.19
N ILE C 61 -5.64 50.10 -1.55
CA ILE C 61 -6.82 49.58 -2.25
C ILE C 61 -7.55 50.71 -2.96
N ILE C 62 -7.69 51.84 -2.27
CA ILE C 62 -8.32 53.05 -2.80
C ILE C 62 -7.56 53.58 -4.02
N ALA C 63 -6.23 53.53 -3.96
CA ALA C 63 -5.37 53.98 -5.06
C ALA C 63 -5.70 53.26 -6.38
N PHE C 64 -5.92 51.95 -6.31
CA PHE C 64 -6.28 51.16 -7.48
C PHE C 64 -7.64 51.54 -8.06
N SER C 65 -8.54 51.99 -7.19
CA SER C 65 -9.86 52.46 -7.61
C SER C 65 -9.80 53.86 -8.21
N ASP C 66 -9.16 54.79 -7.49
CA ASP C 66 -9.01 56.17 -7.94
C ASP C 66 -8.30 56.26 -9.28
N ARG C 67 -7.30 55.41 -9.47
CA ARG C 67 -6.47 55.45 -10.67
C ARG C 67 -6.89 54.42 -11.73
N PHE C 68 -8.09 53.88 -11.58
CA PHE C 68 -8.63 52.92 -12.55
C PHE C 68 -8.76 53.47 -13.99
N PRO C 69 -9.13 54.76 -14.15
CA PRO C 69 -9.15 55.33 -15.51
C PRO C 69 -7.84 55.12 -16.29
N GLU C 70 -6.71 55.10 -15.60
CA GLU C 70 -5.42 54.81 -16.22
C GLU C 70 -5.36 53.37 -16.74
N PHE C 71 -5.94 52.44 -15.98
CA PHE C 71 -6.02 51.03 -16.40
C PHE C 71 -7.03 50.83 -17.53
N LYS C 72 -8.18 51.52 -17.44
CA LYS C 72 -9.20 51.46 -18.48
C LYS C 72 -8.67 52.02 -19.80
N ASN C 73 -7.86 53.08 -19.70
CA ASN C 73 -7.16 53.68 -20.83
C ASN C 73 -6.33 52.64 -21.59
N LEU C 74 -5.74 51.71 -20.85
CA LEU C 74 -4.91 50.66 -21.43
C LEU C 74 -5.66 49.35 -21.70
N ASN C 75 -6.99 49.39 -21.56
CA ASN C 75 -7.87 48.23 -21.73
C ASN C 75 -7.57 47.10 -20.74
N VAL C 76 -7.34 47.47 -19.48
CA VAL C 76 -6.95 46.54 -18.43
C VAL C 76 -7.99 46.53 -17.31
N ALA C 77 -8.47 45.33 -16.97
CA ALA C 77 -9.40 45.18 -15.86
C ALA C 77 -8.65 44.95 -14.55
N VAL C 78 -9.14 45.59 -13.49
CA VAL C 78 -8.55 45.46 -12.15
C VAL C 78 -9.57 44.85 -11.18
N LEU C 79 -9.18 43.76 -10.54
CA LEU C 79 -10.06 43.06 -9.60
C LEU C 79 -9.42 42.98 -8.22
N ALA C 80 -10.15 43.47 -7.21
CA ALA C 80 -9.74 43.33 -5.81
C ALA C 80 -10.41 42.10 -5.20
N CYS C 81 -9.76 41.48 -4.21
CA CYS C 81 -10.28 40.27 -3.60
C CYS C 81 -9.82 40.08 -2.17
N SER C 82 -10.75 39.66 -1.30
CA SER C 82 -10.42 39.21 0.05
C SER C 82 -11.33 38.05 0.42
N THR C 83 -11.04 37.43 1.57
CA THR C 83 -11.86 36.32 2.07
C THR C 83 -13.11 36.78 2.81
N ASP C 84 -13.37 38.08 2.82
CA ASP C 84 -14.59 38.64 3.39
C ASP C 84 -15.75 38.45 2.40
N SER C 85 -16.98 38.50 2.91
CA SER C 85 -18.18 38.34 2.07
C SER C 85 -18.50 39.62 1.31
N VAL C 86 -19.40 39.50 0.33
CA VAL C 86 -19.89 40.65 -0.40
C VAL C 86 -20.66 41.63 0.50
N PHE C 87 -21.30 41.10 1.55
CA PHE C 87 -22.03 41.92 2.51
C PHE C 87 -21.05 42.77 3.32
N SER C 88 -19.92 42.17 3.68
CA SER C 88 -18.85 42.88 4.35
C SER C 88 -18.23 43.95 3.44
N HIS C 89 -18.00 43.61 2.17
CA HIS C 89 -17.48 44.55 1.19
C HIS C 89 -18.39 45.74 1.01
N LEU C 90 -19.68 45.48 0.80
CA LEU C 90 -20.67 46.53 0.56
C LEU C 90 -20.76 47.50 1.74
N ALA C 91 -20.73 46.95 2.96
CA ALA C 91 -20.79 47.77 4.17
C ALA C 91 -19.55 48.67 4.30
N TRP C 92 -18.40 48.14 3.91
CA TRP C 92 -17.15 48.89 3.92
C TRP C 92 -17.10 49.92 2.82
N ILE C 93 -17.77 49.62 1.70
CA ILE C 93 -17.91 50.54 0.58
C ILE C 93 -18.88 51.68 0.95
N ASN C 94 -19.92 51.34 1.72
CA ASN C 94 -20.88 52.34 2.22
C ASN C 94 -20.37 53.12 3.43
N THR C 95 -19.18 52.77 3.92
CA THR C 95 -18.50 53.55 4.95
C THR C 95 -17.65 54.63 4.27
N PRO C 96 -17.86 55.91 4.65
CA PRO C 96 -17.10 57.02 4.06
C PRO C 96 -15.60 56.89 4.33
N ARG C 97 -14.79 57.36 3.38
CA ARG C 97 -13.33 57.31 3.51
C ARG C 97 -12.83 58.12 4.69
N LYS C 98 -13.59 59.15 5.05
CA LYS C 98 -13.39 59.94 6.26
C LYS C 98 -13.35 59.07 7.52
N HIS C 99 -14.16 58.01 7.53
CA HIS C 99 -14.25 57.11 8.69
C HIS C 99 -13.56 55.79 8.48
N GLY C 100 -12.55 55.78 7.61
CA GLY C 100 -11.73 54.59 7.38
C GLY C 100 -12.33 53.57 6.43
N GLY C 101 -13.38 53.96 5.72
CA GLY C 101 -14.04 53.07 4.76
C GLY C 101 -13.46 53.13 3.37
N LEU C 102 -13.97 52.29 2.47
CA LEU C 102 -13.51 52.26 1.08
C LEU C 102 -14.13 53.38 0.25
N GLY C 103 -15.35 53.78 0.61
CA GLY C 103 -16.12 54.74 -0.18
C GLY C 103 -16.52 54.14 -1.53
N ASP C 104 -16.75 55.01 -2.51
CA ASP C 104 -17.05 54.58 -3.87
C ASP C 104 -15.88 53.80 -4.47
N MET C 105 -16.16 52.59 -4.94
CA MET C 105 -15.16 51.78 -5.63
C MET C 105 -15.49 51.69 -7.12
N LYS C 106 -14.49 51.93 -7.94
CA LYS C 106 -14.63 51.89 -9.39
C LYS C 106 -14.20 50.53 -9.95
N ILE C 107 -13.73 49.66 -9.07
CA ILE C 107 -13.32 48.31 -9.44
C ILE C 107 -14.16 47.26 -8.68
N PRO C 108 -14.37 46.08 -9.29
CA PRO C 108 -15.04 45.00 -8.56
C PRO C 108 -14.25 44.52 -7.35
N VAL C 109 -14.94 44.28 -6.24
CA VAL C 109 -14.32 43.72 -5.03
C VAL C 109 -14.88 42.32 -4.80
N LEU C 110 -14.05 41.32 -5.08
CA LEU C 110 -14.46 39.92 -5.06
C LEU C 110 -14.48 39.34 -3.66
N ALA C 111 -15.46 38.48 -3.40
CA ALA C 111 -15.57 37.78 -2.12
C ALA C 111 -15.06 36.35 -2.27
N ASP C 112 -14.18 35.93 -1.36
CA ASP C 112 -13.59 34.61 -1.41
C ASP C 112 -13.73 33.95 -0.03
N THR C 113 -14.99 33.87 0.43
CA THR C 113 -15.29 33.35 1.76
C THR C 113 -14.96 31.87 1.91
N ASN C 114 -15.01 31.13 0.80
CA ASN C 114 -14.68 29.71 0.83
C ASN C 114 -13.19 29.44 0.64
N HIS C 115 -12.43 30.50 0.34
CA HIS C 115 -10.96 30.47 0.30
C HIS C 115 -10.38 29.86 -0.96
N GLN C 116 -11.24 29.38 -1.86
CA GLN C 116 -10.79 28.65 -3.05
C GLN C 116 -9.85 29.47 -3.94
N ILE C 117 -10.16 30.75 -4.13
CA ILE C 117 -9.35 31.62 -4.99
C ILE C 117 -7.97 31.88 -4.38
N ALA C 118 -7.95 32.23 -3.09
CA ALA C 118 -6.69 32.43 -2.39
C ALA C 118 -5.82 31.18 -2.43
N LYS C 119 -6.45 30.02 -2.26
CA LYS C 119 -5.75 28.73 -2.31
C LYS C 119 -5.18 28.44 -3.70
N ASP C 120 -5.97 28.69 -4.74
CA ASP C 120 -5.54 28.45 -6.11
C ASP C 120 -4.41 29.37 -6.57
N TYR C 121 -4.34 30.57 -5.97
CA TYR C 121 -3.28 31.53 -6.29
C TYR C 121 -2.15 31.50 -5.26
N GLY C 122 -2.23 30.56 -4.31
CA GLY C 122 -1.19 30.34 -3.31
C GLY C 122 -0.94 31.51 -2.38
N VAL C 123 -1.98 32.26 -2.05
CA VAL C 123 -1.84 33.45 -1.20
C VAL C 123 -2.56 33.36 0.14
N LEU C 124 -3.15 32.20 0.45
CA LEU C 124 -3.86 32.04 1.71
C LEU C 124 -2.89 31.85 2.88
N LYS C 125 -3.07 32.68 3.90
CA LYS C 125 -2.42 32.47 5.18
C LYS C 125 -3.33 31.52 5.97
N ASP C 126 -2.98 30.24 5.94
CA ASP C 126 -3.81 29.15 6.46
C ASP C 126 -4.34 29.36 7.88
N ASP C 127 -3.45 29.74 8.79
CA ASP C 127 -3.79 29.83 10.20
C ASP C 127 -4.75 30.97 10.54
N GLU C 128 -4.99 31.86 9.56
CA GLU C 128 -5.85 33.01 9.79
C GLU C 128 -7.04 33.12 8.85
N GLY C 129 -7.01 32.37 7.74
CA GLY C 129 -8.08 32.43 6.75
C GLY C 129 -8.13 33.76 6.02
N ILE C 130 -6.96 34.35 5.82
CA ILE C 130 -6.83 35.61 5.08
C ILE C 130 -5.78 35.48 3.97
N ALA C 131 -5.91 36.32 2.94
CA ALA C 131 -4.96 36.34 1.83
C ALA C 131 -3.80 37.27 2.14
N TYR C 132 -2.59 36.86 1.75
CA TYR C 132 -1.44 37.76 1.72
C TYR C 132 -1.66 38.79 0.61
N ARG C 133 -0.84 39.84 0.60
CA ARG C 133 -1.01 40.91 -0.38
C ARG C 133 -0.44 40.51 -1.75
N GLY C 134 -1.17 39.63 -2.42
CA GLY C 134 -0.78 39.11 -3.71
C GLY C 134 -1.35 39.89 -4.87
N LEU C 135 -0.57 39.99 -5.94
CA LEU C 135 -1.02 40.63 -7.16
C LEU C 135 -0.54 39.79 -8.34
N PHE C 136 -1.43 39.60 -9.31
CA PHE C 136 -1.19 38.72 -10.44
C PHE C 136 -1.60 39.39 -11.74
N ILE C 137 -0.77 39.24 -12.77
CA ILE C 137 -1.05 39.82 -14.08
C ILE C 137 -1.32 38.72 -15.09
N ILE C 138 -2.53 38.72 -15.64
CA ILE C 138 -3.01 37.70 -16.56
C ILE C 138 -3.23 38.32 -17.93
N ASP C 139 -2.71 37.68 -18.99
CA ASP C 139 -2.79 38.23 -20.34
C ASP C 139 -4.12 37.91 -21.07
N PRO C 140 -4.35 38.52 -22.26
CA PRO C 140 -5.61 38.35 -22.99
C PRO C 140 -5.98 36.90 -23.28
N LYS C 141 -4.98 36.02 -23.34
CA LYS C 141 -5.21 34.60 -23.59
C LYS C 141 -5.38 33.78 -22.32
N GLY C 142 -5.38 34.46 -21.18
CA GLY C 142 -5.58 33.81 -19.89
C GLY C 142 -4.32 33.23 -19.29
N ILE C 143 -3.17 33.65 -19.81
CA ILE C 143 -1.87 33.14 -19.35
C ILE C 143 -1.31 34.03 -18.24
N LEU C 144 -0.83 33.41 -17.17
CA LEU C 144 -0.24 34.14 -16.06
C LEU C 144 1.15 34.65 -16.42
N ARG C 145 1.34 35.96 -16.33
CA ARG C 145 2.57 36.62 -16.76
C ARG C 145 3.41 37.17 -15.60
N GLN C 146 2.77 37.43 -14.46
CA GLN C 146 3.48 38.03 -13.32
C GLN C 146 2.91 37.60 -11.97
N ILE C 147 3.79 37.33 -11.03
CA ILE C 147 3.41 37.00 -9.66
C ILE C 147 4.07 37.97 -8.69
N THR C 148 3.25 38.58 -7.83
CA THR C 148 3.73 39.43 -6.76
C THR C 148 3.00 39.01 -5.49
N ILE C 149 3.75 38.73 -4.43
CA ILE C 149 3.15 38.42 -3.14
C ILE C 149 3.92 39.13 -2.04
N ASN C 150 3.23 40.01 -1.32
CA ASN C 150 3.81 40.72 -0.19
C ASN C 150 3.30 40.16 1.13
N ASP C 151 4.18 40.12 2.12
CA ASP C 151 3.78 39.88 3.50
C ASP C 151 2.77 40.98 3.90
N LEU C 152 1.91 40.66 4.86
CA LEU C 152 0.80 41.54 5.26
C LEU C 152 1.08 43.04 5.41
N PRO C 153 2.20 43.43 6.08
CA PRO C 153 2.38 44.84 6.39
C PRO C 153 2.75 45.78 5.22
N VAL C 154 3.05 45.25 4.05
CA VAL C 154 3.56 46.07 2.93
C VAL C 154 2.63 46.09 1.71
N GLY C 155 2.21 47.30 1.33
CA GLY C 155 1.28 47.49 0.22
C GLY C 155 1.94 47.49 -1.14
N ARG C 156 1.12 47.66 -2.17
CA ARG C 156 1.60 47.64 -3.54
C ARG C 156 1.50 49.01 -4.21
N SER C 157 2.27 49.18 -5.29
CA SER C 157 2.33 50.44 -6.03
C SER C 157 1.53 50.33 -7.33
N VAL C 158 0.66 51.30 -7.57
CA VAL C 158 -0.09 51.40 -8.82
C VAL C 158 0.86 51.70 -9.98
N ASP C 159 1.88 52.53 -9.73
CA ASP C 159 2.89 52.88 -10.73
C ASP C 159 3.65 51.65 -11.24
N GLU C 160 4.11 50.82 -10.31
CA GLU C 160 4.79 49.57 -10.65
C GLU C 160 3.87 48.62 -11.42
N THR C 161 2.61 48.54 -10.99
CA THR C 161 1.62 47.70 -11.66
C THR C 161 1.41 48.17 -13.10
N LEU C 162 1.32 49.48 -13.30
CA LEU C 162 1.20 50.06 -14.63
C LEU C 162 2.45 49.83 -15.47
N ARG C 163 3.63 49.97 -14.86
CA ARG C 163 4.90 49.67 -15.53
C ARG C 163 4.91 48.25 -16.07
N LEU C 164 4.55 47.29 -15.20
CA LEU C 164 4.52 45.88 -15.56
C LEU C 164 3.52 45.55 -16.68
N VAL C 165 2.28 46.02 -16.54
CA VAL C 165 1.22 45.76 -17.51
C VAL C 165 1.55 46.32 -18.90
N GLN C 166 2.07 47.56 -18.93
CA GLN C 166 2.46 48.20 -20.18
C GLN C 166 3.66 47.52 -20.83
N ALA C 167 4.60 47.05 -20.00
CA ALA C 167 5.77 46.32 -20.49
C ALA C 167 5.37 45.00 -21.12
N PHE C 168 4.41 44.30 -20.52
CA PHE C 168 3.88 43.06 -21.07
C PHE C 168 3.09 43.29 -22.35
N GLN C 169 2.27 44.34 -22.37
CA GLN C 169 1.51 44.71 -23.56
C GLN C 169 2.43 45.05 -24.72
N TYR C 170 3.52 45.72 -24.37
CA TYR C 170 4.50 46.13 -25.35
C TYR C 170 5.25 44.94 -25.92
N THR C 171 5.78 44.09 -25.03
CA THR C 171 6.58 42.95 -25.46
C THR C 171 5.76 41.90 -26.18
N ASP C 172 4.45 41.88 -25.94
CA ASP C 172 3.53 41.02 -26.69
C ASP C 172 3.55 41.36 -28.19
N LYS C 173 3.70 42.64 -28.51
CA LYS C 173 3.69 43.12 -29.88
C LYS C 173 5.07 43.17 -30.54
N HIS C 174 6.08 43.64 -29.81
CA HIS C 174 7.36 44.03 -30.40
C HIS C 174 8.52 43.12 -30.08
N GLY C 175 8.47 42.46 -28.92
CA GLY C 175 9.57 41.60 -28.48
C GLY C 175 10.33 42.23 -27.34
N GLU C 176 11.30 43.09 -27.66
CA GLU C 176 12.07 43.79 -26.62
C GLU C 176 12.75 45.04 -27.18
N HIS D 8 11.80 19.37 -7.69
CA HIS D 8 10.35 19.15 -7.96
C HIS D 8 9.47 20.28 -7.49
N MET D 9 9.58 20.60 -6.20
CA MET D 9 8.64 21.52 -5.55
C MET D 9 9.28 22.79 -5.03
N SER D 10 8.56 23.90 -5.18
CA SER D 10 8.97 25.19 -4.62
C SER D 10 8.92 25.16 -3.10
N LYS D 11 9.92 25.76 -2.47
CA LYS D 11 10.00 25.81 -1.02
C LYS D 11 9.87 27.25 -0.50
N ALA D 12 9.51 28.17 -1.40
CA ALA D 12 9.41 29.59 -1.06
C ALA D 12 8.00 29.99 -0.66
N PHE D 13 7.82 30.26 0.63
CA PHE D 13 6.53 30.67 1.18
C PHE D 13 6.68 31.90 2.07
N ILE D 14 5.81 32.88 1.86
CA ILE D 14 5.76 34.10 2.68
C ILE D 14 5.56 33.73 4.15
N GLY D 15 6.38 34.31 5.02
CA GLY D 15 6.26 34.08 6.46
C GLY D 15 7.00 32.85 6.96
N LYS D 16 7.56 32.08 6.03
CA LYS D 16 8.34 30.90 6.36
C LYS D 16 9.82 31.18 6.10
N PRO D 17 10.72 30.43 6.77
CA PRO D 17 12.14 30.55 6.45
C PRO D 17 12.38 30.41 4.95
N ALA D 18 13.13 31.36 4.39
CA ALA D 18 13.49 31.35 2.98
C ALA D 18 14.30 30.10 2.65
N PRO D 19 14.06 29.48 1.48
CA PRO D 19 14.84 28.31 1.11
C PRO D 19 16.34 28.58 1.24
N ASP D 20 17.00 27.72 1.99
CA ASP D 20 18.44 27.86 2.24
C ASP D 20 19.19 27.61 0.95
N PHE D 21 20.25 28.37 0.73
CA PHE D 21 21.10 28.17 -0.43
C PHE D 21 22.58 28.27 -0.08
N ALA D 22 23.38 27.48 -0.77
CA ALA D 22 24.83 27.47 -0.63
C ALA D 22 25.42 27.11 -1.98
N THR D 23 26.13 28.06 -2.58
CA THR D 23 26.69 27.89 -3.91
C THR D 23 27.93 28.75 -4.13
N LYS D 24 28.60 28.55 -5.26
CA LYS D 24 29.72 29.40 -5.64
C LYS D 24 29.23 30.65 -6.37
N ALA D 25 29.97 31.74 -6.20
CA ALA D 25 29.64 33.02 -6.81
C ALA D 25 30.90 33.77 -7.25
N VAL D 26 30.73 34.72 -8.17
CA VAL D 26 31.81 35.64 -8.53
C VAL D 26 31.60 36.97 -7.81
N PHE D 27 32.60 37.36 -7.03
CA PHE D 27 32.64 38.69 -6.46
C PHE D 27 34.06 39.23 -6.54
N ASP D 28 34.18 40.43 -7.10
CA ASP D 28 35.46 41.11 -7.27
C ASP D 28 36.46 40.25 -8.07
N GLY D 29 35.95 39.62 -9.13
CA GLY D 29 36.76 38.77 -10.01
C GLY D 29 37.27 37.47 -9.40
N ASP D 30 36.79 37.14 -8.21
CA ASP D 30 37.19 35.91 -7.53
C ASP D 30 36.01 34.97 -7.29
N PHE D 31 36.32 33.68 -7.16
CA PHE D 31 35.32 32.68 -6.80
C PHE D 31 35.19 32.59 -5.28
N VAL D 32 33.97 32.77 -4.79
CA VAL D 32 33.69 32.74 -3.36
C VAL D 32 32.52 31.81 -3.04
N ASP D 33 32.44 31.40 -1.78
CA ASP D 33 31.31 30.61 -1.30
C ASP D 33 30.27 31.52 -0.66
N VAL D 34 29.02 31.36 -1.08
CA VAL D 34 27.91 32.16 -0.57
C VAL D 34 26.86 31.25 0.08
N LYS D 35 26.52 31.55 1.33
CA LYS D 35 25.43 30.90 2.05
C LYS D 35 24.44 31.97 2.48
N LEU D 36 23.16 31.60 2.59
CA LEU D 36 22.15 32.52 3.12
C LEU D 36 22.44 32.92 4.56
N SER D 37 22.92 31.95 5.36
CA SER D 37 23.24 32.18 6.78
C SER D 37 24.33 33.22 6.99
N ASP D 38 25.10 33.54 5.94
CA ASP D 38 26.11 34.59 5.99
C ASP D 38 25.48 35.96 6.23
N TYR D 39 24.21 36.08 5.88
CA TYR D 39 23.52 37.36 5.89
C TYR D 39 22.51 37.49 7.03
N LYS D 40 22.60 36.60 8.02
CA LYS D 40 21.78 36.70 9.23
C LYS D 40 21.96 38.08 9.87
N GLY D 41 20.85 38.70 10.25
CA GLY D 41 20.86 40.04 10.83
C GLY D 41 20.75 41.14 9.79
N LYS D 42 20.49 40.76 8.53
CA LYS D 42 20.52 41.68 7.41
C LYS D 42 19.45 41.33 6.36
N TYR D 43 18.87 42.34 5.74
CA TYR D 43 17.94 42.11 4.63
C TYR D 43 18.67 41.69 3.37
N VAL D 44 18.08 40.74 2.65
CA VAL D 44 18.69 40.17 1.44
C VAL D 44 17.72 40.27 0.27
N VAL D 45 18.19 40.83 -0.83
CA VAL D 45 17.47 40.81 -2.09
C VAL D 45 18.16 39.79 -3.01
N LEU D 46 17.47 38.69 -3.29
CA LEU D 46 17.96 37.67 -4.20
C LEU D 46 17.15 37.74 -5.50
N PHE D 47 17.83 38.04 -6.59
CA PHE D 47 17.15 38.08 -7.89
C PHE D 47 17.83 37.18 -8.92
N PHE D 48 17.01 36.63 -9.82
CA PHE D 48 17.47 35.69 -10.81
C PHE D 48 17.43 36.32 -12.20
N TYR D 49 18.28 35.84 -13.08
CA TYR D 49 18.20 36.17 -14.50
C TYR D 49 18.42 34.89 -15.33
N PRO D 50 17.92 34.86 -16.58
CA PRO D 50 17.95 33.64 -17.40
C PRO D 50 19.34 33.16 -17.87
N LEU D 51 20.08 34.01 -18.57
CA LEU D 51 21.27 33.55 -19.30
C LEU D 51 22.39 34.57 -19.40
N ASP D 52 23.61 34.11 -19.12
CA ASP D 52 24.82 34.88 -19.44
C ASP D 52 24.96 35.02 -20.95
N PHE D 53 25.63 36.10 -21.37
CA PHE D 53 25.99 36.35 -22.78
C PHE D 53 24.82 36.51 -23.75
N THR D 54 23.67 36.95 -23.25
CA THR D 54 22.51 37.21 -24.12
C THR D 54 22.73 38.46 -24.95
N PHE D 55 22.17 38.47 -26.16
CA PHE D 55 22.29 39.62 -27.06
C PHE D 55 21.49 40.83 -26.58
N VAL D 56 20.48 40.59 -25.74
CA VAL D 56 19.68 41.65 -25.13
C VAL D 56 20.51 42.36 -24.06
N CYS D 57 20.41 43.69 -24.02
CA CYS D 57 21.15 44.52 -23.07
C CYS D 57 20.95 44.05 -21.61
N PRO D 58 22.06 43.75 -20.91
CA PRO D 58 21.99 43.33 -19.52
C PRO D 58 21.80 44.48 -18.54
N THR D 59 21.26 45.60 -19.04
CA THR D 59 21.06 46.82 -18.27
C THR D 59 20.25 46.59 -16.98
N GLU D 60 19.32 45.64 -17.05
CA GLU D 60 18.48 45.28 -15.91
C GLU D 60 19.32 44.75 -14.74
N ILE D 61 20.24 43.84 -15.05
CA ILE D 61 21.15 43.28 -14.05
C ILE D 61 22.17 44.33 -13.59
N ILE D 62 22.66 45.11 -14.54
CA ILE D 62 23.65 46.17 -14.29
C ILE D 62 23.10 47.24 -13.33
N ALA D 63 21.82 47.55 -13.45
CA ALA D 63 21.16 48.56 -12.63
C ALA D 63 21.27 48.26 -11.14
N PHE D 64 21.16 46.97 -10.78
CA PHE D 64 21.29 46.54 -9.39
C PHE D 64 22.73 46.65 -8.88
N SER D 65 23.69 46.50 -9.79
CA SER D 65 25.10 46.68 -9.46
C SER D 65 25.45 48.16 -9.31
N ASP D 66 25.08 48.96 -10.31
CA ASP D 66 25.34 50.41 -10.30
C ASP D 66 24.71 51.13 -9.12
N ARG D 67 23.50 50.74 -8.76
CA ARG D 67 22.76 51.40 -7.70
C ARG D 67 22.85 50.68 -6.35
N PHE D 68 23.82 49.77 -6.24
CA PHE D 68 24.07 49.04 -4.98
C PHE D 68 24.40 49.92 -3.77
N PRO D 69 25.09 51.07 -3.97
CA PRO D 69 25.30 51.99 -2.83
C PRO D 69 24.02 52.33 -2.07
N GLU D 70 22.91 52.47 -2.79
CA GLU D 70 21.61 52.76 -2.18
C GLU D 70 21.12 51.59 -1.31
N PHE D 71 21.39 50.37 -1.75
CA PHE D 71 21.07 49.17 -0.96
C PHE D 71 22.01 49.03 0.24
N LYS D 72 23.29 49.31 0.02
CA LYS D 72 24.30 49.23 1.09
C LYS D 72 24.00 50.23 2.21
N ASN D 73 23.51 51.42 1.83
CA ASN D 73 23.13 52.45 2.79
C ASN D 73 21.94 52.02 3.65
N LEU D 74 21.11 51.12 3.13
CA LEU D 74 19.99 50.55 3.87
C LEU D 74 20.37 49.25 4.57
N ASN D 75 21.66 48.91 4.53
CA ASN D 75 22.19 47.67 5.11
C ASN D 75 21.51 46.44 4.49
N VAL D 76 21.44 46.44 3.16
CA VAL D 76 20.80 45.37 2.42
C VAL D 76 21.81 44.73 1.46
N ALA D 77 21.85 43.40 1.46
CA ALA D 77 22.69 42.65 0.52
C ALA D 77 21.90 42.29 -0.74
N VAL D 78 22.55 42.45 -1.89
CA VAL D 78 21.93 42.13 -3.18
C VAL D 78 22.69 40.99 -3.85
N LEU D 79 21.96 39.97 -4.28
CA LEU D 79 22.55 38.80 -4.91
C LEU D 79 21.90 38.49 -6.25
N ALA D 80 22.72 38.42 -7.29
CA ALA D 80 22.29 37.98 -8.61
C ALA D 80 22.52 36.48 -8.74
N CYS D 81 21.70 35.82 -9.55
CA CYS D 81 21.81 34.37 -9.72
C CYS D 81 21.25 33.91 -11.07
N SER D 82 22.01 33.05 -11.75
CA SER D 82 21.53 32.35 -12.94
C SER D 82 22.02 30.90 -12.91
N THR D 83 21.52 30.09 -13.84
CA THR D 83 21.92 28.68 -13.91
C THR D 83 23.27 28.49 -14.62
N ASP D 84 23.89 29.59 -15.04
CA ASP D 84 25.23 29.58 -15.63
C ASP D 84 26.30 29.32 -14.57
N SER D 85 27.45 28.85 -15.02
CA SER D 85 28.56 28.53 -14.12
C SER D 85 29.29 29.77 -13.65
N VAL D 86 30.17 29.57 -12.68
CA VAL D 86 30.98 30.62 -12.11
C VAL D 86 32.06 31.08 -13.12
N PHE D 87 32.51 30.15 -13.96
CA PHE D 87 33.45 30.46 -15.04
C PHE D 87 32.79 31.29 -16.14
N SER D 88 31.52 30.98 -16.42
CA SER D 88 30.72 31.74 -17.37
C SER D 88 30.48 33.17 -16.86
N HIS D 89 30.16 33.29 -15.58
CA HIS D 89 29.97 34.58 -14.92
C HIS D 89 31.19 35.45 -15.04
N LEU D 90 32.34 34.89 -14.66
CA LEU D 90 33.62 35.61 -14.67
C LEU D 90 33.98 36.14 -16.06
N ALA D 91 33.76 35.32 -17.08
CA ALA D 91 34.04 35.69 -18.46
C ALA D 91 33.15 36.84 -18.95
N TRP D 92 31.88 36.82 -18.54
CA TRP D 92 30.93 37.87 -18.90
C TRP D 92 31.21 39.14 -18.13
N ILE D 93 31.67 38.99 -16.90
CA ILE D 93 32.10 40.12 -16.07
C ILE D 93 33.36 40.78 -16.65
N ASN D 94 34.26 39.97 -17.18
CA ASN D 94 35.49 40.45 -17.80
C ASN D 94 35.29 41.04 -19.21
N THR D 95 34.10 40.86 -19.76
CA THR D 95 33.73 41.51 -21.01
C THR D 95 33.22 42.92 -20.69
N PRO D 96 33.87 43.95 -21.28
CA PRO D 96 33.46 45.35 -21.09
C PRO D 96 32.05 45.62 -21.58
N ARG D 97 31.36 46.55 -20.91
CA ARG D 97 29.94 46.84 -21.17
C ARG D 97 29.65 47.35 -22.58
N LYS D 98 30.63 47.98 -23.21
CA LYS D 98 30.54 48.41 -24.61
C LYS D 98 30.45 47.22 -25.57
N HIS D 99 31.00 46.08 -25.15
CA HIS D 99 30.92 44.85 -25.93
C HIS D 99 29.74 43.99 -25.55
N GLY D 100 28.82 44.56 -24.76
CA GLY D 100 27.63 43.85 -24.32
C GLY D 100 27.82 43.01 -23.08
N GLY D 101 28.99 43.16 -22.44
CA GLY D 101 29.30 42.41 -21.22
C GLY D 101 28.72 43.05 -19.97
N LEU D 102 29.05 42.47 -18.81
CA LEU D 102 28.57 42.96 -17.53
C LEU D 102 29.46 44.06 -16.94
N GLY D 103 30.77 43.97 -17.22
CA GLY D 103 31.75 44.87 -16.62
C GLY D 103 31.94 44.55 -15.15
N ASP D 104 32.44 45.51 -14.39
CA ASP D 104 32.58 45.39 -12.94
C ASP D 104 31.21 45.21 -12.30
N MET D 105 31.08 44.15 -11.49
CA MET D 105 29.87 43.95 -10.71
C MET D 105 30.17 44.22 -9.23
N LYS D 106 29.35 45.09 -8.64
CA LYS D 106 29.50 45.46 -7.23
C LYS D 106 28.75 44.50 -6.32
N ILE D 107 28.06 43.53 -6.92
CA ILE D 107 27.32 42.51 -6.17
C ILE D 107 27.80 41.11 -6.56
N PRO D 108 27.64 40.12 -5.64
CA PRO D 108 27.98 38.74 -5.99
C PRO D 108 27.04 38.19 -7.06
N VAL D 109 27.59 37.44 -8.00
CA VAL D 109 26.79 36.77 -9.03
C VAL D 109 26.90 35.27 -8.79
N LEU D 110 25.80 34.69 -8.33
CA LEU D 110 25.77 33.28 -7.92
C LEU D 110 25.58 32.35 -9.11
N ALA D 111 26.27 31.20 -9.05
CA ALA D 111 26.13 30.15 -10.05
C ALA D 111 25.19 29.07 -9.53
N ASP D 112 24.23 28.68 -10.36
CA ASP D 112 23.24 27.68 -9.98
C ASP D 112 23.13 26.62 -11.08
N THR D 113 24.28 26.07 -11.48
CA THR D 113 24.34 25.01 -12.49
C THR D 113 23.58 23.77 -12.02
N ASN D 114 23.50 23.64 -10.70
CA ASN D 114 22.71 22.65 -9.98
C ASN D 114 21.22 22.68 -10.32
N HIS D 115 20.72 23.89 -10.54
CA HIS D 115 19.28 24.18 -10.66
C HIS D 115 18.56 24.12 -9.35
N GLN D 116 19.27 23.78 -8.28
CA GLN D 116 18.66 23.56 -6.98
C GLN D 116 18.04 24.83 -6.38
N ILE D 117 18.74 25.95 -6.52
CA ILE D 117 18.26 27.23 -6.01
C ILE D 117 17.04 27.72 -6.78
N ALA D 118 17.10 27.63 -8.10
CA ALA D 118 15.98 28.00 -8.95
C ALA D 118 14.76 27.10 -8.66
N LYS D 119 15.01 25.82 -8.42
CA LYS D 119 13.95 24.88 -8.02
C LYS D 119 13.34 25.24 -6.66
N ASP D 120 14.19 25.51 -5.68
CA ASP D 120 13.73 25.83 -4.33
C ASP D 120 12.95 27.13 -4.26
N TYR D 121 13.28 28.08 -5.14
CA TYR D 121 12.58 29.35 -5.19
C TYR D 121 11.44 29.33 -6.21
N GLY D 122 11.27 28.19 -6.87
CA GLY D 122 10.16 27.98 -7.81
C GLY D 122 10.24 28.84 -9.05
N VAL D 123 11.45 29.10 -9.54
CA VAL D 123 11.65 29.98 -10.69
C VAL D 123 12.26 29.28 -11.92
N LEU D 124 12.50 27.98 -11.81
CA LEU D 124 13.09 27.23 -12.92
C LEU D 124 12.08 27.00 -14.03
N LYS D 125 12.46 27.44 -15.24
CA LYS D 125 11.74 27.11 -16.46
C LYS D 125 12.28 25.74 -16.90
N ASP D 126 11.53 24.68 -16.60
CA ASP D 126 11.99 23.29 -16.75
C ASP D 126 12.55 22.92 -18.11
N ASP D 127 11.78 23.19 -19.17
CA ASP D 127 12.16 22.81 -20.53
C ASP D 127 13.44 23.47 -21.05
N GLU D 128 13.92 24.49 -20.35
CA GLU D 128 15.10 25.24 -20.80
C GLU D 128 16.29 25.25 -19.83
N GLY D 129 16.06 24.88 -18.59
CA GLY D 129 17.10 24.92 -17.56
C GLY D 129 17.57 26.33 -17.23
N ILE D 130 16.65 27.29 -17.32
CA ILE D 130 16.94 28.68 -16.98
C ILE D 130 15.94 29.21 -15.96
N ALA D 131 16.36 30.22 -15.19
CA ALA D 131 15.47 30.84 -14.22
C ALA D 131 14.62 31.94 -14.86
N TYR D 132 13.37 32.05 -14.42
CA TYR D 132 12.53 33.20 -14.71
C TYR D 132 13.06 34.42 -13.96
N ARG D 133 12.60 35.60 -14.34
CA ARG D 133 13.04 36.84 -13.68
C ARG D 133 12.39 37.01 -12.31
N GLY D 134 12.84 36.19 -11.37
CA GLY D 134 12.33 36.21 -10.00
C GLY D 134 13.15 37.12 -9.11
N LEU D 135 12.49 37.73 -8.14
CA LEU D 135 13.16 38.55 -7.12
C LEU D 135 12.51 38.26 -5.78
N PHE D 136 13.34 38.15 -4.74
CA PHE D 136 12.89 37.71 -3.42
C PHE D 136 13.52 38.55 -2.32
N ILE D 137 12.70 38.96 -1.36
CA ILE D 137 13.18 39.74 -0.23
C ILE D 137 13.13 38.90 1.05
N ILE D 138 14.29 38.80 1.70
CA ILE D 138 14.45 37.95 2.87
C ILE D 138 14.90 38.83 4.04
N ASP D 139 14.23 38.70 5.18
CA ASP D 139 14.53 39.55 6.34
C ASP D 139 15.74 39.07 7.16
N PRO D 140 16.17 39.86 8.16
CA PRO D 140 17.34 39.51 8.99
C PRO D 140 17.28 38.15 9.69
N LYS D 141 16.08 37.61 9.84
CA LYS D 141 15.90 36.32 10.50
C LYS D 141 15.82 35.16 9.49
N GLY D 142 16.03 35.47 8.22
CA GLY D 142 15.98 34.46 7.16
C GLY D 142 14.56 34.11 6.75
N ILE D 143 13.62 34.98 7.07
CA ILE D 143 12.21 34.76 6.75
C ILE D 143 11.88 35.48 5.43
N LEU D 144 11.18 34.78 4.55
CA LEU D 144 10.80 35.32 3.25
C LEU D 144 9.64 36.30 3.40
N ARG D 145 9.81 37.50 2.86
CA ARG D 145 8.84 38.59 3.03
C ARG D 145 8.15 38.99 1.73
N GLN D 146 8.81 38.75 0.60
CA GLN D 146 8.30 39.21 -0.69
C GLN D 146 8.68 38.28 -1.83
N ILE D 147 7.70 38.00 -2.69
CA ILE D 147 7.92 37.18 -3.89
C ILE D 147 7.56 37.96 -5.15
N THR D 148 8.51 38.03 -6.07
CA THR D 148 8.28 38.65 -7.37
C THR D 148 8.80 37.70 -8.45
N ILE D 149 7.94 37.32 -9.39
CA ILE D 149 8.37 36.51 -10.53
C ILE D 149 7.79 37.09 -11.82
N ASN D 150 8.68 37.52 -12.71
CA ASN D 150 8.29 37.99 -14.04
C ASN D 150 8.53 36.93 -15.10
N ASP D 151 7.62 36.84 -16.06
CA ASP D 151 7.89 36.14 -17.31
C ASP D 151 9.09 36.81 -17.98
N LEU D 152 9.82 36.04 -18.78
CA LEU D 152 11.12 36.47 -19.35
C LEU D 152 11.22 37.88 -19.97
N PRO D 153 10.21 38.31 -20.77
CA PRO D 153 10.35 39.60 -21.48
C PRO D 153 10.43 40.87 -20.62
N VAL D 154 9.97 40.81 -19.37
CA VAL D 154 9.82 42.03 -18.56
C VAL D 154 10.78 42.10 -17.38
N GLY D 155 11.50 43.22 -17.28
CA GLY D 155 12.50 43.42 -16.24
C GLY D 155 11.96 43.99 -14.96
N ARG D 156 12.86 44.16 -13.99
CA ARG D 156 12.50 44.62 -12.67
C ARG D 156 13.02 46.03 -12.40
N SER D 157 12.40 46.71 -11.45
CA SER D 157 12.75 48.07 -11.08
C SER D 157 13.50 48.11 -9.75
N VAL D 158 14.64 48.80 -9.74
CA VAL D 158 15.42 49.04 -8.53
C VAL D 158 14.62 49.93 -7.55
N ASP D 159 13.92 50.92 -8.09
CA ASP D 159 13.11 51.83 -7.28
C ASP D 159 12.02 51.10 -6.50
N GLU D 160 11.31 50.21 -7.19
CA GLU D 160 10.27 49.40 -6.56
C GLU D 160 10.86 48.48 -5.50
N THR D 161 12.01 47.86 -5.81
CA THR D 161 12.71 47.00 -4.87
C THR D 161 13.11 47.78 -3.62
N LEU D 162 13.59 49.01 -3.82
CA LEU D 162 13.96 49.90 -2.72
C LEU D 162 12.73 50.32 -1.90
N ARG D 163 11.63 50.61 -2.59
CA ARG D 163 10.37 50.94 -1.91
C ARG D 163 9.92 49.80 -0.99
N LEU D 164 10.02 48.56 -1.49
CA LEU D 164 9.60 47.40 -0.74
C LEU D 164 10.45 47.16 0.51
N VAL D 165 11.77 47.16 0.35
CA VAL D 165 12.68 46.85 1.46
C VAL D 165 12.63 47.91 2.57
N GLN D 166 12.45 49.18 2.20
CA GLN D 166 12.32 50.26 3.18
C GLN D 166 11.00 50.13 3.95
N ALA D 167 9.94 49.76 3.24
CA ALA D 167 8.64 49.51 3.85
C ALA D 167 8.68 48.34 4.84
N PHE D 168 9.47 47.31 4.52
CA PHE D 168 9.62 46.16 5.41
C PHE D 168 10.42 46.50 6.67
N GLN D 169 11.50 47.27 6.51
CA GLN D 169 12.30 47.70 7.66
C GLN D 169 11.50 48.56 8.62
N TYR D 170 10.68 49.46 8.06
CA TYR D 170 9.83 50.31 8.86
C TYR D 170 8.78 49.54 9.63
N THR D 171 7.99 48.74 8.92
CA THR D 171 6.90 47.98 9.54
C THR D 171 7.42 46.94 10.52
N ASP D 172 8.69 46.59 10.40
CA ASP D 172 9.35 45.71 11.37
C ASP D 172 9.39 46.31 12.77
N LYS D 173 9.41 47.64 12.85
CA LYS D 173 9.52 48.33 14.14
C LYS D 173 8.22 48.94 14.62
N HIS D 174 7.31 49.28 13.70
CA HIS D 174 6.18 50.15 14.05
C HIS D 174 4.82 49.73 13.55
N GLY D 175 4.74 48.55 12.94
CA GLY D 175 3.48 48.08 12.36
C GLY D 175 3.17 48.84 11.07
N GLU D 176 1.89 48.86 10.69
CA GLU D 176 1.48 49.37 9.39
C GLU D 176 1.40 50.89 9.29
N VAL D 177 1.74 51.40 8.09
CA VAL D 177 1.86 52.84 7.82
C VAL D 177 0.52 53.43 7.36
N CYS D 178 0.05 54.45 8.08
CA CYS D 178 -1.18 55.17 7.74
C CYS D 178 -1.14 56.60 8.28
N MET E 9 17.48 5.52 -14.62
CA MET E 9 17.75 6.90 -15.11
C MET E 9 18.43 6.88 -16.49
N SER E 10 19.72 6.56 -16.52
CA SER E 10 20.47 6.44 -17.78
C SER E 10 19.76 5.52 -18.76
N LYS E 11 19.75 5.92 -20.03
CA LYS E 11 19.09 5.12 -21.08
C LYS E 11 20.11 4.60 -22.10
N ALA E 12 21.40 4.80 -21.79
CA ALA E 12 22.48 4.38 -22.66
C ALA E 12 22.87 2.92 -22.41
N PHE E 13 22.56 2.05 -23.37
CA PHE E 13 22.92 0.63 -23.28
C PHE E 13 23.52 0.11 -24.58
N ILE E 14 24.63 -0.61 -24.45
CA ILE E 14 25.28 -1.26 -25.58
C ILE E 14 24.32 -2.23 -26.28
N GLY E 15 24.25 -2.13 -27.61
CA GLY E 15 23.40 -3.02 -28.40
C GLY E 15 21.96 -2.54 -28.51
N LYS E 16 21.64 -1.46 -27.80
CA LYS E 16 20.30 -0.88 -27.81
C LYS E 16 20.35 0.47 -28.53
N PRO E 17 19.21 0.90 -29.11
CA PRO E 17 19.17 2.22 -29.75
C PRO E 17 19.69 3.29 -28.80
N ALA E 18 20.66 4.08 -29.28
CA ALA E 18 21.24 5.16 -28.48
C ALA E 18 20.15 6.17 -28.12
N PRO E 19 20.19 6.70 -26.88
CA PRO E 19 19.19 7.67 -26.43
C PRO E 19 19.03 8.82 -27.41
N ASP E 20 17.80 9.05 -27.85
CA ASP E 20 17.51 10.10 -28.81
C ASP E 20 17.71 11.47 -28.18
N PHE E 21 18.23 12.40 -28.97
CA PHE E 21 18.43 13.77 -28.51
C PHE E 21 18.08 14.79 -29.60
N ALA E 22 17.55 15.93 -29.16
CA ALA E 22 17.29 17.08 -30.03
C ALA E 22 17.53 18.34 -29.21
N THR E 23 18.44 19.18 -29.68
CA THR E 23 18.80 20.41 -28.96
C THR E 23 19.37 21.48 -29.89
N LYS E 24 19.57 22.67 -29.33
CA LYS E 24 20.20 23.78 -30.03
C LYS E 24 21.71 23.67 -29.95
N ALA E 25 22.40 24.12 -30.99
CA ALA E 25 23.86 24.02 -31.07
C ALA E 25 24.46 25.19 -31.84
N VAL E 26 25.76 25.42 -31.64
CA VAL E 26 26.51 26.39 -32.44
C VAL E 26 27.31 25.65 -33.50
N PHE E 27 27.03 25.95 -34.76
CA PHE E 27 27.80 25.43 -35.88
C PHE E 27 28.07 26.55 -36.89
N ASP E 28 29.35 26.74 -37.18
CA ASP E 28 29.82 27.79 -38.09
C ASP E 28 29.35 29.19 -37.66
N GLY E 29 29.41 29.44 -36.35
CA GLY E 29 29.03 30.72 -35.76
C GLY E 29 27.53 31.03 -35.74
N ASP E 30 26.71 30.01 -36.01
CA ASP E 30 25.26 30.17 -36.06
C ASP E 30 24.53 29.17 -35.17
N PHE E 31 23.33 29.55 -34.72
CA PHE E 31 22.48 28.66 -33.93
C PHE E 31 21.72 27.70 -34.85
N VAL E 32 21.90 26.41 -34.61
CA VAL E 32 21.23 25.37 -35.40
C VAL E 32 20.51 24.35 -34.52
N ASP E 33 19.60 23.60 -35.12
CA ASP E 33 18.93 22.48 -34.46
C ASP E 33 19.63 21.19 -34.82
N VAL E 34 19.96 20.40 -33.81
CA VAL E 34 20.63 19.11 -34.01
C VAL E 34 19.77 17.98 -33.44
N LYS E 35 19.45 17.02 -34.30
CA LYS E 35 18.72 15.82 -33.90
C LYS E 35 19.60 14.60 -34.18
N LEU E 36 19.42 13.54 -33.42
CA LEU E 36 20.15 12.29 -33.65
C LEU E 36 19.76 11.65 -34.98
N SER E 37 18.48 11.76 -35.32
CA SER E 37 17.94 11.18 -36.56
C SER E 37 18.51 11.83 -37.83
N ASP E 38 19.16 12.98 -37.67
CA ASP E 38 19.83 13.67 -38.77
C ASP E 38 21.03 12.89 -39.29
N TYR E 39 21.57 12.02 -38.44
CA TYR E 39 22.81 11.31 -38.74
C TYR E 39 22.59 9.83 -39.03
N LYS E 40 21.34 9.46 -39.28
CA LYS E 40 20.97 8.12 -39.70
C LYS E 40 21.73 7.76 -40.99
N GLY E 41 22.47 6.66 -40.94
CA GLY E 41 23.29 6.22 -42.08
C GLY E 41 24.76 6.54 -41.92
N LYS E 42 25.11 7.18 -40.82
CA LYS E 42 26.49 7.56 -40.50
C LYS E 42 26.84 7.16 -39.07
N TYR E 43 28.12 6.94 -38.82
CA TYR E 43 28.61 6.80 -37.45
C TYR E 43 28.65 8.15 -36.76
N VAL E 44 28.36 8.17 -35.46
CA VAL E 44 28.34 9.41 -34.68
C VAL E 44 29.17 9.28 -33.41
N VAL E 45 30.10 10.22 -33.24
CA VAL E 45 30.81 10.37 -31.98
C VAL E 45 30.18 11.54 -31.23
N LEU E 46 29.50 11.23 -30.13
CA LEU E 46 28.97 12.26 -29.25
C LEU E 46 29.87 12.33 -28.02
N PHE E 47 30.48 13.48 -27.79
CA PHE E 47 31.29 13.64 -26.59
C PHE E 47 30.91 14.85 -25.74
N PHE E 48 31.01 14.67 -24.43
CA PHE E 48 30.60 15.66 -23.44
C PHE E 48 31.81 16.29 -22.78
N TYR E 49 31.66 17.54 -22.35
CA TYR E 49 32.68 18.20 -21.55
C TYR E 49 31.97 19.01 -20.44
N PRO E 50 32.69 19.35 -19.35
CA PRO E 50 32.00 19.92 -18.19
C PRO E 50 31.57 21.38 -18.33
N LEU E 51 32.51 22.26 -18.68
CA LEU E 51 32.28 23.70 -18.56
C LEU E 51 32.95 24.54 -19.64
N ASP E 52 32.19 25.49 -20.20
CA ASP E 52 32.76 26.57 -21.01
C ASP E 52 33.59 27.47 -20.11
N PHE E 53 34.61 28.10 -20.69
CA PHE E 53 35.45 29.12 -20.01
C PHE E 53 36.26 28.64 -18.80
N THR E 54 36.66 27.37 -18.79
CA THR E 54 37.53 26.86 -17.72
C THR E 54 38.93 27.46 -17.84
N PHE E 55 39.63 27.53 -16.71
CA PHE E 55 41.00 28.06 -16.68
C PHE E 55 41.98 27.17 -17.45
N VAL E 56 41.68 25.86 -17.47
CA VAL E 56 42.49 24.90 -18.19
C VAL E 56 42.17 24.96 -19.68
N CYS E 57 43.19 25.17 -20.50
CA CYS E 57 43.05 25.24 -21.95
C CYS E 57 42.36 24.00 -22.52
N PRO E 58 41.32 24.20 -23.37
CA PRO E 58 40.50 23.11 -23.89
C PRO E 58 41.12 22.39 -25.09
N THR E 59 42.36 21.92 -24.90
CA THR E 59 43.10 21.26 -25.98
C THR E 59 42.44 19.98 -26.48
N GLU E 60 41.83 19.21 -25.58
CA GLU E 60 41.17 17.96 -25.95
C GLU E 60 39.95 18.20 -26.85
N ILE E 61 39.22 19.27 -26.57
CA ILE E 61 38.03 19.65 -27.34
C ILE E 61 38.45 20.21 -28.69
N ILE E 62 39.49 21.05 -28.68
CA ILE E 62 40.06 21.63 -29.89
C ILE E 62 40.60 20.53 -30.82
N ALA E 63 41.21 19.50 -30.22
CA ALA E 63 41.76 18.36 -30.98
C ALA E 63 40.73 17.68 -31.88
N PHE E 64 39.50 17.52 -31.37
CA PHE E 64 38.42 16.92 -32.15
C PHE E 64 37.95 17.80 -33.31
N SER E 65 38.08 19.11 -33.15
CA SER E 65 37.73 20.08 -34.20
C SER E 65 38.82 20.16 -35.27
N ASP E 66 40.07 20.34 -34.84
CA ASP E 66 41.21 20.42 -35.76
C ASP E 66 41.35 19.16 -36.62
N ARG E 67 41.07 18.00 -36.02
CA ARG E 67 41.25 16.72 -36.70
C ARG E 67 39.95 16.15 -37.26
N PHE E 68 38.92 16.98 -37.37
CA PHE E 68 37.64 16.56 -37.94
C PHE E 68 37.72 16.10 -39.40
N PRO E 69 38.62 16.67 -40.22
CA PRO E 69 38.82 16.13 -41.56
C PRO E 69 39.05 14.62 -41.60
N GLU E 70 39.76 14.08 -40.60
CA GLU E 70 39.99 12.64 -40.50
C GLU E 70 38.70 11.85 -40.26
N PHE E 71 37.78 12.44 -39.49
CA PHE E 71 36.47 11.83 -39.24
C PHE E 71 35.55 11.95 -40.45
N LYS E 72 35.57 13.10 -41.12
CA LYS E 72 34.76 13.33 -42.32
C LYS E 72 35.20 12.38 -43.43
N ASN E 73 36.51 12.19 -43.55
CA ASN E 73 37.12 11.19 -44.43
C ASN E 73 36.50 9.80 -44.24
N LEU E 74 36.13 9.49 -43.01
CA LEU E 74 35.57 8.18 -42.65
C LEU E 74 34.04 8.19 -42.62
N ASN E 75 33.43 9.28 -43.07
CA ASN E 75 31.97 9.49 -43.05
C ASN E 75 31.41 9.40 -41.62
N VAL E 76 32.06 10.12 -40.71
CA VAL E 76 31.72 10.09 -39.29
C VAL E 76 31.44 11.51 -38.77
N ALA E 77 30.27 11.68 -38.16
CA ALA E 77 29.90 12.95 -37.53
C ALA E 77 30.42 13.04 -36.09
N VAL E 78 30.87 14.22 -35.71
CA VAL E 78 31.39 14.47 -34.36
C VAL E 78 30.65 15.63 -33.71
N LEU E 79 30.10 15.38 -32.52
CA LEU E 79 29.33 16.37 -31.79
C LEU E 79 29.86 16.56 -30.38
N ALA E 80 30.13 17.81 -30.02
CA ALA E 80 30.48 18.18 -28.66
C ALA E 80 29.23 18.64 -27.92
N CYS E 81 29.22 18.48 -26.61
CA CYS E 81 28.05 18.84 -25.79
C CYS E 81 28.43 19.17 -24.36
N SER E 82 27.83 20.23 -23.82
CA SER E 82 27.94 20.56 -22.40
C SER E 82 26.63 21.17 -21.90
N THR E 83 26.52 21.32 -20.58
CA THR E 83 25.31 21.89 -19.98
C THR E 83 25.23 23.42 -20.06
N ASP E 84 26.23 24.03 -20.70
CA ASP E 84 26.24 25.48 -20.95
C ASP E 84 25.28 25.83 -22.09
N SER E 85 24.87 27.09 -22.16
CA SER E 85 23.95 27.56 -23.20
C SER E 85 24.65 27.81 -24.54
N VAL E 86 23.83 27.95 -25.58
CA VAL E 86 24.31 28.24 -26.94
C VAL E 86 24.98 29.61 -26.99
N PHE E 87 24.50 30.54 -26.15
CA PHE E 87 25.08 31.88 -26.04
C PHE E 87 26.46 31.82 -25.38
N SER E 88 26.59 30.97 -24.38
CA SER E 88 27.87 30.71 -23.73
C SER E 88 28.85 30.04 -24.69
N HIS E 89 28.35 29.13 -25.51
CA HIS E 89 29.16 28.45 -26.53
C HIS E 89 29.72 29.41 -27.54
N LEU E 90 28.85 30.26 -28.09
CA LEU E 90 29.25 31.24 -29.12
C LEU E 90 30.30 32.21 -28.60
N ALA E 91 30.15 32.62 -27.35
CA ALA E 91 31.10 33.54 -26.71
C ALA E 91 32.49 32.92 -26.57
N TRP E 92 32.54 31.63 -26.23
CA TRP E 92 33.79 30.91 -26.06
C TRP E 92 34.45 30.60 -27.38
N ILE E 93 33.61 30.32 -28.38
CA ILE E 93 34.06 30.15 -29.76
C ILE E 93 34.64 31.48 -30.30
N ASN E 94 33.99 32.58 -29.94
CA ASN E 94 34.45 33.91 -30.35
C ASN E 94 35.65 34.43 -29.53
N THR E 95 36.07 33.65 -28.55
CA THR E 95 37.29 33.94 -27.81
C THR E 95 38.46 33.24 -28.51
N PRO E 96 39.50 34.02 -28.89
CA PRO E 96 40.70 33.46 -29.52
C PRO E 96 41.36 32.39 -28.66
N ARG E 97 41.95 31.39 -29.31
CA ARG E 97 42.59 30.27 -28.63
C ARG E 97 43.77 30.69 -27.76
N LYS E 98 44.45 31.76 -28.16
CA LYS E 98 45.56 32.32 -27.39
C LYS E 98 45.09 32.94 -26.07
N HIS E 99 43.78 33.23 -25.98
CA HIS E 99 43.18 33.76 -24.76
C HIS E 99 42.38 32.71 -24.01
N GLY E 100 42.65 31.44 -24.31
CA GLY E 100 42.00 30.33 -23.62
C GLY E 100 40.65 29.92 -24.18
N GLY E 101 40.28 30.51 -25.32
CA GLY E 101 39.00 30.21 -25.95
C GLY E 101 39.05 29.01 -26.87
N LEU E 102 37.90 28.67 -27.45
CA LEU E 102 37.81 27.55 -28.39
C LEU E 102 38.23 27.94 -29.80
N GLY E 103 38.03 29.20 -30.15
CA GLY E 103 38.31 29.69 -31.50
C GLY E 103 37.32 29.11 -32.50
N ASP E 104 37.74 29.03 -33.77
CA ASP E 104 36.94 28.39 -34.81
C ASP E 104 36.70 26.92 -34.49
N MET E 105 35.44 26.51 -34.55
CA MET E 105 35.08 25.11 -34.37
C MET E 105 34.47 24.54 -35.66
N LYS E 106 34.98 23.37 -36.06
CA LYS E 106 34.53 22.72 -37.29
C LYS E 106 33.48 21.65 -37.00
N ILE E 107 33.13 21.51 -35.73
CA ILE E 107 32.10 20.57 -35.29
C ILE E 107 31.00 21.34 -34.54
N PRO E 108 29.76 20.80 -34.55
CA PRO E 108 28.69 21.43 -33.77
C PRO E 108 28.93 21.30 -32.27
N VAL E 109 28.69 22.38 -31.53
CA VAL E 109 28.78 22.35 -30.07
C VAL E 109 27.38 22.48 -29.48
N LEU E 110 26.88 21.36 -28.94
CA LEU E 110 25.51 21.28 -28.43
C LEU E 110 25.37 21.87 -27.03
N ALA E 111 24.25 22.55 -26.80
CA ALA E 111 23.88 23.05 -25.49
C ALA E 111 22.88 22.11 -24.83
N ASP E 112 23.14 21.79 -23.56
CA ASP E 112 22.29 20.87 -22.81
C ASP E 112 21.91 21.52 -21.48
N THR E 113 21.34 22.72 -21.58
CA THR E 113 20.92 23.49 -20.40
C THR E 113 19.80 22.76 -19.65
N ASN E 114 19.03 21.98 -20.42
CA ASN E 114 18.06 20.99 -19.91
C ASN E 114 18.63 19.98 -18.94
N HIS E 115 19.86 19.55 -19.19
CA HIS E 115 20.48 18.39 -18.52
C HIS E 115 19.96 17.09 -19.06
N GLN E 116 18.97 17.17 -19.94
CA GLN E 116 18.25 16.00 -20.45
C GLN E 116 19.16 15.01 -21.18
N ILE E 117 20.04 15.53 -22.02
CA ILE E 117 20.97 14.68 -22.77
C ILE E 117 22.01 14.04 -21.83
N ALA E 118 22.56 14.82 -20.92
CA ALA E 118 23.53 14.30 -19.95
C ALA E 118 22.89 13.21 -19.07
N LYS E 119 21.63 13.43 -18.69
CA LYS E 119 20.87 12.45 -17.91
C LYS E 119 20.62 11.17 -18.71
N ASP E 120 20.15 11.31 -19.95
CA ASP E 120 19.85 10.16 -20.80
C ASP E 120 21.09 9.31 -21.10
N TYR E 121 22.26 9.96 -21.16
CA TYR E 121 23.51 9.25 -21.42
C TYR E 121 24.27 8.87 -20.14
N GLY E 122 23.69 9.21 -19.00
CA GLY E 122 24.23 8.84 -17.69
C GLY E 122 25.56 9.50 -17.34
N VAL E 123 25.77 10.71 -17.84
CA VAL E 123 27.03 11.43 -17.61
C VAL E 123 26.90 12.70 -16.78
N LEU E 124 25.71 12.96 -16.24
CA LEU E 124 25.51 14.15 -15.40
C LEU E 124 26.11 13.95 -14.02
N LYS E 125 26.96 14.88 -13.61
CA LYS E 125 27.39 14.98 -12.22
C LYS E 125 26.34 15.83 -11.49
N ASP E 126 25.45 15.14 -10.77
CA ASP E 126 24.23 15.72 -10.20
C ASP E 126 24.43 16.96 -9.34
N ASP E 127 25.38 16.90 -8.42
CA ASP E 127 25.61 17.97 -7.45
C ASP E 127 26.11 19.27 -8.09
N GLU E 128 26.57 19.20 -9.33
CA GLU E 128 27.14 20.37 -10.02
C GLU E 128 26.42 20.74 -11.32
N GLY E 129 25.54 19.86 -11.80
CA GLY E 129 24.84 20.09 -13.06
C GLY E 129 25.79 20.23 -14.25
N ILE E 130 26.85 19.44 -14.25
CA ILE E 130 27.82 19.39 -15.35
C ILE E 130 28.03 17.95 -15.81
N ALA E 131 28.37 17.78 -17.08
CA ALA E 131 28.61 16.45 -17.63
C ALA E 131 30.04 15.99 -17.32
N TYR E 132 30.18 14.70 -17.02
CA TYR E 132 31.48 14.06 -16.96
C TYR E 132 32.04 13.95 -18.37
N ARG E 133 33.33 13.66 -18.50
CA ARG E 133 33.96 13.58 -19.82
C ARG E 133 33.62 12.27 -20.51
N GLY E 134 32.40 12.19 -21.01
CA GLY E 134 31.88 11.00 -21.67
C GLY E 134 31.96 11.08 -23.17
N LEU E 135 32.12 9.91 -23.80
CA LEU E 135 32.17 9.78 -25.25
C LEU E 135 31.40 8.54 -25.65
N PHE E 136 30.61 8.67 -26.72
CA PHE E 136 29.73 7.60 -27.16
C PHE E 136 29.79 7.40 -28.66
N ILE E 137 29.83 6.15 -29.09
CA ILE E 137 29.88 5.83 -30.51
C ILE E 137 28.59 5.17 -30.96
N ILE E 138 27.90 5.83 -31.87
CA ILE E 138 26.61 5.39 -32.37
C ILE E 138 26.76 5.00 -33.84
N ASP E 139 26.24 3.82 -34.21
CA ASP E 139 26.36 3.32 -35.58
C ASP E 139 25.27 3.88 -36.52
N PRO E 140 25.35 3.58 -37.83
CA PRO E 140 24.42 4.11 -38.84
C PRO E 140 22.95 3.72 -38.63
N LYS E 141 22.72 2.66 -37.85
CA LYS E 141 21.37 2.22 -37.53
C LYS E 141 20.87 2.80 -36.20
N GLY E 142 21.69 3.67 -35.60
CA GLY E 142 21.32 4.35 -34.36
C GLY E 142 21.56 3.51 -33.12
N ILE E 143 22.35 2.45 -33.25
CA ILE E 143 22.64 1.55 -32.15
C ILE E 143 23.90 2.00 -31.41
N LEU E 144 23.84 2.03 -30.08
CA LEU E 144 25.00 2.38 -29.26
C LEU E 144 26.02 1.24 -29.26
N ARG E 145 27.24 1.56 -29.70
CA ARG E 145 28.30 0.56 -29.83
C ARG E 145 29.39 0.68 -28.78
N GLN E 146 29.56 1.89 -28.22
CA GLN E 146 30.67 2.16 -27.31
C GLN E 146 30.33 3.22 -26.27
N ILE E 147 30.75 2.97 -25.03
CA ILE E 147 30.58 3.89 -23.92
C ILE E 147 31.93 4.19 -23.30
N THR E 148 32.26 5.49 -23.19
CA THR E 148 33.45 5.96 -22.50
C THR E 148 33.07 7.10 -21.57
N ILE E 149 33.40 6.95 -20.28
CA ILE E 149 33.17 8.02 -19.32
C ILE E 149 34.41 8.23 -18.46
N ASN E 150 34.99 9.43 -18.54
CA ASN E 150 36.12 9.80 -17.72
C ASN E 150 35.72 10.73 -16.59
N ASP E 151 36.37 10.58 -15.45
CA ASP E 151 36.31 11.59 -14.40
C ASP E 151 36.87 12.90 -14.97
N LEU E 152 36.42 14.03 -14.38
CA LEU E 152 36.72 15.38 -14.90
C LEU E 152 38.17 15.71 -15.27
N PRO E 153 39.15 15.28 -14.44
CA PRO E 153 40.54 15.70 -14.68
C PRO E 153 41.24 15.10 -15.91
N VAL E 154 40.63 14.12 -16.57
CA VAL E 154 41.33 13.37 -17.63
C VAL E 154 40.57 13.39 -18.97
N GLY E 155 41.26 13.84 -20.03
CA GLY E 155 40.65 13.99 -21.35
C GLY E 155 40.69 12.76 -22.22
N ARG E 156 40.26 12.93 -23.47
CA ARG E 156 40.12 11.82 -24.40
C ARG E 156 41.05 11.94 -25.61
N SER E 157 41.34 10.80 -26.22
CA SER E 157 42.25 10.72 -27.36
C SER E 157 41.48 10.60 -28.68
N VAL E 158 41.84 11.46 -29.64
CA VAL E 158 41.29 11.38 -30.99
C VAL E 158 41.74 10.07 -31.66
N ASP E 159 43.00 9.70 -31.44
CA ASP E 159 43.57 8.45 -31.97
C ASP E 159 42.77 7.22 -31.52
N GLU E 160 42.47 7.16 -30.23
CA GLU E 160 41.69 6.05 -29.67
C GLU E 160 40.28 6.03 -30.26
N THR E 161 39.67 7.21 -30.38
CA THR E 161 38.33 7.35 -30.96
C THR E 161 38.32 6.88 -32.42
N LEU E 162 39.33 7.25 -33.19
CA LEU E 162 39.48 6.81 -34.57
C LEU E 162 39.71 5.31 -34.67
N ARG E 163 40.54 4.76 -33.77
CA ARG E 163 40.75 3.32 -33.70
C ARG E 163 39.42 2.58 -33.49
N LEU E 164 38.65 3.03 -32.50
CA LEU E 164 37.36 2.43 -32.18
C LEU E 164 36.37 2.48 -33.35
N VAL E 165 36.19 3.68 -33.90
CA VAL E 165 35.27 3.89 -35.02
C VAL E 165 35.61 3.00 -36.22
N GLN E 166 36.90 2.94 -36.57
CA GLN E 166 37.35 2.15 -37.72
C GLN E 166 37.20 0.65 -37.48
N ALA E 167 37.45 0.21 -36.26
CA ALA E 167 37.26 -1.19 -35.89
C ALA E 167 35.79 -1.59 -35.96
N PHE E 168 34.91 -0.68 -35.55
CA PHE E 168 33.47 -0.92 -35.64
C PHE E 168 32.98 -0.93 -37.08
N GLN E 169 33.55 -0.06 -37.90
CA GLN E 169 33.20 -0.04 -39.32
C GLN E 169 33.71 -1.29 -39.98
N TYR E 170 34.92 -1.71 -39.61
CA TYR E 170 35.50 -2.91 -40.16
C TYR E 170 34.66 -4.14 -39.80
N THR E 171 34.36 -4.31 -38.51
CA THR E 171 33.60 -5.48 -38.07
C THR E 171 32.16 -5.49 -38.56
N ASP E 172 31.60 -4.33 -38.87
CA ASP E 172 30.27 -4.24 -39.49
C ASP E 172 30.26 -4.91 -40.87
N LYS E 173 31.38 -4.80 -41.56
CA LYS E 173 31.52 -5.31 -42.92
C LYS E 173 32.05 -6.75 -42.95
N HIS E 174 33.00 -7.06 -42.08
CA HIS E 174 33.71 -8.34 -42.14
C HIS E 174 33.44 -9.28 -41.01
N GLY E 175 33.11 -8.74 -39.83
CA GLY E 175 32.80 -9.55 -38.66
C GLY E 175 34.03 -10.12 -37.99
N HIS F 8 20.41 -6.93 -11.02
CA HIS F 8 19.48 -6.02 -11.73
C HIS F 8 20.09 -4.70 -12.12
N MET F 9 20.60 -3.96 -11.12
CA MET F 9 21.01 -2.57 -11.32
C MET F 9 22.52 -2.35 -11.21
N SER F 10 23.06 -1.60 -12.17
CA SER F 10 24.48 -1.22 -12.14
C SER F 10 24.78 -0.33 -10.93
N LYS F 11 25.93 -0.58 -10.30
CA LYS F 11 26.36 0.17 -9.12
C LYS F 11 27.63 0.96 -9.40
N ALA F 12 28.08 0.93 -10.66
CA ALA F 12 29.30 1.60 -11.07
C ALA F 12 29.04 3.06 -11.49
N PHE F 13 29.49 3.99 -10.66
CA PHE F 13 29.37 5.43 -10.95
C PHE F 13 30.70 6.14 -10.73
N ILE F 14 31.03 7.04 -11.67
CA ILE F 14 32.21 7.89 -11.56
C ILE F 14 32.14 8.74 -10.29
N GLY F 15 33.27 8.85 -9.59
CA GLY F 15 33.34 9.66 -8.37
C GLY F 15 32.81 8.95 -7.13
N LYS F 16 32.16 7.80 -7.32
CA LYS F 16 31.63 7.00 -6.22
C LYS F 16 32.52 5.77 -6.00
N PRO F 17 32.51 5.21 -4.77
CA PRO F 17 33.26 3.98 -4.52
C PRO F 17 32.91 2.89 -5.53
N ALA F 18 33.92 2.24 -6.09
CA ALA F 18 33.75 1.17 -7.06
C ALA F 18 33.02 -0.01 -6.44
N PRO F 19 32.10 -0.65 -7.19
CA PRO F 19 31.40 -1.81 -6.65
C PRO F 19 32.39 -2.84 -6.11
N ASP F 20 32.26 -3.15 -4.82
CA ASP F 20 33.14 -4.08 -4.14
C ASP F 20 32.86 -5.50 -4.63
N PHE F 21 33.90 -6.35 -4.60
CA PHE F 21 33.75 -7.74 -4.98
C PHE F 21 34.76 -8.65 -4.30
N ALA F 22 34.31 -9.87 -4.02
CA ALA F 22 35.16 -10.96 -3.58
C ALA F 22 34.81 -12.17 -4.43
N THR F 23 35.83 -12.77 -5.06
CA THR F 23 35.62 -13.91 -5.92
C THR F 23 36.88 -14.76 -6.08
N LYS F 24 36.72 -15.95 -6.65
CA LYS F 24 37.85 -16.82 -6.96
C LYS F 24 38.50 -16.40 -8.28
N ALA F 25 39.81 -16.62 -8.36
CA ALA F 25 40.59 -16.27 -9.54
C ALA F 25 41.75 -17.24 -9.73
N VAL F 26 42.21 -17.35 -10.97
CA VAL F 26 43.45 -18.05 -11.24
C VAL F 26 44.59 -17.04 -11.28
N PHE F 27 45.59 -17.25 -10.44
CA PHE F 27 46.81 -16.44 -10.48
C PHE F 27 48.02 -17.35 -10.37
N ASP F 28 48.89 -17.28 -11.38
CA ASP F 28 50.10 -18.10 -11.46
C ASP F 28 49.78 -19.60 -11.37
N GLY F 29 48.76 -20.01 -12.13
CA GLY F 29 48.35 -21.42 -12.22
C GLY F 29 47.62 -21.97 -11.02
N ASP F 30 47.26 -21.11 -10.06
CA ASP F 30 46.63 -21.53 -8.81
C ASP F 30 45.36 -20.76 -8.49
N PHE F 31 44.48 -21.39 -7.73
CA PHE F 31 43.22 -20.77 -7.32
C PHE F 31 43.43 -19.89 -6.10
N VAL F 32 43.04 -18.62 -6.23
CA VAL F 32 43.18 -17.64 -5.15
C VAL F 32 41.85 -16.93 -4.89
N ASP F 33 41.75 -16.26 -3.74
CA ASP F 33 40.63 -15.40 -3.41
C ASP F 33 41.02 -13.94 -3.60
N VAL F 34 40.29 -13.23 -4.44
CA VAL F 34 40.57 -11.83 -4.72
C VAL F 34 39.46 -10.94 -4.18
N LYS F 35 39.84 -9.96 -3.36
CA LYS F 35 38.95 -8.91 -2.88
C LYS F 35 39.44 -7.57 -3.42
N LEU F 36 38.51 -6.69 -3.80
CA LEU F 36 38.86 -5.35 -4.29
C LEU F 36 39.54 -4.52 -3.19
N SER F 37 39.05 -4.66 -1.96
CA SER F 37 39.61 -3.98 -0.79
C SER F 37 41.08 -4.31 -0.55
N ASP F 38 41.55 -5.41 -1.14
CA ASP F 38 42.94 -5.82 -1.07
C ASP F 38 43.86 -4.84 -1.77
N TYR F 39 43.31 -4.08 -2.72
CA TYR F 39 44.10 -3.24 -3.60
C TYR F 39 44.13 -1.76 -3.23
N LYS F 40 43.60 -1.43 -2.04
CA LYS F 40 43.70 -0.08 -1.49
C LYS F 40 45.16 0.40 -1.56
N GLY F 41 45.34 1.66 -1.96
CA GLY F 41 46.68 2.23 -2.09
C GLY F 41 47.27 2.06 -3.48
N LYS F 42 46.55 1.38 -4.36
CA LYS F 42 47.00 1.11 -5.72
C LYS F 42 45.90 1.38 -6.73
N TYR F 43 46.28 1.80 -7.94
CA TYR F 43 45.32 1.86 -9.04
C TYR F 43 45.00 0.46 -9.54
N VAL F 44 43.73 0.24 -9.88
CA VAL F 44 43.28 -1.05 -10.37
C VAL F 44 42.61 -0.89 -11.74
N VAL F 45 43.09 -1.65 -12.71
CA VAL F 45 42.40 -1.81 -13.98
C VAL F 45 41.66 -3.14 -13.95
N LEU F 46 40.32 -3.07 -13.99
CA LEU F 46 39.49 -4.25 -14.06
C LEU F 46 38.85 -4.32 -15.44
N PHE F 47 39.16 -5.36 -16.19
CA PHE F 47 38.55 -5.52 -17.51
C PHE F 47 37.86 -6.86 -17.70
N PHE F 48 36.77 -6.83 -18.45
CA PHE F 48 35.92 -7.99 -18.68
C PHE F 48 36.08 -8.51 -20.10
N TYR F 49 35.95 -9.82 -20.26
CA TYR F 49 35.86 -10.41 -21.58
C TYR F 49 34.72 -11.44 -21.58
N PRO F 50 34.18 -11.77 -22.77
CA PRO F 50 32.96 -12.59 -22.83
C PRO F 50 33.14 -14.06 -22.43
N LEU F 51 34.05 -14.77 -23.09
CA LEU F 51 34.09 -16.23 -22.98
C LEU F 51 35.49 -16.82 -23.14
N ASP F 52 35.80 -17.80 -22.31
CA ASP F 52 36.97 -18.66 -22.50
C ASP F 52 36.77 -19.53 -23.76
N PHE F 53 37.89 -19.97 -24.35
CA PHE F 53 37.89 -20.92 -25.47
C PHE F 53 37.14 -20.47 -26.73
N THR F 54 37.13 -19.17 -27.01
CA THR F 54 36.51 -18.67 -28.25
C THR F 54 37.43 -18.95 -29.43
N PHE F 55 36.85 -19.08 -30.62
CA PHE F 55 37.63 -19.32 -31.84
C PHE F 55 38.42 -18.09 -32.29
N VAL F 56 38.01 -16.92 -31.79
CA VAL F 56 38.71 -15.67 -32.04
C VAL F 56 39.93 -15.58 -31.12
N CYS F 57 41.09 -15.26 -31.70
CA CYS F 57 42.33 -15.12 -30.94
C CYS F 57 42.18 -14.20 -29.73
N PRO F 58 42.66 -14.63 -28.56
CA PRO F 58 42.56 -13.84 -27.34
C PRO F 58 43.72 -12.84 -27.20
N THR F 59 44.16 -12.28 -28.34
CA THR F 59 45.30 -11.37 -28.40
C THR F 59 45.11 -10.14 -27.50
N GLU F 60 43.86 -9.70 -27.36
CA GLU F 60 43.51 -8.56 -26.52
C GLU F 60 43.81 -8.82 -25.03
N ILE F 61 43.36 -9.98 -24.54
CA ILE F 61 43.58 -10.38 -23.15
C ILE F 61 45.07 -10.66 -22.91
N ILE F 62 45.70 -11.31 -23.90
CA ILE F 62 47.12 -11.63 -23.88
C ILE F 62 47.99 -10.37 -23.75
N ALA F 63 47.62 -9.31 -24.48
CA ALA F 63 48.36 -8.05 -24.45
C ALA F 63 48.48 -7.46 -23.05
N PHE F 64 47.40 -7.51 -22.29
CA PHE F 64 47.38 -6.97 -20.93
C PHE F 64 48.28 -7.77 -19.98
N SER F 65 48.40 -9.07 -20.24
CA SER F 65 49.30 -9.93 -19.50
C SER F 65 50.75 -9.74 -19.92
N ASP F 66 50.99 -9.75 -21.23
CA ASP F 66 52.34 -9.56 -21.78
C ASP F 66 52.96 -8.23 -21.37
N ARG F 67 52.13 -7.20 -21.28
CA ARG F 67 52.61 -5.86 -20.98
C ARG F 67 52.36 -5.45 -19.54
N PHE F 68 52.12 -6.43 -18.67
CA PHE F 68 51.92 -6.16 -17.24
C PHE F 68 53.10 -5.45 -16.56
N PRO F 69 54.36 -5.77 -16.95
CA PRO F 69 55.50 -5.01 -16.40
C PRO F 69 55.34 -3.48 -16.50
N GLU F 70 54.72 -3.00 -17.57
CA GLU F 70 54.45 -1.58 -17.75
C GLU F 70 53.45 -1.07 -16.69
N PHE F 71 52.48 -1.90 -16.34
CA PHE F 71 51.53 -1.58 -15.27
C PHE F 71 52.16 -1.71 -13.88
N LYS F 72 52.94 -2.77 -13.69
CA LYS F 72 53.64 -3.01 -12.42
C LYS F 72 54.58 -1.86 -12.07
N ASN F 73 55.29 -1.35 -13.06
CA ASN F 73 56.20 -0.22 -12.86
C ASN F 73 55.48 1.07 -12.47
N LEU F 74 54.19 1.15 -12.83
CA LEU F 74 53.34 2.28 -12.43
C LEU F 74 52.57 1.97 -11.15
N ASN F 75 52.90 0.84 -10.51
CA ASN F 75 52.21 0.36 -9.30
C ASN F 75 50.71 0.18 -9.51
N VAL F 76 50.34 -0.40 -10.66
CA VAL F 76 48.96 -0.62 -11.04
C VAL F 76 48.66 -2.11 -11.11
N ALA F 77 47.56 -2.53 -10.50
CA ALA F 77 47.09 -3.90 -10.57
C ALA F 77 46.13 -4.07 -11.74
N VAL F 78 46.27 -5.19 -12.45
CA VAL F 78 45.40 -5.49 -13.59
C VAL F 78 44.66 -6.81 -13.33
N LEU F 79 43.34 -6.77 -13.45
CA LEU F 79 42.50 -7.94 -13.21
C LEU F 79 41.61 -8.21 -14.40
N ALA F 80 41.70 -9.42 -14.95
CA ALA F 80 40.79 -9.87 -15.99
C ALA F 80 39.61 -10.60 -15.35
N CYS F 81 38.48 -10.65 -16.06
CA CYS F 81 37.27 -11.27 -15.51
C CYS F 81 36.30 -11.73 -16.60
N SER F 82 35.75 -12.92 -16.41
CA SER F 82 34.67 -13.43 -17.25
C SER F 82 33.72 -14.28 -16.40
N THR F 83 32.59 -14.66 -16.98
CA THR F 83 31.59 -15.46 -16.27
C THR F 83 31.90 -16.97 -16.27
N ASP F 84 33.01 -17.35 -16.88
CA ASP F 84 33.51 -18.73 -16.83
C ASP F 84 34.15 -19.01 -15.48
N SER F 85 34.26 -20.29 -15.12
CA SER F 85 34.82 -20.70 -13.83
C SER F 85 36.35 -20.68 -13.83
N VAL F 86 36.93 -20.82 -12.65
CA VAL F 86 38.38 -20.93 -12.49
C VAL F 86 38.94 -22.19 -13.17
N PHE F 87 38.12 -23.24 -13.21
CA PHE F 87 38.50 -24.49 -13.86
C PHE F 87 38.57 -24.30 -15.37
N SER F 88 37.64 -23.50 -15.89
CA SER F 88 37.64 -23.12 -17.29
C SER F 88 38.84 -22.22 -17.59
N HIS F 89 39.12 -21.27 -16.68
CA HIS F 89 40.26 -20.37 -16.82
C HIS F 89 41.57 -21.10 -16.86
N LEU F 90 41.75 -22.04 -15.91
CA LEU F 90 43.00 -22.79 -15.79
C LEU F 90 43.25 -23.68 -17.00
N ALA F 91 42.19 -24.33 -17.48
CA ALA F 91 42.30 -25.16 -18.68
C ALA F 91 42.70 -24.33 -19.91
N TRP F 92 42.20 -23.09 -19.99
CA TRP F 92 42.53 -22.19 -21.08
C TRP F 92 43.93 -21.66 -20.96
N ILE F 93 44.35 -21.40 -19.71
CA ILE F 93 45.71 -20.96 -19.42
C ILE F 93 46.73 -22.07 -19.73
N ASN F 94 46.34 -23.31 -19.44
CA ASN F 94 47.16 -24.48 -19.75
C ASN F 94 47.15 -24.89 -21.22
N THR F 95 46.30 -24.24 -22.02
CA THR F 95 46.29 -24.43 -23.46
C THR F 95 47.31 -23.50 -24.10
N PRO F 96 48.26 -24.05 -24.89
CA PRO F 96 49.29 -23.22 -25.52
C PRO F 96 48.70 -22.20 -26.49
N ARG F 97 49.33 -21.03 -26.55
CA ARG F 97 48.89 -19.95 -27.43
C ARG F 97 48.80 -20.35 -28.90
N LYS F 98 49.68 -21.28 -29.31
CA LYS F 98 49.66 -21.82 -30.68
C LYS F 98 48.43 -22.67 -30.98
N HIS F 99 47.72 -23.09 -29.92
CA HIS F 99 46.47 -23.84 -30.07
C HIS F 99 45.27 -23.00 -29.71
N GLY F 100 45.44 -21.68 -29.74
CA GLY F 100 44.36 -20.75 -29.45
C GLY F 100 44.07 -20.55 -27.97
N GLY F 101 45.01 -20.95 -27.12
CA GLY F 101 44.88 -20.78 -25.67
C GLY F 101 45.48 -19.48 -25.18
N LEU F 102 45.40 -19.26 -23.87
CA LEU F 102 45.96 -18.05 -23.25
C LEU F 102 47.45 -18.17 -22.97
N GLY F 103 47.91 -19.39 -22.71
CA GLY F 103 49.28 -19.62 -22.25
C GLY F 103 49.46 -19.08 -20.84
N ASP F 104 50.71 -18.79 -20.47
CA ASP F 104 51.01 -18.17 -19.18
C ASP F 104 50.37 -16.79 -19.06
N MET F 105 49.71 -16.57 -17.93
CA MET F 105 49.14 -15.27 -17.59
C MET F 105 49.89 -14.65 -16.41
N LYS F 106 50.20 -13.37 -16.53
CA LYS F 106 50.91 -12.63 -15.49
C LYS F 106 49.94 -11.88 -14.59
N ILE F 107 48.67 -11.90 -14.95
CA ILE F 107 47.62 -11.20 -14.20
C ILE F 107 46.55 -12.16 -13.68
N PRO F 108 45.92 -11.83 -12.53
CA PRO F 108 44.81 -12.64 -12.05
C PRO F 108 43.67 -12.70 -13.06
N VAL F 109 43.06 -13.88 -13.21
CA VAL F 109 41.88 -14.03 -14.06
C VAL F 109 40.72 -14.45 -13.17
N LEU F 110 39.84 -13.50 -12.89
CA LEU F 110 38.70 -13.70 -12.00
C LEU F 110 37.59 -14.52 -12.65
N ALA F 111 36.95 -15.36 -11.83
CA ALA F 111 35.77 -16.11 -12.24
C ALA F 111 34.51 -15.47 -11.67
N ASP F 112 33.59 -15.11 -12.55
CA ASP F 112 32.34 -14.46 -12.15
C ASP F 112 31.15 -15.33 -12.55
N THR F 113 31.20 -16.61 -12.16
CA THR F 113 30.12 -17.57 -12.44
C THR F 113 28.83 -17.13 -11.77
N ASN F 114 28.99 -16.37 -10.68
CA ASN F 114 27.94 -15.65 -9.98
C ASN F 114 27.15 -14.69 -10.87
N HIS F 115 27.86 -14.01 -11.77
CA HIS F 115 27.34 -12.90 -12.57
C HIS F 115 27.24 -11.63 -11.77
N GLN F 116 27.51 -11.71 -10.47
CA GLN F 116 27.37 -10.57 -9.56
C GLN F 116 28.26 -9.38 -9.94
N ILE F 117 29.54 -9.66 -10.23
CA ILE F 117 30.48 -8.61 -10.62
C ILE F 117 30.07 -7.93 -11.93
N ALA F 118 29.69 -8.71 -12.92
CA ALA F 118 29.23 -8.17 -14.22
C ALA F 118 27.94 -7.35 -14.08
N LYS F 119 27.05 -7.80 -13.19
CA LYS F 119 25.84 -7.05 -12.87
C LYS F 119 26.16 -5.73 -12.18
N ASP F 120 27.04 -5.80 -11.18
CA ASP F 120 27.41 -4.62 -10.40
C ASP F 120 28.14 -3.56 -11.22
N TYR F 121 28.82 -3.99 -12.28
CA TYR F 121 29.53 -3.08 -13.16
C TYR F 121 28.76 -2.74 -14.43
N GLY F 122 27.54 -3.28 -14.52
CA GLY F 122 26.65 -3.03 -15.66
C GLY F 122 27.18 -3.51 -16.99
N VAL F 123 27.87 -4.64 -16.99
CA VAL F 123 28.46 -5.19 -18.22
C VAL F 123 27.88 -6.53 -18.65
N LEU F 124 26.94 -7.05 -17.87
CA LEU F 124 26.32 -8.34 -18.18
C LEU F 124 25.36 -8.22 -19.36
N LYS F 125 25.61 -9.04 -20.38
CA LYS F 125 24.67 -9.25 -21.46
C LYS F 125 23.69 -10.32 -20.97
N ASP F 126 22.52 -9.88 -20.51
CA ASP F 126 21.56 -10.74 -19.80
C ASP F 126 21.23 -12.05 -20.51
N ASP F 127 20.80 -11.95 -21.77
CA ASP F 127 20.31 -13.11 -22.51
C ASP F 127 21.35 -14.21 -22.73
N GLU F 128 22.63 -13.90 -22.49
CA GLU F 128 23.70 -14.86 -22.74
C GLU F 128 24.56 -15.20 -21.51
N GLY F 129 24.43 -14.42 -20.45
CA GLY F 129 25.22 -14.66 -19.24
C GLY F 129 26.71 -14.48 -19.47
N ILE F 130 27.05 -13.52 -20.33
CA ILE F 130 28.44 -13.17 -20.63
C ILE F 130 28.61 -11.66 -20.48
N ALA F 131 29.83 -11.24 -20.16
CA ALA F 131 30.13 -9.82 -19.98
C ALA F 131 30.55 -9.16 -21.29
N TYR F 132 30.08 -7.94 -21.49
CA TYR F 132 30.59 -7.06 -22.55
C TYR F 132 32.06 -6.69 -22.28
N ARG F 133 32.74 -6.16 -23.27
CA ARG F 133 34.16 -5.81 -23.13
C ARG F 133 34.33 -4.52 -22.34
N GLY F 134 34.09 -4.63 -21.03
CA GLY F 134 34.14 -3.50 -20.12
C GLY F 134 35.51 -3.37 -19.48
N LEU F 135 35.92 -2.13 -19.22
CA LEU F 135 37.17 -1.84 -18.55
C LEU F 135 36.94 -0.67 -17.60
N PHE F 136 37.49 -0.78 -16.40
CA PHE F 136 37.22 0.16 -15.32
C PHE F 136 38.50 0.50 -14.58
N ILE F 137 38.69 1.78 -14.29
CA ILE F 137 39.86 2.24 -13.54
C ILE F 137 39.43 2.72 -12.16
N ILE F 138 40.04 2.12 -11.15
CA ILE F 138 39.69 2.37 -9.75
C ILE F 138 40.93 2.91 -9.04
N ASP F 139 40.79 4.05 -8.37
CA ASP F 139 41.95 4.70 -7.74
C ASP F 139 42.35 4.03 -6.41
N PRO F 140 43.49 4.46 -5.81
CA PRO F 140 44.00 3.91 -4.55
C PRO F 140 43.00 3.96 -3.38
N LYS F 141 42.02 4.86 -3.47
CA LYS F 141 41.02 5.01 -2.42
C LYS F 141 39.74 4.23 -2.71
N GLY F 142 39.72 3.50 -3.84
CA GLY F 142 38.58 2.67 -4.21
C GLY F 142 37.50 3.41 -4.98
N ILE F 143 37.82 4.62 -5.44
CA ILE F 143 36.87 5.45 -6.18
C ILE F 143 36.99 5.16 -7.67
N LEU F 144 35.85 4.92 -8.33
CA LEU F 144 35.83 4.68 -9.76
C LEU F 144 36.12 5.96 -10.54
N ARG F 145 37.13 5.90 -11.42
CA ARG F 145 37.59 7.07 -12.15
C ARG F 145 37.28 7.03 -13.64
N GLN F 146 37.07 5.84 -14.18
CA GLN F 146 36.89 5.67 -15.62
C GLN F 146 36.02 4.47 -15.95
N ILE F 147 35.10 4.66 -16.90
CA ILE F 147 34.26 3.59 -17.41
C ILE F 147 34.46 3.44 -18.92
N THR F 148 34.72 2.21 -19.35
CA THR F 148 34.79 1.86 -20.75
C THR F 148 34.00 0.59 -20.97
N ILE F 149 33.06 0.62 -21.92
CA ILE F 149 32.33 -0.57 -22.34
C ILE F 149 32.29 -0.63 -23.86
N ASN F 150 32.83 -1.71 -24.42
CA ASN F 150 32.79 -1.95 -25.86
C ASN F 150 31.79 -3.05 -26.19
N ASP F 151 31.10 -2.89 -27.32
CA ASP F 151 30.35 -3.97 -27.91
C ASP F 151 31.32 -5.12 -28.22
N LEU F 152 30.82 -6.35 -28.19
CA LEU F 152 31.65 -7.56 -28.35
C LEU F 152 32.71 -7.56 -29.46
N PRO F 153 32.39 -7.02 -30.66
CA PRO F 153 33.34 -7.13 -31.78
C PRO F 153 34.65 -6.31 -31.68
N VAL F 154 34.71 -5.33 -30.79
CA VAL F 154 35.87 -4.43 -30.75
C VAL F 154 36.66 -4.51 -29.45
N GLY F 155 37.98 -4.73 -29.57
CA GLY F 155 38.86 -4.88 -28.42
C GLY F 155 39.38 -3.57 -27.86
N ARG F 156 40.16 -3.68 -26.80
CA ARG F 156 40.68 -2.52 -26.09
C ARG F 156 42.19 -2.35 -26.31
N SER F 157 42.69 -1.17 -25.98
CA SER F 157 44.09 -0.83 -26.19
C SER F 157 44.82 -0.68 -24.85
N VAL F 158 45.96 -1.39 -24.73
CA VAL F 158 46.83 -1.28 -23.57
C VAL F 158 47.42 0.14 -23.51
N ASP F 159 47.82 0.66 -24.68
CA ASP F 159 48.35 2.02 -24.79
C ASP F 159 47.38 3.07 -24.25
N GLU F 160 46.11 2.97 -24.66
CA GLU F 160 45.07 3.86 -24.16
C GLU F 160 44.85 3.70 -22.65
N THR F 161 44.83 2.46 -22.20
CA THR F 161 44.67 2.16 -20.78
C THR F 161 45.83 2.75 -19.98
N LEU F 162 47.04 2.62 -20.50
CA LEU F 162 48.22 3.23 -19.89
C LEU F 162 48.15 4.75 -19.88
N ARG F 163 47.69 5.34 -20.99
CA ARG F 163 47.51 6.78 -21.06
C ARG F 163 46.57 7.26 -19.94
N LEU F 164 45.42 6.62 -19.84
CA LEU F 164 44.40 6.99 -18.86
C LEU F 164 44.92 6.95 -17.42
N VAL F 165 45.47 5.80 -17.01
CA VAL F 165 45.94 5.62 -15.64
C VAL F 165 47.04 6.61 -15.24
N GLN F 166 47.98 6.86 -16.15
CA GLN F 166 49.07 7.81 -15.91
C GLN F 166 48.52 9.22 -15.77
N ALA F 167 47.53 9.56 -16.59
CA ALA F 167 46.87 10.86 -16.51
C ALA F 167 46.14 11.02 -15.19
N PHE F 168 45.54 9.93 -14.71
CA PHE F 168 44.88 9.96 -13.41
C PHE F 168 45.88 10.07 -12.27
N GLN F 169 46.98 9.33 -12.38
CA GLN F 169 48.03 9.40 -11.38
C GLN F 169 48.64 10.79 -11.36
N TYR F 170 48.85 11.34 -12.56
CA TYR F 170 49.45 12.65 -12.70
C TYR F 170 48.58 13.74 -12.09
N THR F 171 47.31 13.79 -12.49
CA THR F 171 46.42 14.84 -12.00
C THR F 171 46.06 14.67 -10.52
N ASP F 172 46.22 13.46 -10.01
CA ASP F 172 46.03 13.23 -8.57
C ASP F 172 47.00 14.06 -7.75
N LYS F 173 48.19 14.27 -8.31
CA LYS F 173 49.25 15.03 -7.63
C LYS F 173 49.30 16.51 -8.01
N HIS F 174 48.88 16.83 -9.23
CA HIS F 174 49.14 18.16 -9.80
C HIS F 174 47.94 18.96 -10.22
N GLY F 175 46.84 18.29 -10.52
CA GLY F 175 45.67 18.96 -11.12
C GLY F 175 45.79 18.90 -12.63
N GLU F 176 45.03 19.75 -13.33
CA GLU F 176 45.03 19.74 -14.80
C GLU F 176 46.17 20.56 -15.39
N VAL F 177 46.43 20.37 -16.69
CA VAL F 177 47.57 20.99 -17.40
C VAL F 177 47.49 22.52 -17.41
N MET G 9 10.71 -19.83 -7.29
CA MET G 9 11.42 -19.63 -8.58
C MET G 9 11.50 -20.90 -9.44
N SER G 10 11.61 -22.05 -8.79
CA SER G 10 11.57 -23.34 -9.50
C SER G 10 10.22 -23.52 -10.17
N LYS G 11 10.24 -24.06 -11.39
CA LYS G 11 9.02 -24.35 -12.13
C LYS G 11 8.80 -25.86 -12.28
N ALA G 12 9.68 -26.64 -11.64
CA ALA G 12 9.63 -28.09 -11.73
C ALA G 12 8.68 -28.69 -10.69
N PHE G 13 7.58 -29.26 -11.16
CA PHE G 13 6.61 -29.90 -10.28
C PHE G 13 6.16 -31.25 -10.86
N ILE G 14 6.15 -32.27 -10.02
CA ILE G 14 5.69 -33.60 -10.40
C ILE G 14 4.25 -33.54 -10.92
N GLY G 15 4.00 -34.22 -12.04
CA GLY G 15 2.64 -34.29 -12.61
C GLY G 15 2.27 -33.10 -13.48
N LYS G 16 3.14 -32.08 -13.49
CA LYS G 16 2.95 -30.89 -14.31
C LYS G 16 3.90 -30.92 -15.50
N PRO G 17 3.53 -30.24 -16.62
CA PRO G 17 4.46 -30.13 -17.73
C PRO G 17 5.83 -29.67 -17.25
N ALA G 18 6.88 -30.40 -17.66
CA ALA G 18 8.25 -30.06 -17.33
C ALA G 18 8.61 -28.66 -17.84
N PRO G 19 9.42 -27.90 -17.07
CA PRO G 19 9.81 -26.57 -17.52
C PRO G 19 10.43 -26.63 -18.91
N ASP G 20 9.94 -25.80 -19.81
CA ASP G 20 10.41 -25.76 -21.17
C ASP G 20 11.83 -25.21 -21.21
N PHE G 21 12.66 -25.77 -22.08
CA PHE G 21 14.01 -25.24 -22.29
C PHE G 21 14.38 -25.21 -23.77
N ALA G 22 15.19 -24.22 -24.12
CA ALA G 22 15.75 -24.09 -25.46
C ALA G 22 17.12 -23.43 -25.34
N THR G 23 18.16 -24.16 -25.72
CA THR G 23 19.53 -23.64 -25.61
C THR G 23 20.48 -24.26 -26.62
N LYS G 24 21.70 -23.74 -26.68
CA LYS G 24 22.77 -24.30 -27.50
C LYS G 24 23.43 -25.48 -26.80
N ALA G 25 23.87 -26.46 -27.60
CA ALA G 25 24.51 -27.66 -27.08
C ALA G 25 25.63 -28.14 -28.00
N VAL G 26 26.54 -28.93 -27.44
CA VAL G 26 27.51 -29.66 -28.26
C VAL G 26 27.00 -31.07 -28.49
N PHE G 27 26.88 -31.45 -29.75
CA PHE G 27 26.56 -32.83 -30.13
C PHE G 27 27.38 -33.23 -31.35
N ASP G 28 28.06 -34.37 -31.24
CA ASP G 28 28.93 -34.89 -32.30
C ASP G 28 29.95 -33.86 -32.78
N GLY G 29 30.56 -33.16 -31.83
CA GLY G 29 31.59 -32.15 -32.11
C GLY G 29 31.09 -30.85 -32.71
N ASP G 30 29.76 -30.71 -32.81
CA ASP G 30 29.16 -29.53 -33.44
C ASP G 30 28.23 -28.77 -32.51
N PHE G 31 27.96 -27.51 -32.84
CA PHE G 31 27.01 -26.70 -32.11
C PHE G 31 25.60 -26.86 -32.66
N VAL G 32 24.67 -27.26 -31.80
CA VAL G 32 23.28 -27.49 -32.19
C VAL G 32 22.31 -26.79 -31.24
N ASP G 33 21.09 -26.59 -31.73
CA ASP G 33 19.99 -26.07 -30.90
C ASP G 33 19.19 -27.24 -30.35
N VAL G 34 18.89 -27.19 -29.06
CA VAL G 34 18.09 -28.23 -28.41
C VAL G 34 16.86 -27.59 -27.78
N LYS G 35 15.70 -28.13 -28.12
CA LYS G 35 14.43 -27.72 -27.52
C LYS G 35 13.81 -28.93 -26.85
N LEU G 36 13.08 -28.70 -25.76
CA LEU G 36 12.34 -29.78 -25.10
C LEU G 36 11.30 -30.41 -26.04
N SER G 37 10.63 -29.56 -26.82
CA SER G 37 9.58 -30.00 -27.75
C SER G 37 10.09 -30.92 -28.87
N ASP G 38 11.40 -30.97 -29.06
CA ASP G 38 12.01 -31.89 -30.03
C ASP G 38 11.81 -33.36 -29.62
N TYR G 39 11.61 -33.59 -28.32
CA TYR G 39 11.58 -34.94 -27.77
C TYR G 39 10.18 -35.41 -27.42
N LYS G 40 9.17 -34.71 -27.93
CA LYS G 40 7.78 -35.12 -27.80
C LYS G 40 7.62 -36.54 -28.37
N GLY G 41 6.96 -37.41 -27.62
CA GLY G 41 6.80 -38.81 -28.00
C GLY G 41 7.89 -39.73 -27.44
N LYS G 42 8.83 -39.15 -26.70
CA LYS G 42 9.93 -39.90 -26.08
C LYS G 42 10.08 -39.54 -24.62
N TYR G 43 10.58 -40.49 -23.82
CA TYR G 43 11.06 -40.17 -22.47
C TYR G 43 12.39 -39.42 -22.56
N VAL G 44 12.55 -38.44 -21.68
CA VAL G 44 13.78 -37.63 -21.65
C VAL G 44 14.38 -37.69 -20.24
N VAL G 45 15.68 -37.94 -20.18
CA VAL G 45 16.45 -37.77 -18.96
C VAL G 45 17.30 -36.52 -19.14
N LEU G 46 17.05 -35.52 -18.32
CA LEU G 46 17.87 -34.32 -18.28
C LEU G 46 18.63 -34.32 -16.98
N PHE G 47 19.95 -34.30 -17.07
CA PHE G 47 20.75 -34.25 -15.85
C PHE G 47 21.76 -33.10 -15.90
N PHE G 48 22.01 -32.54 -14.71
CA PHE G 48 22.86 -31.38 -14.56
C PHE G 48 24.15 -31.76 -13.85
N TYR G 49 25.23 -31.07 -14.21
CA TYR G 49 26.48 -31.22 -13.48
C TYR G 49 27.05 -29.83 -13.21
N PRO G 50 27.93 -29.70 -12.20
CA PRO G 50 28.41 -28.38 -11.77
C PRO G 50 29.33 -27.65 -12.76
N LEU G 51 30.44 -28.28 -13.12
CA LEU G 51 31.53 -27.58 -13.79
C LEU G 51 32.32 -28.40 -14.81
N ASP G 52 32.58 -27.79 -15.96
CA ASP G 52 33.58 -28.32 -16.87
C ASP G 52 34.97 -28.23 -16.25
N PHE G 53 35.87 -29.13 -16.64
CA PHE G 53 37.30 -29.08 -16.29
C PHE G 53 37.64 -29.23 -14.80
N THR G 54 36.80 -29.92 -14.04
CA THR G 54 37.11 -30.18 -12.63
C THR G 54 38.26 -31.19 -12.51
N PHE G 55 38.99 -31.12 -11.41
CA PHE G 55 40.12 -32.03 -11.16
C PHE G 55 39.66 -33.46 -10.94
N VAL G 56 38.43 -33.63 -10.46
CA VAL G 56 37.84 -34.95 -10.27
C VAL G 56 37.40 -35.48 -11.62
N CYS G 57 37.85 -36.70 -11.96
CA CYS G 57 37.50 -37.36 -13.22
C CYS G 57 35.99 -37.53 -13.41
N PRO G 58 35.46 -37.08 -14.56
CA PRO G 58 34.02 -37.01 -14.81
C PRO G 58 33.38 -38.36 -15.17
N THR G 59 33.60 -39.36 -14.33
CA THR G 59 33.15 -40.73 -14.60
C THR G 59 31.62 -40.87 -14.67
N GLU G 60 30.91 -40.21 -13.76
CA GLU G 60 29.44 -40.28 -13.76
C GLU G 60 28.81 -39.72 -15.03
N ILE G 61 29.38 -38.63 -15.54
CA ILE G 61 28.94 -38.02 -16.80
C ILE G 61 29.26 -38.95 -17.97
N ILE G 62 30.49 -39.47 -17.98
CA ILE G 62 30.96 -40.41 -19.01
C ILE G 62 30.09 -41.66 -19.06
N ALA G 63 29.68 -42.15 -17.88
CA ALA G 63 28.82 -43.33 -17.77
C ALA G 63 27.52 -43.20 -18.56
N PHE G 64 26.91 -42.02 -18.52
CA PHE G 64 25.65 -41.78 -19.25
C PHE G 64 25.84 -41.74 -20.77
N SER G 65 27.05 -41.34 -21.20
CA SER G 65 27.42 -41.36 -22.61
C SER G 65 27.78 -42.77 -23.07
N ASP G 66 28.65 -43.44 -22.33
CA ASP G 66 29.07 -44.81 -22.62
C ASP G 66 27.90 -45.78 -22.69
N ARG G 67 26.92 -45.59 -21.81
CA ARG G 67 25.77 -46.50 -21.72
C ARG G 67 24.52 -45.95 -22.41
N PHE G 68 24.69 -44.97 -23.29
CA PHE G 68 23.55 -44.41 -24.04
C PHE G 68 22.81 -45.42 -24.93
N PRO G 69 23.54 -46.38 -25.54
CA PRO G 69 22.84 -47.45 -26.27
C PRO G 69 21.69 -48.10 -25.48
N GLU G 70 21.89 -48.30 -24.17
CA GLU G 70 20.85 -48.86 -23.30
C GLU G 70 19.64 -47.94 -23.20
N PHE G 71 19.86 -46.63 -23.21
CA PHE G 71 18.77 -45.66 -23.21
C PHE G 71 18.07 -45.60 -24.57
N LYS G 72 18.86 -45.60 -25.65
CA LYS G 72 18.31 -45.58 -27.01
C LYS G 72 17.51 -46.84 -27.31
N ASN G 73 17.94 -47.97 -26.74
CA ASN G 73 17.21 -49.23 -26.80
C ASN G 73 15.79 -49.09 -26.25
N LEU G 74 15.64 -48.22 -25.25
CA LEU G 74 14.35 -47.96 -24.61
C LEU G 74 13.65 -46.72 -25.17
N ASN G 75 14.18 -46.19 -26.28
CA ASN G 75 13.67 -44.97 -26.91
C ASN G 75 13.67 -43.77 -25.95
N VAL G 76 14.79 -43.60 -25.25
CA VAL G 76 14.95 -42.54 -24.26
C VAL G 76 16.10 -41.61 -24.66
N ALA G 77 15.82 -40.31 -24.67
CA ALA G 77 16.84 -39.29 -24.91
C ALA G 77 17.52 -38.89 -23.60
N VAL G 78 18.83 -38.70 -23.67
CA VAL G 78 19.62 -38.29 -22.51
C VAL G 78 20.33 -36.98 -22.81
N LEU G 79 20.16 -36.00 -21.92
CA LEU G 79 20.73 -34.68 -22.07
C LEU G 79 21.53 -34.26 -20.84
N ALA G 80 22.80 -33.89 -21.06
CA ALA G 80 23.63 -33.31 -20.01
C ALA G 80 23.60 -31.79 -20.11
N CYS G 81 23.75 -31.11 -18.98
CA CYS G 81 23.66 -29.65 -18.94
C CYS G 81 24.49 -29.09 -17.79
N SER G 82 25.19 -27.99 -18.05
CA SER G 82 25.87 -27.22 -17.01
C SER G 82 25.84 -25.74 -17.37
N THR G 83 26.22 -24.88 -16.41
CA THR G 83 26.21 -23.43 -16.62
C THR G 83 27.39 -22.93 -17.46
N ASP G 84 28.26 -23.86 -17.87
CA ASP G 84 29.40 -23.54 -18.72
C ASP G 84 28.95 -23.28 -20.15
N SER G 85 29.79 -22.57 -20.90
CA SER G 85 29.49 -22.25 -22.29
C SER G 85 29.67 -23.45 -23.20
N VAL G 86 29.15 -23.34 -24.40
CA VAL G 86 29.26 -24.35 -25.42
C VAL G 86 30.72 -24.50 -25.87
N PHE G 87 31.48 -23.42 -25.71
CA PHE G 87 32.90 -23.38 -26.09
C PHE G 87 33.78 -24.19 -25.14
N SER G 88 33.54 -24.05 -23.84
CA SER G 88 34.29 -24.84 -22.87
C SER G 88 33.80 -26.30 -22.83
N HIS G 89 32.56 -26.53 -23.22
CA HIS G 89 32.05 -27.89 -23.42
C HIS G 89 32.85 -28.59 -24.48
N LEU G 90 32.97 -27.94 -25.64
CA LEU G 90 33.69 -28.49 -26.78
C LEU G 90 35.16 -28.75 -26.47
N ALA G 91 35.78 -27.82 -25.75
CA ALA G 91 37.18 -27.94 -25.35
C ALA G 91 37.40 -29.13 -24.41
N TRP G 92 36.44 -29.37 -23.54
CA TRP G 92 36.50 -30.48 -22.59
C TRP G 92 36.24 -31.80 -23.27
N ILE G 93 35.36 -31.76 -24.27
CA ILE G 93 35.08 -32.91 -25.13
C ILE G 93 36.32 -33.26 -25.97
N ASN G 94 37.02 -32.23 -26.45
CA ASN G 94 38.25 -32.41 -27.23
C ASN G 94 39.49 -32.76 -26.38
N THR G 95 39.32 -32.80 -25.06
CA THR G 95 40.36 -33.26 -24.16
C THR G 95 40.17 -34.77 -23.95
N PRO G 96 41.18 -35.57 -24.31
CA PRO G 96 41.13 -37.02 -24.12
C PRO G 96 40.89 -37.40 -22.65
N ARG G 97 40.16 -38.50 -22.44
CA ARG G 97 39.78 -38.94 -21.11
C ARG G 97 40.95 -39.29 -20.19
N LYS G 98 42.08 -39.65 -20.79
CA LYS G 98 43.31 -39.94 -20.02
C LYS G 98 43.93 -38.66 -19.43
N HIS G 99 43.52 -37.51 -19.94
CA HIS G 99 43.93 -36.22 -19.40
C HIS G 99 42.81 -35.55 -18.65
N GLY G 100 41.79 -36.33 -18.29
CA GLY G 100 40.68 -35.84 -17.47
C GLY G 100 39.55 -35.15 -18.21
N GLY G 101 39.53 -35.29 -19.53
CA GLY G 101 38.47 -34.70 -20.35
C GLY G 101 37.26 -35.60 -20.47
N LEU G 102 36.26 -35.14 -21.21
CA LEU G 102 35.05 -35.92 -21.47
C LEU G 102 35.23 -36.91 -22.62
N GLY G 103 36.15 -36.60 -23.53
CA GLY G 103 36.35 -37.39 -24.73
C GLY G 103 35.13 -37.38 -25.63
N ASP G 104 34.95 -38.45 -26.38
CA ASP G 104 33.77 -38.60 -27.24
C ASP G 104 32.50 -38.71 -26.41
N MET G 105 31.56 -37.80 -26.64
CA MET G 105 30.25 -37.84 -25.99
C MET G 105 29.19 -38.27 -26.99
N LYS G 106 28.40 -39.27 -26.61
CA LYS G 106 27.33 -39.79 -27.46
C LYS G 106 26.01 -39.08 -27.18
N ILE G 107 26.03 -38.17 -26.20
CA ILE G 107 24.84 -37.40 -25.81
C ILE G 107 25.07 -35.90 -25.98
N PRO G 108 24.00 -35.13 -26.27
CA PRO G 108 24.15 -33.67 -26.34
C PRO G 108 24.52 -33.10 -24.98
N VAL G 109 25.44 -32.14 -24.96
CA VAL G 109 25.82 -31.45 -23.73
C VAL G 109 25.38 -29.99 -23.84
N LEU G 110 24.37 -29.64 -23.06
CA LEU G 110 23.72 -28.32 -23.12
C LEU G 110 24.49 -27.26 -22.35
N ALA G 111 24.50 -26.04 -22.91
CA ALA G 111 25.08 -24.88 -22.25
C ALA G 111 23.97 -24.01 -21.65
N ASP G 112 24.14 -23.65 -20.38
CA ASP G 112 23.14 -22.89 -19.65
C ASP G 112 23.79 -21.67 -19.01
N THR G 113 24.51 -20.90 -19.83
CA THR G 113 25.22 -19.70 -19.36
C THR G 113 24.24 -18.65 -18.85
N ASN G 114 23.02 -18.73 -19.36
CA ASN G 114 21.86 -18.00 -18.85
C ASN G 114 21.54 -18.21 -17.38
N HIS G 115 21.72 -19.46 -16.92
CA HIS G 115 21.21 -19.94 -15.64
C HIS G 115 19.72 -20.20 -15.69
N GLN G 116 19.10 -19.91 -16.83
CA GLN G 116 17.65 -20.00 -16.97
C GLN G 116 17.11 -21.41 -16.74
N ILE G 117 17.74 -22.41 -17.34
CA ILE G 117 17.33 -23.80 -17.21
C ILE G 117 17.54 -24.30 -15.77
N ALA G 118 18.71 -24.01 -15.21
CA ALA G 118 19.03 -24.39 -13.83
C ALA G 118 18.06 -23.74 -12.83
N LYS G 119 17.69 -22.48 -13.08
CA LYS G 119 16.69 -21.80 -12.24
C LYS G 119 15.30 -22.41 -12.37
N ASP G 120 14.89 -22.69 -13.61
CA ASP G 120 13.59 -23.29 -13.88
C ASP G 120 13.43 -24.69 -13.29
N TYR G 121 14.54 -25.43 -13.22
CA TYR G 121 14.52 -26.77 -12.63
C TYR G 121 14.91 -26.79 -11.15
N GLY G 122 15.15 -25.61 -10.60
CA GLY G 122 15.41 -25.43 -9.17
C GLY G 122 16.70 -26.08 -8.68
N VAL G 123 17.72 -26.08 -9.54
CA VAL G 123 18.99 -26.74 -9.22
C VAL G 123 20.19 -25.78 -9.17
N LEU G 124 19.93 -24.49 -9.38
CA LEU G 124 21.01 -23.51 -9.36
C LEU G 124 21.49 -23.23 -7.94
N LYS G 125 22.79 -23.37 -7.71
CA LYS G 125 23.42 -22.92 -6.48
C LYS G 125 23.79 -21.44 -6.65
N ASP G 126 22.95 -20.57 -6.11
CA ASP G 126 23.00 -19.12 -6.37
C ASP G 126 24.35 -18.46 -6.14
N ASP G 127 24.95 -18.70 -4.98
CA ASP G 127 26.21 -18.05 -4.61
C ASP G 127 27.37 -18.41 -5.54
N GLU G 128 27.20 -19.44 -6.35
CA GLU G 128 28.27 -19.94 -7.22
C GLU G 128 27.93 -19.93 -8.70
N GLY G 129 26.64 -19.83 -9.04
CA GLY G 129 26.20 -19.86 -10.44
C GLY G 129 26.50 -21.19 -11.13
N ILE G 130 26.45 -22.27 -10.35
CA ILE G 130 26.61 -23.63 -10.85
C ILE G 130 25.38 -24.47 -10.48
N ALA G 131 25.10 -25.51 -11.25
CA ALA G 131 23.99 -26.41 -10.93
C ALA G 131 24.42 -27.51 -9.97
N TYR G 132 23.52 -27.89 -9.08
CA TYR G 132 23.66 -29.10 -8.28
C TYR G 132 23.47 -30.31 -9.20
N ARG G 133 23.90 -31.48 -8.74
CA ARG G 133 23.77 -32.69 -9.54
C ARG G 133 22.33 -33.17 -9.55
N GLY G 134 21.53 -32.53 -10.39
CA GLY G 134 20.12 -32.82 -10.52
C GLY G 134 19.84 -33.69 -11.72
N LEU G 135 18.83 -34.55 -11.59
CA LEU G 135 18.40 -35.42 -12.67
C LEU G 135 16.89 -35.40 -12.67
N PHE G 136 16.31 -35.38 -13.87
CA PHE G 136 14.88 -35.22 -14.06
C PHE G 136 14.40 -36.15 -15.17
N ILE G 137 13.27 -36.81 -14.93
CA ILE G 137 12.68 -37.69 -15.94
C ILE G 137 11.36 -37.11 -16.45
N ILE G 138 11.30 -36.92 -17.76
CA ILE G 138 10.16 -36.30 -18.43
C ILE G 138 9.55 -37.31 -19.42
N ASP G 139 8.23 -37.47 -19.39
CA ASP G 139 7.55 -38.47 -20.21
C ASP G 139 7.25 -37.98 -21.64
N PRO G 140 6.75 -38.87 -22.52
CA PRO G 140 6.47 -38.53 -23.93
C PRO G 140 5.53 -37.34 -24.12
N LYS G 141 4.71 -37.05 -23.10
CA LYS G 141 3.75 -35.95 -23.19
C LYS G 141 4.28 -34.64 -22.59
N GLY G 142 5.52 -34.66 -22.11
CA GLY G 142 6.18 -33.47 -21.58
C GLY G 142 5.99 -33.29 -20.08
N ILE G 143 5.46 -34.31 -19.43
CA ILE G 143 5.12 -34.24 -18.00
C ILE G 143 6.31 -34.70 -17.15
N LEU G 144 6.63 -33.92 -16.13
CA LEU G 144 7.70 -34.29 -15.19
C LEU G 144 7.26 -35.43 -14.27
N ARG G 145 8.04 -36.51 -14.25
CA ARG G 145 7.70 -37.71 -13.48
C ARG G 145 8.62 -37.95 -12.28
N GLN G 146 9.83 -37.42 -12.34
CA GLN G 146 10.84 -37.72 -11.31
C GLN G 146 11.80 -36.55 -11.08
N ILE G 147 12.05 -36.25 -9.81
CA ILE G 147 13.01 -35.21 -9.44
C ILE G 147 14.10 -35.85 -8.57
N THR G 148 15.35 -35.68 -9.00
CA THR G 148 16.51 -36.10 -8.22
C THR G 148 17.48 -34.94 -8.13
N ILE G 149 17.88 -34.58 -6.91
CA ILE G 149 18.88 -33.53 -6.72
C ILE G 149 19.89 -33.96 -5.66
N ASN G 150 21.15 -34.09 -6.08
CA ASN G 150 22.24 -34.42 -5.17
C ASN G 150 23.08 -33.21 -4.83
N ASP G 151 23.54 -33.16 -3.59
CA ASP G 151 24.61 -32.24 -3.20
C ASP G 151 25.85 -32.58 -4.06
N LEU G 152 26.71 -31.57 -4.26
CA LEU G 152 27.87 -31.65 -5.16
C LEU G 152 28.77 -32.91 -5.09
N PRO G 153 29.10 -33.40 -3.87
CA PRO G 153 30.07 -34.50 -3.78
C PRO G 153 29.62 -35.89 -4.26
N VAL G 154 28.32 -36.08 -4.52
CA VAL G 154 27.79 -37.42 -4.80
C VAL G 154 27.13 -37.52 -6.18
N GLY G 155 27.55 -38.51 -6.96
CA GLY G 155 27.08 -38.68 -8.33
C GLY G 155 25.82 -39.52 -8.49
N ARG G 156 25.36 -39.60 -9.74
CA ARG G 156 24.16 -40.35 -10.11
C ARG G 156 24.52 -41.76 -10.58
N SER G 157 23.54 -42.67 -10.52
CA SER G 157 23.70 -44.03 -11.01
C SER G 157 22.89 -44.26 -12.29
N VAL G 158 23.54 -44.77 -13.32
CA VAL G 158 22.87 -45.11 -14.59
C VAL G 158 21.84 -46.24 -14.38
N ASP G 159 22.20 -47.23 -13.55
CA ASP G 159 21.31 -48.34 -13.23
C ASP G 159 20.01 -47.89 -12.59
N GLU G 160 20.11 -46.93 -11.66
CA GLU G 160 18.93 -46.37 -11.01
C GLU G 160 18.08 -45.59 -12.02
N THR G 161 18.74 -44.81 -12.87
CA THR G 161 18.04 -44.03 -13.89
C THR G 161 17.24 -44.93 -14.84
N LEU G 162 17.87 -46.02 -15.28
CA LEU G 162 17.22 -47.01 -16.13
C LEU G 162 16.07 -47.73 -15.42
N ARG G 163 16.26 -48.04 -14.14
CA ARG G 163 15.19 -48.63 -13.33
C ARG G 163 13.98 -47.70 -13.30
N LEU G 164 14.22 -46.43 -12.98
CA LEU G 164 13.15 -45.43 -12.90
C LEU G 164 12.40 -45.27 -14.23
N VAL G 165 13.14 -45.04 -15.31
CA VAL G 165 12.55 -44.86 -16.64
C VAL G 165 11.71 -46.08 -17.05
N GLN G 166 12.25 -47.28 -16.85
CA GLN G 166 11.53 -48.51 -17.18
C GLN G 166 10.30 -48.73 -16.31
N ALA G 167 10.40 -48.37 -15.03
CA ALA G 167 9.25 -48.44 -14.13
C ALA G 167 8.14 -47.47 -14.56
N PHE G 168 8.54 -46.30 -15.05
CA PHE G 168 7.58 -45.33 -15.56
C PHE G 168 6.95 -45.77 -16.87
N GLN G 169 7.75 -46.33 -17.77
CA GLN G 169 7.24 -46.84 -19.03
C GLN G 169 6.30 -48.00 -18.76
N TYR G 170 6.68 -48.81 -17.79
CA TYR G 170 5.88 -49.97 -17.43
C TYR G 170 4.52 -49.60 -16.89
N THR G 171 4.48 -48.67 -15.95
CA THR G 171 3.24 -48.25 -15.30
C THR G 171 2.38 -47.38 -16.22
N ASP G 172 2.98 -46.78 -17.25
CA ASP G 172 2.23 -46.08 -18.29
C ASP G 172 1.31 -47.05 -19.04
N LYS G 173 1.78 -48.28 -19.21
CA LYS G 173 1.08 -49.28 -20.02
C LYS G 173 0.18 -50.20 -19.19
N HIS G 174 0.60 -50.49 -17.96
CA HIS G 174 -0.06 -51.51 -17.13
C HIS G 174 -0.76 -50.97 -15.91
N GLY G 175 -0.33 -49.80 -15.44
CA GLY G 175 -0.93 -49.17 -14.26
C GLY G 175 -0.46 -49.79 -12.97
N HIS H 8 2.07 -24.37 1.92
CA HIS H 8 2.34 -23.23 1.00
C HIS H 8 3.66 -23.35 0.30
N MET H 9 4.75 -23.13 1.03
CA MET H 9 6.08 -23.02 0.44
C MET H 9 7.03 -24.10 0.93
N SER H 10 7.69 -24.77 -0.01
CA SER H 10 8.71 -25.76 0.32
C SER H 10 9.90 -25.09 1.00
N LYS H 11 10.46 -25.76 2.00
CA LYS H 11 11.60 -25.24 2.75
C LYS H 11 12.80 -26.16 2.62
N ALA H 12 12.71 -27.11 1.69
CA ALA H 12 13.74 -28.11 1.48
C ALA H 12 14.73 -27.66 0.42
N PHE H 13 15.93 -27.30 0.86
CA PHE H 13 16.98 -26.87 -0.05
C PHE H 13 18.27 -27.59 0.25
N ILE H 14 18.91 -28.11 -0.80
CA ILE H 14 20.23 -28.74 -0.70
C ILE H 14 21.23 -27.76 -0.08
N GLY H 15 22.02 -28.23 0.87
CA GLY H 15 23.05 -27.42 1.51
C GLY H 15 22.54 -26.56 2.63
N LYS H 16 21.22 -26.52 2.79
CA LYS H 16 20.58 -25.76 3.86
C LYS H 16 20.11 -26.70 4.96
N PRO H 17 19.91 -26.18 6.19
CA PRO H 17 19.35 -27.01 7.25
C PRO H 17 18.01 -27.61 6.82
N ALA H 18 17.87 -28.92 6.95
CA ALA H 18 16.66 -29.63 6.56
C ALA H 18 15.45 -29.13 7.35
N PRO H 19 14.27 -29.03 6.69
CA PRO H 19 13.10 -28.57 7.41
C PRO H 19 12.89 -29.39 8.68
N ASP H 20 12.84 -28.69 9.80
CA ASP H 20 12.65 -29.30 11.11
C ASP H 20 11.26 -29.91 11.16
N PHE H 21 11.16 -31.11 11.73
CA PHE H 21 9.87 -31.77 11.88
C PHE H 21 9.70 -32.37 13.26
N ALA H 22 8.45 -32.42 13.70
CA ALA H 22 8.07 -32.97 14.99
C ALA H 22 6.64 -33.47 14.89
N THR H 23 6.46 -34.79 15.04
CA THR H 23 5.14 -35.39 14.95
C THR H 23 5.06 -36.70 15.72
N LYS H 24 3.87 -37.30 15.77
CA LYS H 24 3.67 -38.61 16.39
C LYS H 24 3.92 -39.73 15.38
N ALA H 25 4.46 -40.84 15.86
CA ALA H 25 4.75 -42.00 15.02
C ALA H 25 4.40 -43.31 15.71
N VAL H 26 4.09 -44.33 14.92
CA VAL H 26 3.93 -45.67 15.45
C VAL H 26 5.29 -46.37 15.40
N PHE H 27 5.78 -46.81 16.55
CA PHE H 27 7.05 -47.53 16.63
C PHE H 27 7.01 -48.54 17.75
N ASP H 28 7.33 -49.78 17.41
CA ASP H 28 7.39 -50.91 18.35
C ASP H 28 6.19 -50.98 19.29
N GLY H 29 5.00 -51.02 18.72
CA GLY H 29 3.76 -51.21 19.49
C GLY H 29 3.29 -50.03 20.33
N ASP H 30 3.88 -48.86 20.09
CA ASP H 30 3.48 -47.64 20.79
C ASP H 30 3.43 -46.41 19.89
N PHE H 31 2.71 -45.39 20.36
CA PHE H 31 2.78 -44.07 19.75
C PHE H 31 3.91 -43.30 20.42
N VAL H 32 4.84 -42.79 19.62
CA VAL H 32 5.98 -42.03 20.15
C VAL H 32 6.09 -40.65 19.48
N ASP H 33 6.81 -39.73 20.13
CA ASP H 33 7.12 -38.43 19.56
C ASP H 33 8.45 -38.50 18.82
N VAL H 34 8.48 -37.93 17.62
CA VAL H 34 9.70 -37.91 16.82
C VAL H 34 10.05 -36.48 16.39
N LYS H 35 11.29 -36.08 16.66
CA LYS H 35 11.82 -34.78 16.23
C LYS H 35 13.10 -35.01 15.42
N LEU H 36 13.40 -34.09 14.51
CA LEU H 36 14.67 -34.14 13.76
C LEU H 36 15.88 -34.05 14.70
N SER H 37 15.77 -33.20 15.72
CA SER H 37 16.87 -32.97 16.67
C SER H 37 17.29 -34.24 17.44
N ASP H 38 16.39 -35.22 17.53
CA ASP H 38 16.70 -36.52 18.15
C ASP H 38 17.80 -37.26 17.38
N TYR H 39 18.01 -36.85 16.12
CA TYR H 39 18.93 -37.56 15.24
C TYR H 39 20.22 -36.81 14.96
N LYS H 40 20.46 -35.73 15.72
CA LYS H 40 21.76 -35.03 15.68
C LYS H 40 22.88 -36.04 15.83
N GLY H 41 23.88 -35.95 14.94
CA GLY H 41 25.04 -36.84 15.01
C GLY H 41 24.98 -38.07 14.11
N LYS H 42 23.85 -38.30 13.45
CA LYS H 42 23.74 -39.40 12.49
C LYS H 42 22.93 -39.03 11.25
N TYR H 43 23.15 -39.78 10.16
CA TYR H 43 22.37 -39.61 8.94
C TYR H 43 20.93 -40.09 9.11
N VAL H 44 20.02 -39.35 8.49
CA VAL H 44 18.58 -39.66 8.51
C VAL H 44 18.08 -39.81 7.08
N VAL H 45 17.37 -40.91 6.82
CA VAL H 45 16.61 -41.04 5.59
C VAL H 45 15.14 -40.86 5.93
N LEU H 46 14.54 -39.79 5.41
CA LEU H 46 13.12 -39.54 5.59
C LEU H 46 12.41 -39.81 4.28
N PHE H 47 11.45 -40.73 4.28
CA PHE H 47 10.71 -41.01 3.06
C PHE H 47 9.20 -41.00 3.23
N PHE H 48 8.52 -40.48 2.20
CA PHE H 48 7.09 -40.28 2.20
C PHE H 48 6.43 -41.32 1.30
N TYR H 49 5.21 -41.68 1.67
CA TYR H 49 4.37 -42.50 0.83
C TYR H 49 2.96 -41.91 0.86
N PRO H 50 2.14 -42.21 -0.16
CA PRO H 50 0.83 -41.54 -0.30
C PRO H 50 -0.22 -41.92 0.75
N LEU H 51 -0.49 -43.22 0.90
CA LEU H 51 -1.70 -43.67 1.59
C LEU H 51 -1.56 -45.02 2.27
N ASP H 52 -2.03 -45.11 3.50
CA ASP H 52 -2.27 -46.40 4.15
C ASP H 52 -3.39 -47.16 3.43
N PHE H 53 -3.34 -48.49 3.50
CA PHE H 53 -4.40 -49.38 2.98
C PHE H 53 -4.66 -49.33 1.47
N THR H 54 -3.64 -49.02 0.68
CA THR H 54 -3.77 -49.07 -0.78
C THR H 54 -3.86 -50.50 -1.26
N PHE H 55 -4.48 -50.71 -2.42
CA PHE H 55 -4.67 -52.05 -2.98
C PHE H 55 -3.38 -52.67 -3.51
N VAL H 56 -2.38 -51.84 -3.79
CA VAL H 56 -1.07 -52.31 -4.21
C VAL H 56 -0.23 -52.63 -2.99
N CYS H 57 0.40 -53.81 -3.00
CA CYS H 57 1.28 -54.25 -1.91
C CYS H 57 2.35 -53.20 -1.61
N PRO H 58 2.53 -52.86 -0.32
CA PRO H 58 3.53 -51.86 0.08
C PRO H 58 4.94 -52.45 0.17
N THR H 59 5.29 -53.29 -0.80
CA THR H 59 6.60 -53.96 -0.83
C THR H 59 7.75 -52.95 -0.73
N GLU H 60 7.58 -51.81 -1.39
CA GLU H 60 8.55 -50.73 -1.37
C GLU H 60 8.81 -50.21 0.05
N ILE H 61 7.75 -49.99 0.82
CA ILE H 61 7.85 -49.54 2.20
C ILE H 61 8.38 -50.65 3.11
N ILE H 62 7.91 -51.87 2.87
CA ILE H 62 8.34 -53.05 3.63
C ILE H 62 9.84 -53.31 3.48
N ALA H 63 10.36 -53.10 2.28
CA ALA H 63 11.79 -53.28 2.00
C ALA H 63 12.69 -52.45 2.92
N PHE H 64 12.29 -51.20 3.19
CA PHE H 64 13.05 -50.32 4.07
C PHE H 64 13.04 -50.79 5.53
N SER H 65 11.94 -51.44 5.93
CA SER H 65 11.83 -52.05 7.24
C SER H 65 12.63 -53.34 7.34
N ASP H 66 12.41 -54.25 6.38
CA ASP H 66 13.12 -55.53 6.33
C ASP H 66 14.64 -55.39 6.27
N ARG H 67 15.10 -54.36 5.57
CA ARG H 67 16.54 -54.18 5.35
C ARG H 67 17.12 -53.09 6.25
N PHE H 68 16.37 -52.71 7.29
CA PHE H 68 16.84 -51.71 8.25
C PHE H 68 18.17 -52.05 8.94
N PRO H 69 18.44 -53.35 9.23
CA PRO H 69 19.74 -53.69 9.79
C PRO H 69 20.93 -53.13 8.99
N GLU H 70 20.78 -53.07 7.67
CA GLU H 70 21.83 -52.50 6.81
C GLU H 70 22.00 -51.00 7.05
N PHE H 71 20.91 -50.30 7.34
CA PHE H 71 20.98 -48.89 7.70
C PHE H 71 21.53 -48.71 9.12
N LYS H 72 21.06 -49.55 10.04
CA LYS H 72 21.53 -49.53 11.43
C LYS H 72 23.03 -49.75 11.54
N ASN H 73 23.56 -50.64 10.70
CA ASN H 73 24.99 -50.93 10.66
C ASN H 73 25.83 -49.74 10.19
N LEU H 74 25.22 -48.84 9.42
CA LEU H 74 25.88 -47.63 8.95
C LEU H 74 25.58 -46.43 9.85
N ASN H 75 24.87 -46.68 10.96
CA ASN H 75 24.43 -45.64 11.89
C ASN H 75 23.49 -44.63 11.22
N VAL H 76 22.51 -45.15 10.49
CA VAL H 76 21.55 -44.33 9.75
C VAL H 76 20.14 -44.65 10.21
N ALA H 77 19.41 -43.61 10.61
CA ALA H 77 18.01 -43.74 10.99
C ALA H 77 17.12 -43.66 9.75
N VAL H 78 16.08 -44.47 9.72
CA VAL H 78 15.11 -44.46 8.61
C VAL H 78 13.72 -44.15 9.14
N LEU H 79 13.08 -43.16 8.53
CA LEU H 79 11.74 -42.74 8.95
C LEU H 79 10.78 -42.76 7.77
N ALA H 80 9.64 -43.41 7.96
CA ALA H 80 8.55 -43.41 6.99
C ALA H 80 7.48 -42.41 7.42
N CYS H 81 6.77 -41.83 6.45
CA CYS H 81 5.79 -40.78 6.76
C CYS H 81 4.70 -40.72 5.71
N SER H 82 3.45 -40.60 6.16
CA SER H 82 2.34 -40.23 5.28
C SER H 82 1.38 -39.31 6.03
N THR H 83 0.38 -38.82 5.32
CA THR H 83 -0.62 -37.90 5.88
C THR H 83 -1.72 -38.62 6.68
N ASP H 84 -1.65 -39.95 6.74
CA ASP H 84 -2.55 -40.77 7.55
C ASP H 84 -2.22 -40.62 9.04
N SER H 85 -3.20 -40.91 9.91
CA SER H 85 -3.02 -40.81 11.36
C SER H 85 -2.26 -42.01 11.93
N VAL H 86 -1.83 -41.90 13.19
CA VAL H 86 -1.17 -43.03 13.88
C VAL H 86 -2.11 -44.23 14.00
N PHE H 87 -3.42 -43.96 14.12
CA PHE H 87 -4.42 -45.02 14.23
C PHE H 87 -4.54 -45.82 12.92
N SER H 88 -4.50 -45.10 11.79
CA SER H 88 -4.42 -45.73 10.47
C SER H 88 -3.16 -46.58 10.33
N HIS H 89 -2.02 -46.00 10.71
CA HIS H 89 -0.73 -46.67 10.65
C HIS H 89 -0.76 -47.95 11.45
N LEU H 90 -1.27 -47.87 12.68
CA LEU H 90 -1.34 -49.01 13.58
C LEU H 90 -2.20 -50.14 13.00
N ALA H 91 -3.38 -49.78 12.49
CA ALA H 91 -4.29 -50.76 11.92
C ALA H 91 -3.66 -51.47 10.72
N TRP H 92 -2.91 -50.72 9.92
CA TRP H 92 -2.24 -51.27 8.74
C TRP H 92 -1.08 -52.14 9.11
N ILE H 93 -0.37 -51.76 10.18
CA ILE H 93 0.70 -52.57 10.75
C ILE H 93 0.12 -53.88 11.32
N ASN H 94 -1.05 -53.78 11.95
CA ASN H 94 -1.74 -54.94 12.50
C ASN H 94 -2.36 -55.84 11.44
N THR H 95 -2.35 -55.38 10.18
CA THR H 95 -2.87 -56.17 9.06
C THR H 95 -1.75 -57.07 8.51
N PRO H 96 -2.01 -58.39 8.40
CA PRO H 96 -1.00 -59.31 7.87
C PRO H 96 -0.55 -58.92 6.47
N ARG H 97 0.74 -59.06 6.20
CA ARG H 97 1.31 -58.74 4.89
C ARG H 97 0.65 -59.55 3.75
N LYS H 98 0.23 -60.76 4.08
CA LYS H 98 -0.50 -61.63 3.16
C LYS H 98 -1.78 -60.98 2.64
N HIS H 99 -2.40 -60.13 3.46
CA HIS H 99 -3.63 -59.44 3.07
C HIS H 99 -3.40 -57.97 2.84
N GLY H 100 -2.21 -57.65 2.33
CA GLY H 100 -1.87 -56.30 1.91
C GLY H 100 -1.44 -55.33 2.99
N GLY H 101 -1.24 -55.82 4.20
CA GLY H 101 -0.84 -54.96 5.32
C GLY H 101 0.65 -54.67 5.36
N LEU H 102 1.05 -53.79 6.28
CA LEU H 102 2.47 -53.51 6.49
C LEU H 102 3.14 -54.56 7.34
N GLY H 103 2.37 -55.23 8.19
CA GLY H 103 2.91 -56.18 9.15
C GLY H 103 3.84 -55.49 10.13
N ASP H 104 4.72 -56.26 10.76
CA ASP H 104 5.70 -55.78 11.72
C ASP H 104 6.67 -54.79 11.05
N MET H 105 6.69 -53.55 11.55
CA MET H 105 7.62 -52.53 11.03
C MET H 105 8.79 -52.31 12.00
N LYS H 106 9.99 -52.27 11.44
CA LYS H 106 11.22 -52.06 12.21
C LYS H 106 11.63 -50.59 12.25
N ILE H 107 10.88 -49.74 11.55
CA ILE H 107 11.17 -48.31 11.51
C ILE H 107 9.93 -47.50 11.94
N PRO H 108 10.14 -46.29 12.49
CA PRO H 108 9.00 -45.44 12.83
C PRO H 108 8.18 -45.06 11.60
N VAL H 109 6.86 -45.11 11.73
CA VAL H 109 5.97 -44.59 10.70
C VAL H 109 5.29 -43.35 11.24
N LEU H 110 5.68 -42.20 10.67
CA LEU H 110 5.23 -40.88 11.12
C LEU H 110 3.85 -40.52 10.58
N ALA H 111 3.04 -39.89 11.41
CA ALA H 111 1.74 -39.38 11.01
C ALA H 111 1.78 -37.88 10.77
N ASP H 112 1.50 -37.47 9.53
CA ASP H 112 1.56 -36.06 9.14
C ASP H 112 0.14 -35.55 8.82
N THR H 113 -0.74 -35.63 9.82
CA THR H 113 -2.17 -35.38 9.63
C THR H 113 -2.51 -33.91 9.33
N ASN H 114 -1.72 -32.99 9.89
CA ASN H 114 -1.92 -31.58 9.60
C ASN H 114 -1.12 -31.11 8.37
N HIS H 115 -0.45 -32.06 7.72
CA HIS H 115 0.28 -31.86 6.45
C HIS H 115 1.50 -30.96 6.52
N GLN H 116 1.90 -30.55 7.71
CA GLN H 116 3.00 -29.59 7.86
C GLN H 116 4.31 -30.12 7.29
N ILE H 117 4.59 -31.40 7.52
CA ILE H 117 5.85 -32.01 7.07
C ILE H 117 5.92 -32.14 5.55
N ALA H 118 4.85 -32.67 4.94
CA ALA H 118 4.79 -32.79 3.49
C ALA H 118 4.93 -31.42 2.80
N LYS H 119 4.28 -30.39 3.37
CA LYS H 119 4.39 -29.02 2.86
C LYS H 119 5.81 -28.48 2.95
N ASP H 120 6.46 -28.69 4.10
CA ASP H 120 7.82 -28.20 4.31
C ASP H 120 8.84 -28.90 3.41
N TYR H 121 8.56 -30.13 3.02
CA TYR H 121 9.45 -30.90 2.15
C TYR H 121 9.02 -30.86 0.68
N GLY H 122 7.95 -30.12 0.40
CA GLY H 122 7.50 -29.85 -0.97
C GLY H 122 6.99 -31.08 -1.71
N VAL H 123 6.36 -32.00 -0.99
CA VAL H 123 5.89 -33.26 -1.58
C VAL H 123 4.38 -33.47 -1.51
N LEU H 124 3.66 -32.44 -1.05
CA LEU H 124 2.21 -32.55 -0.91
C LEU H 124 1.52 -32.37 -2.25
N LYS H 125 0.72 -33.37 -2.63
CA LYS H 125 -0.17 -33.25 -3.78
C LYS H 125 -1.43 -32.54 -3.27
N ASP H 126 -1.45 -31.22 -3.45
CA ASP H 126 -2.43 -30.35 -2.78
C ASP H 126 -3.90 -30.70 -2.94
N ASP H 127 -4.31 -31.06 -4.16
CA ASP H 127 -5.70 -31.44 -4.41
C ASP H 127 -6.15 -32.69 -3.64
N GLU H 128 -5.19 -33.48 -3.17
CA GLU H 128 -5.50 -34.79 -2.58
C GLU H 128 -5.13 -34.96 -1.10
N GLY H 129 -4.33 -34.04 -0.56
CA GLY H 129 -3.87 -34.15 0.82
C GLY H 129 -3.03 -35.39 1.09
N ILE H 130 -2.20 -35.76 0.10
CA ILE H 130 -1.32 -36.91 0.19
C ILE H 130 0.07 -36.54 -0.30
N ALA H 131 1.09 -37.24 0.19
CA ALA H 131 2.47 -36.97 -0.22
C ALA H 131 2.85 -37.78 -1.46
N TYR H 132 3.66 -37.17 -2.32
CA TYR H 132 4.35 -37.90 -3.39
C TYR H 132 5.42 -38.79 -2.79
N ARG H 133 5.95 -39.71 -3.58
CA ARG H 133 6.97 -40.64 -3.10
C ARG H 133 8.33 -39.95 -3.01
N GLY H 134 8.44 -39.09 -2.00
CA GLY H 134 9.65 -38.33 -1.77
C GLY H 134 10.57 -39.05 -0.82
N LEU H 135 11.87 -38.86 -1.03
CA LEU H 135 12.88 -39.37 -0.11
C LEU H 135 13.96 -38.31 0.05
N PHE H 136 14.42 -38.13 1.29
CA PHE H 136 15.34 -37.05 1.63
C PHE H 136 16.44 -37.57 2.55
N ILE H 137 17.68 -37.15 2.29
CA ILE H 137 18.82 -37.56 3.11
C ILE H 137 19.37 -36.35 3.85
N ILE H 138 19.45 -36.48 5.17
CA ILE H 138 19.86 -35.40 6.07
C ILE H 138 21.09 -35.86 6.85
N ASP H 139 22.12 -35.02 6.91
CA ASP H 139 23.39 -35.40 7.55
C ASP H 139 23.39 -35.19 9.07
N PRO H 140 24.47 -35.65 9.77
CA PRO H 140 24.57 -35.53 11.23
C PRO H 140 24.36 -34.10 11.76
N LYS H 141 24.72 -33.11 10.95
CA LYS H 141 24.58 -31.69 11.33
C LYS H 141 23.20 -31.12 11.01
N GLY H 142 22.34 -31.92 10.40
CA GLY H 142 20.97 -31.48 10.05
C GLY H 142 20.86 -30.83 8.69
N ILE H 143 21.88 -30.99 7.86
CA ILE H 143 21.91 -30.38 6.54
C ILE H 143 21.33 -31.32 5.49
N LEU H 144 20.43 -30.79 4.66
CA LEU H 144 19.81 -31.59 3.58
C LEU H 144 20.83 -31.85 2.48
N ARG H 145 21.05 -33.13 2.17
CA ARG H 145 22.07 -33.52 1.21
C ARG H 145 21.49 -34.08 -0.10
N GLN H 146 20.27 -34.61 -0.06
CA GLN H 146 19.69 -35.26 -1.22
C GLN H 146 18.17 -35.12 -1.27
N ILE H 147 17.65 -34.87 -2.48
CA ILE H 147 16.21 -34.81 -2.72
C ILE H 147 15.83 -35.80 -3.81
N THR H 148 14.87 -36.68 -3.48
CA THR H 148 14.27 -37.60 -4.45
C THR H 148 12.75 -37.46 -4.36
N ILE H 149 12.11 -37.19 -5.49
CA ILE H 149 10.65 -37.18 -5.55
C ILE H 149 10.16 -37.96 -6.76
N ASN H 150 9.40 -39.02 -6.50
CA ASN H 150 8.81 -39.83 -7.56
C ASN H 150 7.32 -39.56 -7.69
N ASP H 151 6.84 -39.57 -8.93
CA ASP H 151 5.40 -39.65 -9.17
C ASP H 151 4.88 -40.93 -8.52
N LEU H 152 3.59 -40.92 -8.18
CA LEU H 152 2.98 -42.00 -7.38
C LEU H 152 3.23 -43.44 -7.84
N PRO H 153 3.19 -43.73 -9.16
CA PRO H 153 3.29 -45.12 -9.61
C PRO H 153 4.64 -45.84 -9.38
N VAL H 154 5.71 -45.08 -9.13
CA VAL H 154 7.05 -45.68 -9.08
C VAL H 154 7.69 -45.58 -7.70
N GLY H 155 8.15 -46.73 -7.20
CA GLY H 155 8.76 -46.81 -5.87
C GLY H 155 10.26 -46.56 -5.85
N ARG H 156 10.82 -46.61 -4.64
CA ARG H 156 12.24 -46.32 -4.45
C ARG H 156 13.06 -47.58 -4.20
N SER H 157 14.37 -47.46 -4.33
CA SER H 157 15.29 -48.58 -4.15
C SER H 157 16.11 -48.44 -2.88
N VAL H 158 16.11 -49.48 -2.06
CA VAL H 158 16.94 -49.55 -0.86
C VAL H 158 18.43 -49.53 -1.23
N ASP H 159 18.79 -50.25 -2.29
CA ASP H 159 20.17 -50.29 -2.79
C ASP H 159 20.67 -48.89 -3.16
N GLU H 160 19.84 -48.14 -3.90
CA GLU H 160 20.19 -46.78 -4.29
C GLU H 160 20.32 -45.85 -3.08
N THR H 161 19.40 -45.99 -2.12
CA THR H 161 19.43 -45.20 -0.90
C THR H 161 20.70 -45.49 -0.10
N LEU H 162 21.04 -46.78 0.01
CA LEU H 162 22.28 -47.20 0.66
C LEU H 162 23.52 -46.65 -0.06
N ARG H 163 23.51 -46.72 -1.40
CA ARG H 163 24.60 -46.16 -2.20
C ARG H 163 24.79 -44.68 -1.90
N LEU H 164 23.69 -43.93 -1.93
CA LEU H 164 23.71 -42.49 -1.69
C LEU H 164 24.26 -42.13 -0.31
N VAL H 165 23.66 -42.73 0.74
CA VAL H 165 24.06 -42.41 2.12
C VAL H 165 25.52 -42.77 2.40
N GLN H 166 25.99 -43.90 1.86
CA GLN H 166 27.38 -44.32 2.01
C GLN H 166 28.33 -43.38 1.25
N ALA H 167 27.90 -42.91 0.08
CA ALA H 167 28.67 -41.94 -0.70
C ALA H 167 28.82 -40.61 0.04
N PHE H 168 27.72 -40.13 0.65
CA PHE H 168 27.78 -38.91 1.48
C PHE H 168 28.65 -39.09 2.72
N GLN H 169 28.52 -40.24 3.39
CA GLN H 169 29.34 -40.53 4.57
C GLN H 169 30.80 -40.54 4.21
N TYR H 170 31.09 -41.10 3.05
CA TYR H 170 32.44 -41.22 2.57
C TYR H 170 33.03 -39.86 2.22
N THR H 171 32.34 -39.10 1.38
CA THR H 171 32.83 -37.79 0.95
C THR H 171 32.92 -36.81 2.12
N ASP H 172 32.06 -36.97 3.13
CA ASP H 172 32.18 -36.17 4.36
C ASP H 172 33.59 -36.24 4.93
N LYS H 173 34.23 -37.41 4.84
CA LYS H 173 35.57 -37.62 5.38
C LYS H 173 36.70 -37.48 4.37
N HIS H 174 36.42 -37.77 3.10
CA HIS H 174 37.47 -37.89 2.08
C HIS H 174 37.48 -36.81 1.02
N GLY H 175 36.31 -36.25 0.70
CA GLY H 175 36.15 -35.42 -0.49
C GLY H 175 35.78 -36.32 -1.66
N GLU H 176 36.12 -35.92 -2.88
CA GLU H 176 35.80 -36.72 -4.06
C GLU H 176 36.94 -37.65 -4.48
N VAL H 177 36.65 -38.60 -5.38
CA VAL H 177 37.62 -39.63 -5.78
C VAL H 177 38.82 -39.05 -6.55
N MET I 9 -12.22 -18.29 8.19
CA MET I 9 -12.38 -18.97 6.87
C MET I 9 -13.56 -19.94 6.81
N SER I 10 -14.26 -20.12 7.93
CA SER I 10 -15.52 -20.87 7.94
C SER I 10 -16.52 -20.21 7.00
N LYS I 11 -17.16 -21.02 6.16
CA LYS I 11 -18.16 -20.53 5.21
C LYS I 11 -19.58 -20.91 5.62
N ALA I 12 -19.70 -21.55 6.79
CA ALA I 12 -20.98 -22.06 7.27
C ALA I 12 -21.75 -21.00 8.04
N PHE I 13 -22.86 -20.54 7.46
CA PHE I 13 -23.70 -19.53 8.10
C PHE I 13 -25.17 -19.90 7.97
N ILE I 14 -25.88 -19.84 9.10
CA ILE I 14 -27.33 -20.09 9.13
C ILE I 14 -28.04 -19.11 8.17
N GLY I 15 -28.99 -19.64 7.40
CA GLY I 15 -29.78 -18.81 6.48
C GLY I 15 -29.09 -18.54 5.15
N LYS I 16 -27.85 -18.98 5.03
CA LYS I 16 -27.06 -18.79 3.81
C LYS I 16 -26.84 -20.15 3.13
N PRO I 17 -26.54 -20.15 1.82
CA PRO I 17 -26.24 -21.42 1.15
C PRO I 17 -25.14 -22.19 1.88
N ALA I 18 -25.41 -23.46 2.15
CA ALA I 18 -24.44 -24.33 2.79
C ALA I 18 -23.18 -24.44 1.93
N PRO I 19 -21.99 -24.40 2.56
CA PRO I 19 -20.76 -24.52 1.77
C PRO I 19 -20.81 -25.73 0.87
N ASP I 20 -20.60 -25.48 -0.43
CA ASP I 20 -20.62 -26.54 -1.42
C ASP I 20 -19.47 -27.51 -1.15
N PHE I 21 -19.72 -28.80 -1.36
CA PHE I 21 -18.68 -29.80 -1.19
C PHE I 21 -18.77 -30.89 -2.26
N ALA I 22 -17.60 -31.43 -2.59
CA ALA I 22 -17.48 -32.49 -3.58
C ALA I 22 -16.21 -33.25 -3.27
N THR I 23 -16.36 -34.54 -2.93
CA THR I 23 -15.21 -35.37 -2.58
C THR I 23 -15.49 -36.85 -2.82
N LYS I 24 -14.45 -37.67 -2.71
CA LYS I 24 -14.58 -39.13 -2.81
C LYS I 24 -15.15 -39.69 -1.52
N ALA I 25 -15.95 -40.75 -1.65
CA ALA I 25 -16.57 -41.40 -0.50
C ALA I 25 -16.68 -42.90 -0.70
N VAL I 26 -16.80 -43.65 0.40
CA VAL I 26 -17.16 -45.06 0.33
C VAL I 26 -18.66 -45.22 0.51
N PHE I 27 -19.32 -45.81 -0.49
CA PHE I 27 -20.71 -46.20 -0.35
C PHE I 27 -20.91 -47.61 -0.86
N ASP I 28 -21.47 -48.46 0.01
CA ASP I 28 -21.73 -49.86 -0.32
C ASP I 28 -20.48 -50.57 -0.87
N GLY I 29 -19.36 -50.33 -0.21
CA GLY I 29 -18.10 -51.01 -0.53
C GLY I 29 -17.28 -50.41 -1.66
N ASP I 30 -17.84 -49.43 -2.38
CA ASP I 30 -17.16 -48.86 -3.55
C ASP I 30 -16.86 -47.37 -3.39
N PHE I 31 -15.85 -46.90 -4.13
CA PHE I 31 -15.49 -45.48 -4.15
C PHE I 31 -16.45 -44.74 -5.07
N VAL I 32 -17.10 -43.72 -4.52
CA VAL I 32 -18.05 -42.90 -5.28
C VAL I 32 -17.72 -41.42 -5.15
N ASP I 33 -18.30 -40.62 -6.04
CA ASP I 33 -18.20 -39.16 -5.97
C ASP I 33 -19.45 -38.60 -5.33
N VAL I 34 -19.27 -37.82 -4.26
CA VAL I 34 -20.39 -37.18 -3.59
C VAL I 34 -20.32 -35.67 -3.79
N LYS I 35 -21.45 -35.08 -4.15
CA LYS I 35 -21.57 -33.64 -4.31
C LYS I 35 -22.82 -33.17 -3.58
N LEU I 36 -22.76 -31.98 -2.99
CA LEU I 36 -23.91 -31.39 -2.32
C LEU I 36 -25.08 -31.17 -3.29
N SER I 37 -24.76 -30.81 -4.54
CA SER I 37 -25.78 -30.56 -5.56
C SER I 37 -26.61 -31.80 -5.91
N ASP I 38 -26.09 -32.99 -5.58
CA ASP I 38 -26.84 -34.24 -5.75
C ASP I 38 -28.10 -34.27 -4.88
N TYR I 39 -28.10 -33.45 -3.83
CA TYR I 39 -29.15 -33.51 -2.81
C TYR I 39 -30.22 -32.42 -2.91
N LYS I 40 -30.18 -31.63 -3.98
CA LYS I 40 -31.23 -30.66 -4.26
C LYS I 40 -32.59 -31.33 -4.24
N GLY I 41 -33.49 -30.81 -3.41
CA GLY I 41 -34.83 -31.38 -3.25
C GLY I 41 -35.00 -32.21 -1.99
N LYS I 42 -33.89 -32.50 -1.31
CA LYS I 42 -33.87 -33.30 -0.09
C LYS I 42 -33.20 -32.56 1.07
N TYR I 43 -33.58 -32.90 2.29
CA TYR I 43 -32.79 -32.54 3.47
C TYR I 43 -31.55 -33.43 3.55
N VAL I 44 -30.44 -32.85 4.02
CA VAL I 44 -29.16 -33.55 4.14
C VAL I 44 -28.57 -33.29 5.52
N VAL I 45 -28.17 -34.36 6.20
CA VAL I 45 -27.41 -34.24 7.44
C VAL I 45 -25.98 -34.61 7.12
N LEU I 46 -25.08 -33.65 7.30
CA LEU I 46 -23.66 -33.90 7.15
C LEU I 46 -23.06 -33.86 8.54
N PHE I 47 -22.42 -34.95 8.95
CA PHE I 47 -21.75 -34.95 10.24
C PHE I 47 -20.31 -35.42 10.13
N PHE I 48 -19.47 -34.88 11.02
CA PHE I 48 -18.03 -35.09 10.99
C PHE I 48 -17.61 -35.91 12.19
N TYR I 49 -16.55 -36.70 12.01
CA TYR I 49 -15.92 -37.38 13.12
C TYR I 49 -14.40 -37.28 12.96
N PRO I 50 -13.64 -37.42 14.06
CA PRO I 50 -12.20 -37.16 14.00
C PRO I 50 -11.37 -38.15 13.20
N LEU I 51 -11.50 -39.44 13.50
CA LEU I 51 -10.50 -40.42 13.05
C LEU I 51 -11.05 -41.82 12.86
N ASP I 52 -10.63 -42.45 11.76
CA ASP I 52 -10.80 -43.89 11.57
C ASP I 52 -9.93 -44.65 12.57
N PHE I 53 -10.35 -45.86 12.93
CA PHE I 53 -9.56 -46.81 13.70
C PHE I 53 -9.17 -46.37 15.13
N THR I 54 -10.02 -45.55 15.76
CA THR I 54 -9.79 -45.16 17.15
C THR I 54 -10.10 -46.30 18.12
N PHE I 55 -9.52 -46.25 19.30
CA PHE I 55 -9.73 -47.29 20.31
C PHE I 55 -11.11 -47.21 20.95
N VAL I 56 -11.68 -46.01 20.93
CA VAL I 56 -13.05 -45.78 21.39
C VAL I 56 -14.02 -46.40 20.39
N CYS I 57 -14.96 -47.20 20.89
CA CYS I 57 -15.99 -47.84 20.06
C CYS I 57 -16.77 -46.82 19.21
N PRO I 58 -16.92 -47.10 17.91
CA PRO I 58 -17.53 -46.13 17.00
C PRO I 58 -19.07 -46.18 16.96
N THR I 59 -19.68 -46.44 18.12
CA THR I 59 -21.14 -46.59 18.23
C THR I 59 -21.90 -45.35 17.74
N GLU I 60 -21.34 -44.18 18.00
CA GLU I 60 -21.95 -42.91 17.57
C GLU I 60 -22.15 -42.81 16.05
N ILE I 61 -21.13 -43.20 15.28
CA ILE I 61 -21.21 -43.19 13.81
C ILE I 61 -22.10 -44.33 13.34
N ILE I 62 -21.91 -45.50 13.93
CA ILE I 62 -22.69 -46.71 13.62
C ILE I 62 -24.19 -46.46 13.81
N ALA I 63 -24.55 -45.72 14.86
CA ALA I 63 -25.94 -45.40 15.15
C ALA I 63 -26.67 -44.72 13.98
N PHE I 64 -25.98 -43.81 13.29
CA PHE I 64 -26.54 -43.12 12.13
C PHE I 64 -26.73 -44.03 10.93
N SER I 65 -25.90 -45.06 10.83
CA SER I 65 -26.04 -46.06 9.77
C SER I 65 -27.16 -47.05 10.10
N ASP I 66 -27.11 -47.61 11.32
CA ASP I 66 -28.13 -48.56 11.77
C ASP I 66 -29.55 -47.99 11.68
N ARG I 67 -29.69 -46.70 12.01
CA ARG I 67 -31.00 -46.07 12.05
C ARG I 67 -31.29 -45.22 10.80
N PHE I 68 -30.51 -45.45 9.74
CA PHE I 68 -30.72 -44.76 8.48
C PHE I 68 -32.12 -44.95 7.85
N PRO I 69 -32.74 -46.15 8.00
CA PRO I 69 -34.11 -46.30 7.49
C PRO I 69 -35.09 -45.24 7.99
N GLU I 70 -34.91 -44.78 9.23
CA GLU I 70 -35.73 -43.72 9.80
C GLU I 70 -35.53 -42.38 9.06
N PHE I 71 -34.29 -42.11 8.65
CA PHE I 71 -33.99 -40.93 7.83
C PHE I 71 -34.54 -41.07 6.40
N LYS I 72 -34.38 -42.26 5.81
CA LYS I 72 -34.86 -42.50 4.45
C LYS I 72 -36.38 -42.41 4.35
N ASN I 73 -37.08 -42.87 5.38
CA ASN I 73 -38.52 -42.74 5.49
C ASN I 73 -38.97 -41.28 5.37
N LEU I 74 -38.16 -40.38 5.93
CA LEU I 74 -38.43 -38.95 5.90
C LEU I 74 -37.79 -38.26 4.69
N ASN I 75 -37.23 -39.06 3.78
CA ASN I 75 -36.55 -38.57 2.58
C ASN I 75 -35.36 -37.66 2.92
N VAL I 76 -34.56 -38.11 3.88
CA VAL I 76 -33.40 -37.34 4.36
C VAL I 76 -32.13 -38.14 4.15
N ALA I 77 -31.13 -37.51 3.52
CA ALA I 77 -29.83 -38.13 3.31
C ALA I 77 -28.91 -37.87 4.50
N VAL I 78 -28.06 -38.85 4.81
CA VAL I 78 -27.09 -38.72 5.91
C VAL I 78 -25.68 -39.01 5.41
N LEU I 79 -24.75 -38.10 5.69
CA LEU I 79 -23.36 -38.25 5.25
C LEU I 79 -22.41 -38.15 6.43
N ALA I 80 -21.52 -39.12 6.54
CA ALA I 80 -20.43 -39.09 7.50
C ALA I 80 -19.18 -38.61 6.79
N CYS I 81 -18.26 -37.99 7.54
CA CYS I 81 -17.08 -37.38 6.94
C CYS I 81 -15.94 -37.28 7.95
N SER I 82 -14.74 -37.64 7.51
CA SER I 82 -13.53 -37.42 8.31
C SER I 82 -12.38 -37.05 7.39
N THR I 83 -11.25 -36.61 7.97
CA THR I 83 -10.07 -36.25 7.18
C THR I 83 -9.27 -37.47 6.69
N ASP I 84 -9.70 -38.68 7.05
CA ASP I 84 -9.09 -39.92 6.58
C ASP I 84 -9.44 -40.20 5.12
N SER I 85 -8.60 -41.00 4.48
CA SER I 85 -8.79 -41.35 3.07
C SER I 85 -9.89 -42.38 2.88
N VAL I 86 -10.36 -42.48 1.64
CA VAL I 86 -11.36 -43.46 1.27
C VAL I 86 -10.81 -44.88 1.45
N PHE I 87 -9.49 -45.03 1.36
CA PHE I 87 -8.83 -46.33 1.56
C PHE I 87 -8.89 -46.79 3.01
N SER I 88 -8.63 -45.89 3.95
CA SER I 88 -8.75 -46.28 5.34
C SER I 88 -10.22 -46.38 5.78
N HIS I 89 -11.10 -45.63 5.13
CA HIS I 89 -12.55 -45.80 5.33
C HIS I 89 -12.97 -47.21 5.01
N LEU I 90 -12.59 -47.68 3.82
CA LEU I 90 -12.98 -49.00 3.34
C LEU I 90 -12.42 -50.10 4.24
N ALA I 91 -11.15 -49.96 4.63
CA ALA I 91 -10.50 -50.89 5.53
C ALA I 91 -11.22 -50.97 6.88
N TRP I 92 -11.70 -49.83 7.36
CA TRP I 92 -12.42 -49.79 8.63
C TRP I 92 -13.80 -50.37 8.50
N ILE I 93 -14.43 -50.15 7.35
CA ILE I 93 -15.72 -50.74 7.01
C ILE I 93 -15.60 -52.27 6.85
N ASN I 94 -14.48 -52.72 6.28
CA ASN I 94 -14.22 -54.15 6.10
C ASN I 94 -13.78 -54.86 7.38
N THR I 95 -13.55 -54.09 8.43
CA THR I 95 -13.27 -54.65 9.75
C THR I 95 -14.60 -54.90 10.45
N PRO I 96 -14.83 -56.14 10.90
CA PRO I 96 -16.04 -56.47 11.66
C PRO I 96 -16.16 -55.63 12.92
N ARG I 97 -17.39 -55.30 13.30
CA ARG I 97 -17.66 -54.55 14.54
C ARG I 97 -17.13 -55.30 15.74
N LYS I 98 -17.14 -56.63 15.60
CA LYS I 98 -16.44 -57.58 16.46
C LYS I 98 -15.05 -57.09 16.87
N HIS I 99 -14.26 -56.64 15.89
CA HIS I 99 -12.87 -56.22 16.11
C HIS I 99 -12.71 -54.72 16.15
N GLY I 100 -13.79 -54.01 16.46
CA GLY I 100 -13.76 -52.55 16.60
C GLY I 100 -13.86 -51.79 15.29
N GLY I 101 -14.34 -52.45 14.24
CA GLY I 101 -14.55 -51.81 12.94
C GLY I 101 -15.94 -51.23 12.80
N LEU I 102 -16.18 -50.54 11.68
CA LEU I 102 -17.50 -49.99 11.37
C LEU I 102 -18.49 -51.04 10.90
N GLY I 103 -17.97 -52.08 10.22
CA GLY I 103 -18.82 -53.07 9.56
C GLY I 103 -19.56 -52.44 8.40
N ASP I 104 -20.64 -53.09 7.96
CA ASP I 104 -21.48 -52.54 6.89
C ASP I 104 -22.02 -51.16 7.23
N MET I 105 -21.83 -50.21 6.31
CA MET I 105 -22.36 -48.87 6.45
C MET I 105 -23.45 -48.64 5.42
N LYS I 106 -24.53 -48.01 5.86
CA LYS I 106 -25.69 -47.76 4.99
C LYS I 106 -25.70 -46.31 4.51
N ILE I 107 -24.66 -45.56 4.90
CA ILE I 107 -24.51 -44.17 4.50
C ILE I 107 -23.11 -43.94 3.90
N PRO I 108 -22.99 -42.99 2.96
CA PRO I 108 -21.67 -42.65 2.44
C PRO I 108 -20.75 -42.13 3.54
N VAL I 109 -19.47 -42.53 3.48
CA VAL I 109 -18.45 -42.03 4.39
C VAL I 109 -17.47 -41.25 3.54
N LEU I 110 -17.56 -39.93 3.62
CA LEU I 110 -16.77 -39.01 2.79
C LEU I 110 -15.34 -38.93 3.29
N ALA I 111 -14.40 -38.79 2.36
CA ALA I 111 -12.99 -38.59 2.70
C ALA I 111 -12.58 -37.16 2.41
N ASP I 112 -12.22 -36.45 3.47
CA ASP I 112 -11.84 -35.04 3.39
C ASP I 112 -10.33 -34.93 3.62
N THR I 113 -9.56 -35.62 2.79
CA THR I 113 -8.08 -35.62 2.90
C THR I 113 -7.51 -34.24 2.61
N ASN I 114 -8.26 -33.48 1.80
CA ASN I 114 -8.03 -32.05 1.55
C ASN I 114 -8.07 -31.16 2.77
N HIS I 115 -8.94 -31.52 3.72
CA HIS I 115 -9.33 -30.66 4.83
C HIS I 115 -10.25 -29.55 4.37
N GLN I 116 -10.54 -29.48 3.08
CA GLN I 116 -11.31 -28.38 2.52
C GLN I 116 -12.73 -28.29 3.11
N ILE I 117 -13.39 -29.45 3.26
CA ILE I 117 -14.75 -29.49 3.77
C ILE I 117 -14.79 -29.12 5.26
N ALA I 118 -13.85 -29.67 6.03
CA ALA I 118 -13.75 -29.33 7.44
C ALA I 118 -13.48 -27.83 7.63
N LYS I 119 -12.61 -27.28 6.79
CA LYS I 119 -12.30 -25.85 6.80
C LYS I 119 -13.54 -25.01 6.48
N ASP I 120 -14.25 -25.40 5.43
CA ASP I 120 -15.44 -24.67 5.00
C ASP I 120 -16.57 -24.70 6.03
N TYR I 121 -16.65 -25.78 6.80
CA TYR I 121 -17.69 -25.92 7.82
C TYR I 121 -17.22 -25.49 9.21
N GLY I 122 -15.99 -25.03 9.30
CA GLY I 122 -15.43 -24.48 10.53
C GLY I 122 -15.23 -25.49 11.65
N VAL I 123 -14.97 -26.74 11.28
CA VAL I 123 -14.83 -27.81 12.27
C VAL I 123 -13.43 -28.43 12.31
N LEU I 124 -12.48 -27.81 11.60
CA LEU I 124 -11.12 -28.35 11.57
C LEU I 124 -10.35 -27.94 12.81
N LYS I 125 -9.79 -28.93 13.48
CA LYS I 125 -8.85 -28.70 14.56
C LYS I 125 -7.46 -28.60 13.91
N ASP I 126 -7.00 -27.36 13.74
CA ASP I 126 -5.82 -27.06 12.91
C ASP I 126 -4.55 -27.83 13.25
N ASP I 127 -4.16 -27.82 14.53
CA ASP I 127 -2.93 -28.48 14.96
C ASP I 127 -2.90 -29.98 14.67
N GLU I 128 -4.07 -30.59 14.47
CA GLU I 128 -4.17 -32.04 14.36
C GLU I 128 -4.66 -32.55 13.00
N GLY I 129 -5.22 -31.66 12.17
CA GLY I 129 -5.75 -32.05 10.87
C GLY I 129 -6.89 -33.06 10.97
N ILE I 130 -7.72 -32.87 11.99
CA ILE I 130 -8.92 -33.68 12.20
C ILE I 130 -10.13 -32.77 12.44
N ALA I 131 -11.32 -33.33 12.26
CA ALA I 131 -12.54 -32.56 12.45
C ALA I 131 -13.14 -32.78 13.83
N TYR I 132 -13.68 -31.71 14.41
CA TYR I 132 -14.51 -31.81 15.60
C TYR I 132 -15.81 -32.53 15.27
N ARG I 133 -16.54 -32.95 16.30
CA ARG I 133 -17.81 -33.64 16.12
C ARG I 133 -18.91 -32.68 15.73
N GLY I 134 -18.83 -32.19 14.50
CA GLY I 134 -19.81 -31.26 13.96
C GLY I 134 -20.92 -32.00 13.23
N LEU I 135 -22.10 -31.38 13.20
CA LEU I 135 -23.26 -31.91 12.47
C LEU I 135 -24.00 -30.72 11.92
N PHE I 136 -24.44 -30.84 10.66
CA PHE I 136 -25.05 -29.73 9.95
C PHE I 136 -26.28 -30.20 9.19
N ILE I 137 -27.35 -29.42 9.27
CA ILE I 137 -28.60 -29.73 8.54
C ILE I 137 -28.79 -28.74 7.40
N ILE I 138 -28.96 -29.29 6.19
CA ILE I 138 -29.08 -28.50 4.96
C ILE I 138 -30.43 -28.81 4.33
N ASP I 139 -31.16 -27.77 3.93
CA ASP I 139 -32.52 -27.96 3.40
C ASP I 139 -32.53 -28.25 1.90
N PRO I 140 -33.71 -28.60 1.32
CA PRO I 140 -33.82 -28.95 -0.10
C PRO I 140 -33.31 -27.88 -1.07
N LYS I 141 -33.24 -26.63 -0.61
CA LYS I 141 -32.77 -25.51 -1.43
C LYS I 141 -31.27 -25.26 -1.24
N GLY I 142 -30.63 -26.08 -0.43
CA GLY I 142 -29.19 -25.96 -0.17
C GLY I 142 -28.84 -24.95 0.90
N ILE I 143 -29.86 -24.50 1.65
CA ILE I 143 -29.65 -23.50 2.70
C ILE I 143 -29.31 -24.19 4.01
N LEU I 144 -28.27 -23.71 4.68
CA LEU I 144 -27.89 -24.24 6.00
C LEU I 144 -28.91 -23.80 7.05
N ARG I 145 -29.46 -24.78 7.77
CA ARG I 145 -30.52 -24.52 8.75
C ARG I 145 -30.08 -24.76 10.19
N GLN I 146 -29.06 -25.58 10.39
CA GLN I 146 -28.65 -25.97 11.74
C GLN I 146 -27.16 -26.24 11.81
N ILE I 147 -26.55 -25.74 12.89
CA ILE I 147 -25.14 -26.00 13.19
C ILE I 147 -25.05 -26.65 14.57
N THR I 148 -24.31 -27.77 14.63
CA THR I 148 -23.98 -28.42 15.89
C THR I 148 -22.50 -28.76 15.86
N ILE I 149 -21.77 -28.35 16.89
CA ILE I 149 -20.38 -28.74 17.03
C ILE I 149 -20.11 -29.16 18.47
N ASN I 150 -19.66 -30.41 18.62
CA ASN I 150 -19.28 -30.95 19.92
C ASN I 150 -17.77 -31.06 20.05
N ASP I 151 -17.26 -30.77 21.24
CA ASP I 151 -15.90 -31.13 21.59
C ASP I 151 -15.76 -32.65 21.49
N LEU I 152 -14.54 -33.12 21.27
CA LEU I 152 -14.27 -34.53 20.95
C LEU I 152 -14.89 -35.58 21.89
N PRO I 153 -14.93 -35.33 23.22
CA PRO I 153 -15.39 -36.39 24.13
C PRO I 153 -16.88 -36.76 24.07
N VAL I 154 -17.71 -35.90 23.49
CA VAL I 154 -19.16 -36.10 23.57
C VAL I 154 -19.82 -36.31 22.21
N GLY I 155 -20.59 -37.40 22.11
CA GLY I 155 -21.23 -37.79 20.86
C GLY I 155 -22.56 -37.10 20.61
N ARG I 156 -23.16 -37.45 19.47
CA ARG I 156 -24.40 -36.86 19.03
C ARG I 156 -25.55 -37.88 19.07
N SER I 157 -26.77 -37.36 19.08
CA SER I 157 -27.96 -38.20 19.22
C SER I 157 -28.73 -38.27 17.90
N VAL I 158 -29.06 -39.50 17.48
CA VAL I 158 -29.89 -39.72 16.30
C VAL I 158 -31.31 -39.18 16.54
N ASP I 159 -31.82 -39.39 17.75
CA ASP I 159 -33.14 -38.87 18.15
C ASP I 159 -33.25 -37.35 18.03
N GLU I 160 -32.23 -36.65 18.54
CA GLU I 160 -32.19 -35.19 18.44
C GLU I 160 -32.09 -34.74 16.99
N THR I 161 -31.29 -35.46 16.21
CA THR I 161 -31.13 -35.16 14.79
C THR I 161 -32.45 -35.33 14.04
N LEU I 162 -33.16 -36.43 14.33
CA LEU I 162 -34.48 -36.67 13.75
C LEU I 162 -35.51 -35.63 14.17
N ARG I 163 -35.46 -35.21 15.43
CA ARG I 163 -36.33 -34.14 15.92
C ARG I 163 -36.11 -32.84 15.14
N LEU I 164 -34.84 -32.45 15.00
CA LEU I 164 -34.49 -31.23 14.27
C LEU I 164 -34.96 -31.25 12.81
N VAL I 165 -34.60 -32.30 12.08
CA VAL I 165 -34.97 -32.41 10.67
C VAL I 165 -36.48 -32.38 10.45
N GLN I 166 -37.22 -33.16 11.25
CA GLN I 166 -38.68 -33.18 11.16
C GLN I 166 -39.32 -31.84 11.48
N ALA I 167 -38.77 -31.13 12.47
CA ALA I 167 -39.24 -29.80 12.82
C ALA I 167 -38.98 -28.78 11.70
N PHE I 168 -37.85 -28.94 11.00
CA PHE I 168 -37.56 -28.09 9.85
C PHE I 168 -38.49 -28.41 8.69
N GLN I 169 -38.72 -29.69 8.43
CA GLN I 169 -39.65 -30.12 7.38
C GLN I 169 -41.08 -29.66 7.67
N TYR I 170 -41.45 -29.68 8.95
CA TYR I 170 -42.77 -29.24 9.38
C TYR I 170 -42.95 -27.74 9.18
N THR I 171 -42.06 -26.95 9.80
CA THR I 171 -42.11 -25.49 9.69
C THR I 171 -42.05 -25.03 8.23
N ASP I 172 -41.26 -25.72 7.41
CA ASP I 172 -41.21 -25.44 5.98
C ASP I 172 -42.61 -25.45 5.36
N LYS I 173 -43.47 -26.36 5.82
CA LYS I 173 -44.83 -26.45 5.33
C LYS I 173 -45.82 -25.49 6.01
N HIS I 174 -45.69 -25.35 7.33
CA HIS I 174 -46.75 -24.74 8.14
C HIS I 174 -46.39 -23.46 8.85
N GLY I 175 -45.09 -23.16 8.98
CA GLY I 175 -44.64 -22.04 9.79
C GLY I 175 -44.50 -22.48 11.24
N GLU I 176 -44.50 -21.52 12.16
CA GLU I 176 -44.35 -21.83 13.59
C GLU I 176 -45.66 -22.22 14.27
N VAL I 177 -45.56 -22.89 15.43
CA VAL I 177 -46.70 -23.48 16.14
C VAL I 177 -47.73 -22.43 16.56
N HIS J 8 -18.08 -7.80 15.12
CA HIS J 8 -17.87 -8.10 13.67
C HIS J 8 -17.60 -9.57 13.45
N MET J 9 -16.74 -10.14 14.28
CA MET J 9 -16.28 -11.52 14.11
C MET J 9 -16.62 -12.40 15.31
N SER J 10 -17.05 -13.63 15.05
CA SER J 10 -17.34 -14.60 16.10
C SER J 10 -16.09 -14.94 16.90
N LYS J 11 -16.24 -15.00 18.22
CA LYS J 11 -15.13 -15.33 19.12
C LYS J 11 -15.33 -16.70 19.75
N ALA J 12 -16.37 -17.40 19.33
CA ALA J 12 -16.73 -18.69 19.90
C ALA J 12 -16.01 -19.84 19.20
N PHE J 13 -15.11 -20.50 19.93
CA PHE J 13 -14.37 -21.65 19.40
C PHE J 13 -14.31 -22.77 20.43
N ILE J 14 -14.59 -24.00 19.96
CA ILE J 14 -14.51 -25.19 20.81
C ILE J 14 -13.09 -25.35 21.35
N GLY J 15 -12.99 -25.61 22.65
CA GLY J 15 -11.69 -25.82 23.30
C GLY J 15 -10.97 -24.55 23.68
N LYS J 16 -11.59 -23.41 23.35
CA LYS J 16 -11.04 -22.09 23.69
C LYS J 16 -11.96 -21.43 24.72
N PRO J 17 -11.41 -20.51 25.55
CA PRO J 17 -12.24 -19.76 26.49
C PRO J 17 -13.47 -19.17 25.80
N ALA J 18 -14.64 -19.45 26.35
CA ALA J 18 -15.89 -18.89 25.87
C ALA J 18 -15.84 -17.36 25.91
N PRO J 19 -16.37 -16.70 24.86
CA PRO J 19 -16.37 -15.23 24.84
C PRO J 19 -16.95 -14.66 26.13
N ASP J 20 -16.19 -13.80 26.78
CA ASP J 20 -16.59 -13.16 28.03
C ASP J 20 -17.78 -12.24 27.77
N PHE J 21 -18.68 -12.15 28.76
CA PHE J 21 -19.82 -11.25 28.67
C PHE J 21 -20.19 -10.64 30.01
N ALA J 22 -20.66 -9.41 29.96
CA ALA J 22 -21.18 -8.70 31.12
C ALA J 22 -22.32 -7.81 30.65
N THR J 23 -23.51 -8.03 31.20
CA THR J 23 -24.70 -7.29 30.78
C THR J 23 -25.76 -7.28 31.88
N LYS J 24 -26.82 -6.50 31.67
CA LYS J 24 -27.93 -6.50 32.61
C LYS J 24 -28.98 -7.54 32.24
N ALA J 25 -29.67 -8.04 33.27
CA ALA J 25 -30.65 -9.11 33.12
C ALA J 25 -31.81 -8.93 34.08
N VAL J 26 -32.93 -9.59 33.77
CA VAL J 26 -34.04 -9.69 34.72
C VAL J 26 -33.96 -11.04 35.42
N PHE J 27 -33.87 -11.00 36.74
CA PHE J 27 -33.98 -12.19 37.57
C PHE J 27 -34.89 -11.90 38.74
N ASP J 28 -35.92 -12.73 38.89
CA ASP J 28 -36.91 -12.59 39.96
C ASP J 28 -37.59 -11.20 39.95
N GLY J 29 -37.85 -10.70 38.74
CA GLY J 29 -38.52 -9.41 38.56
C GLY J 29 -37.66 -8.16 38.76
N ASP J 30 -36.39 -8.35 39.12
CA ASP J 30 -35.47 -7.24 39.35
C ASP J 30 -34.35 -7.18 38.32
N PHE J 31 -33.77 -6.00 38.15
CA PHE J 31 -32.62 -5.82 37.27
C PHE J 31 -31.33 -6.21 37.99
N VAL J 32 -30.59 -7.15 37.42
CA VAL J 32 -29.32 -7.61 37.99
C VAL J 32 -28.18 -7.52 36.97
N ASP J 33 -26.96 -7.50 37.48
CA ASP J 33 -25.76 -7.57 36.64
C ASP J 33 -25.33 -9.04 36.52
N VAL J 34 -24.99 -9.46 35.31
CA VAL J 34 -24.54 -10.83 35.07
C VAL J 34 -23.20 -10.82 34.34
N LYS J 35 -22.25 -11.58 34.87
CA LYS J 35 -20.93 -11.75 34.26
C LYS J 35 -20.68 -13.24 34.04
N LEU J 36 -19.87 -13.58 33.05
CA LEU J 36 -19.46 -14.97 32.83
C LEU J 36 -18.62 -15.48 34.01
N SER J 37 -17.75 -14.61 34.53
CA SER J 37 -16.86 -14.96 35.65
C SER J 37 -17.61 -15.32 36.93
N ASP J 38 -18.88 -14.90 37.02
CA ASP J 38 -19.73 -15.25 38.17
C ASP J 38 -19.95 -16.75 38.29
N TYR J 39 -19.73 -17.47 37.19
CA TYR J 39 -20.06 -18.89 37.12
C TYR J 39 -18.85 -19.81 37.05
N LYS J 40 -17.66 -19.28 37.34
CA LYS J 40 -16.45 -20.09 37.46
C LYS J 40 -16.69 -21.24 38.44
N GLY J 41 -16.24 -22.44 38.06
CA GLY J 41 -16.45 -23.64 38.86
C GLY J 41 -17.78 -24.33 38.64
N LYS J 42 -18.50 -23.87 37.62
CA LYS J 42 -19.86 -24.34 37.33
C LYS J 42 -20.09 -24.42 35.83
N TYR J 43 -20.90 -25.38 35.38
CA TYR J 43 -21.31 -25.44 33.97
C TYR J 43 -22.37 -24.38 33.66
N VAL J 44 -22.25 -23.78 32.49
CA VAL J 44 -23.17 -22.72 32.06
C VAL J 44 -23.83 -23.08 30.73
N VAL J 45 -25.15 -23.00 30.69
CA VAL J 45 -25.90 -23.12 29.44
C VAL J 45 -26.42 -21.73 29.08
N LEU J 46 -25.75 -21.10 28.11
CA LEU J 46 -26.19 -19.82 27.60
C LEU J 46 -26.95 -20.06 26.32
N PHE J 47 -28.21 -19.64 26.28
CA PHE J 47 -29.00 -19.77 25.05
C PHE J 47 -29.67 -18.46 24.63
N PHE J 48 -29.74 -18.27 23.31
CA PHE J 48 -30.23 -17.06 22.71
C PHE J 48 -31.61 -17.28 22.11
N TYR J 49 -32.43 -16.24 22.10
CA TYR J 49 -33.70 -16.26 21.36
C TYR J 49 -33.87 -14.94 20.61
N PRO J 50 -34.71 -14.91 19.57
CA PRO J 50 -34.77 -13.74 18.70
C PRO J 50 -35.44 -12.49 19.28
N LEU J 51 -36.64 -12.63 19.82
CA LEU J 51 -37.51 -11.47 20.06
C LEU J 51 -38.50 -11.64 21.20
N ASP J 52 -38.60 -10.63 22.05
CA ASP J 52 -39.69 -10.54 23.01
C ASP J 52 -40.99 -10.24 22.27
N PHE J 53 -42.10 -10.73 22.82
CA PHE J 53 -43.47 -10.41 22.36
C PHE J 53 -43.85 -10.93 20.97
N THR J 54 -43.25 -12.04 20.55
CA THR J 54 -43.66 -12.68 19.29
C THR J 54 -45.04 -13.31 19.45
N PHE J 55 -45.72 -13.51 18.31
CA PHE J 55 -47.06 -14.10 18.32
C PHE J 55 -47.02 -15.61 18.59
N VAL J 56 -45.86 -16.21 18.36
CA VAL J 56 -45.66 -17.63 18.63
C VAL J 56 -45.36 -17.82 20.12
N CYS J 57 -46.13 -18.68 20.77
CA CYS J 57 -45.94 -18.97 22.20
C CYS J 57 -44.52 -19.44 22.50
N PRO J 58 -43.86 -18.81 23.50
CA PRO J 58 -42.46 -19.08 23.82
C PRO J 58 -42.27 -20.34 24.68
N THR J 59 -42.97 -21.41 24.33
CA THR J 59 -42.91 -22.68 25.07
C THR J 59 -41.49 -23.24 25.19
N GLU J 60 -40.69 -23.00 24.14
CA GLU J 60 -39.29 -23.43 24.10
C GLU J 60 -38.46 -22.80 25.22
N ILE J 61 -38.65 -21.50 25.43
CA ILE J 61 -37.92 -20.75 26.45
C ILE J 61 -38.46 -21.08 27.85
N ILE J 62 -39.78 -21.18 27.94
CA ILE J 62 -40.46 -21.53 29.19
C ILE J 62 -40.01 -22.90 29.71
N ALA J 63 -39.76 -23.83 28.80
CA ALA J 63 -39.29 -25.17 29.16
C ALA J 63 -38.02 -25.14 30.01
N PHE J 64 -37.07 -24.30 29.61
CA PHE J 64 -35.80 -24.15 30.34
C PHE J 64 -35.99 -23.55 31.74
N SER J 65 -37.03 -22.74 31.90
CA SER J 65 -37.37 -22.16 33.20
C SER J 65 -38.08 -23.21 34.06
N ASP J 66 -39.13 -23.81 33.52
CA ASP J 66 -39.92 -24.83 34.23
C ASP J 66 -39.08 -26.01 34.72
N ARG J 67 -38.09 -26.39 33.91
CA ARG J 67 -37.24 -27.53 34.24
C ARG J 67 -35.87 -27.13 34.77
N PHE J 68 -35.75 -25.89 35.26
CA PHE J 68 -34.50 -25.43 35.87
C PHE J 68 -34.03 -26.25 37.08
N PRO J 69 -34.98 -26.74 37.93
CA PRO J 69 -34.55 -27.61 39.04
C PRO J 69 -33.66 -28.79 38.59
N GLU J 70 -33.93 -29.34 37.41
CA GLU J 70 -33.12 -30.42 36.85
C GLU J 70 -31.69 -29.95 36.56
N PHE J 71 -31.55 -28.72 36.08
CA PHE J 71 -30.24 -28.11 35.86
C PHE J 71 -29.54 -27.76 37.17
N LYS J 72 -30.32 -27.22 38.11
CA LYS J 72 -29.81 -26.84 39.42
C LYS J 72 -29.26 -28.06 40.16
N ASN J 73 -29.97 -29.19 40.04
CA ASN J 73 -29.55 -30.44 40.67
C ASN J 73 -28.21 -30.95 40.14
N LEU J 74 -27.90 -30.58 38.90
CA LEU J 74 -26.61 -30.92 38.29
C LEU J 74 -25.57 -29.81 38.44
N ASN J 75 -25.88 -28.82 39.28
CA ASN J 75 -25.04 -27.64 39.49
C ASN J 75 -24.75 -26.89 38.18
N VAL J 76 -25.80 -26.67 37.40
CA VAL J 76 -25.69 -26.00 36.10
C VAL J 76 -26.47 -24.70 36.11
N ALA J 77 -25.82 -23.63 35.66
CA ALA J 77 -26.48 -22.34 35.48
C ALA J 77 -27.05 -22.24 34.06
N VAL J 78 -28.28 -21.72 33.96
CA VAL J 78 -28.93 -21.52 32.67
C VAL J 78 -29.23 -20.04 32.47
N LEU J 79 -28.83 -19.51 31.32
CA LEU J 79 -29.01 -18.10 31.01
C LEU J 79 -29.69 -17.93 29.65
N ALA J 80 -30.78 -17.16 29.63
CA ALA J 80 -31.45 -16.80 28.39
C ALA J 80 -31.00 -15.41 27.96
N CYS J 81 -31.00 -15.15 26.65
CA CYS J 81 -30.51 -13.88 26.13
C CYS J 81 -31.16 -13.50 24.81
N SER J 82 -31.52 -12.23 24.67
CA SER J 82 -31.98 -11.68 23.39
C SER J 82 -31.47 -10.26 23.24
N THR J 83 -31.62 -9.70 22.04
CA THR J 83 -31.19 -8.31 21.78
C THR J 83 -32.18 -7.27 22.33
N ASP J 84 -33.26 -7.74 22.96
CA ASP J 84 -34.25 -6.86 23.60
C ASP J 84 -33.71 -6.32 24.92
N SER J 85 -34.25 -5.18 25.36
CA SER J 85 -33.79 -4.55 26.59
C SER J 85 -34.32 -5.25 27.83
N VAL J 86 -33.73 -4.90 28.96
CA VAL J 86 -34.14 -5.41 30.26
C VAL J 86 -35.59 -4.99 30.60
N PHE J 87 -36.00 -3.82 30.09
CA PHE J 87 -37.36 -3.30 30.28
C PHE J 87 -38.38 -4.10 29.46
N SER J 88 -38.00 -4.46 28.24
CA SER J 88 -38.80 -5.32 27.39
C SER J 88 -38.96 -6.72 28.01
N HIS J 89 -37.88 -7.25 28.58
CA HIS J 89 -37.91 -8.56 29.24
C HIS J 89 -38.91 -8.58 30.37
N LEU J 90 -38.83 -7.58 31.25
CA LEU J 90 -39.70 -7.49 32.43
C LEU J 90 -41.17 -7.42 32.04
N ALA J 91 -41.48 -6.63 31.02
CA ALA J 91 -42.84 -6.49 30.52
C ALA J 91 -43.39 -7.81 29.97
N TRP J 92 -42.52 -8.60 29.34
CA TRP J 92 -42.91 -9.89 28.81
C TRP J 92 -43.06 -10.91 29.91
N ILE J 93 -42.18 -10.82 30.90
CA ILE J 93 -42.27 -11.64 32.11
C ILE J 93 -43.57 -11.35 32.87
N ASN J 94 -43.92 -10.07 32.97
CA ASN J 94 -45.18 -9.65 33.60
C ASN J 94 -46.43 -9.93 32.78
N THR J 95 -46.25 -10.42 31.56
CA THR J 95 -47.37 -10.86 30.73
C THR J 95 -47.64 -12.33 31.04
N PRO J 96 -48.90 -12.67 31.40
CA PRO J 96 -49.21 -14.05 31.76
C PRO J 96 -49.02 -14.99 30.59
N ARG J 97 -48.62 -16.22 30.87
CA ARG J 97 -48.39 -17.24 29.85
C ARG J 97 -49.64 -17.53 29.03
N LYS J 98 -50.80 -17.34 29.66
CA LYS J 98 -52.10 -17.48 29.00
C LYS J 98 -52.24 -16.49 27.84
N HIS J 99 -51.57 -15.34 27.94
CA HIS J 99 -51.64 -14.30 26.90
C HIS J 99 -50.37 -14.22 26.07
N GLY J 100 -49.63 -15.33 26.02
CA GLY J 100 -48.42 -15.43 25.20
C GLY J 100 -47.14 -14.89 25.84
N GLY J 101 -47.21 -14.53 27.12
CA GLY J 101 -46.04 -14.00 27.83
C GLY J 101 -45.12 -15.07 28.37
N LEU J 102 -43.99 -14.64 28.92
CA LEU J 102 -43.05 -15.57 29.55
C LEU J 102 -43.52 -16.04 30.91
N GLY J 103 -44.30 -15.19 31.58
CA GLY J 103 -44.74 -15.47 32.95
C GLY J 103 -43.57 -15.45 33.92
N ASP J 104 -43.73 -16.17 35.02
CA ASP J 104 -42.70 -16.26 36.05
C ASP J 104 -41.49 -17.06 35.56
N MET J 105 -40.34 -16.39 35.45
CA MET J 105 -39.10 -17.02 35.00
C MET J 105 -38.16 -17.34 36.15
N LYS J 106 -37.60 -18.56 36.15
CA LYS J 106 -36.72 -19.03 37.21
C LYS J 106 -35.25 -18.90 36.83
N ILE J 107 -35.00 -18.34 35.65
CA ILE J 107 -33.63 -18.14 35.15
C ILE J 107 -33.43 -16.67 34.74
N PRO J 108 -32.18 -16.17 34.79
CA PRO J 108 -31.90 -14.82 34.31
C PRO J 108 -32.17 -14.68 32.82
N VAL J 109 -32.82 -13.57 32.44
CA VAL J 109 -33.04 -13.24 31.04
C VAL J 109 -32.19 -12.02 30.69
N LEU J 110 -31.10 -12.27 29.98
CA LEU J 110 -30.11 -11.25 29.68
C LEU J 110 -30.52 -10.33 28.53
N ALA J 111 -30.16 -9.06 28.66
CA ALA J 111 -30.39 -8.05 27.63
C ALA J 111 -29.11 -7.83 26.84
N ASP J 112 -29.23 -7.79 25.51
CA ASP J 112 -28.09 -7.61 24.63
C ASP J 112 -28.39 -6.54 23.55
N THR J 113 -28.91 -5.40 23.99
CA THR J 113 -29.24 -4.28 23.10
C THR J 113 -28.00 -3.81 22.33
N ASN J 114 -26.85 -3.95 22.97
CA ASN J 114 -25.51 -3.83 22.37
C ASN J 114 -25.26 -4.65 21.11
N HIS J 115 -25.77 -5.88 21.10
CA HIS J 115 -25.45 -6.89 20.08
C HIS J 115 -24.09 -7.51 20.29
N GLN J 116 -23.35 -7.02 21.29
CA GLN J 116 -21.99 -7.49 21.52
C GLN J 116 -21.91 -8.98 21.88
N ILE J 117 -22.84 -9.45 22.70
CA ILE J 117 -22.86 -10.86 23.10
C ILE J 117 -23.23 -11.76 21.91
N ALA J 118 -24.24 -11.35 21.15
CA ALA J 118 -24.67 -12.10 19.97
C ALA J 118 -23.58 -12.14 18.90
N LYS J 119 -22.87 -11.03 18.73
CA LYS J 119 -21.73 -10.95 17.79
C LYS J 119 -20.57 -11.84 18.23
N ASP J 120 -20.24 -11.79 19.51
CA ASP J 120 -19.15 -12.60 20.06
C ASP J 120 -19.42 -14.10 19.96
N TYR J 121 -20.69 -14.48 20.06
CA TYR J 121 -21.08 -15.88 19.96
C TYR J 121 -21.48 -16.28 18.54
N GLY J 122 -21.39 -15.32 17.62
CA GLY J 122 -21.64 -15.55 16.20
C GLY J 122 -23.07 -15.97 15.87
N VAL J 123 -24.03 -15.44 16.62
CA VAL J 123 -25.44 -15.80 16.42
C VAL J 123 -26.31 -14.64 15.98
N LEU J 124 -25.70 -13.47 15.77
CA LEU J 124 -26.44 -12.31 15.33
C LEU J 124 -26.85 -12.41 13.87
N LYS J 125 -28.13 -12.20 13.60
CA LYS J 125 -28.65 -12.08 12.25
C LYS J 125 -28.57 -10.60 11.88
N ASP J 126 -27.51 -10.24 11.16
CA ASP J 126 -27.14 -8.84 10.90
C ASP J 126 -28.26 -7.93 10.40
N ASP J 127 -28.97 -8.38 9.37
CA ASP J 127 -30.00 -7.55 8.73
C ASP J 127 -31.21 -7.25 9.63
N GLU J 128 -31.35 -7.99 10.73
CA GLU J 128 -32.50 -7.80 11.62
C GLU J 128 -32.13 -7.42 13.05
N GLY J 129 -30.86 -7.57 13.42
CA GLY J 129 -30.41 -7.23 14.76
C GLY J 129 -31.04 -8.10 15.83
N ILE J 130 -31.22 -9.37 15.50
CA ILE J 130 -31.74 -10.37 16.44
C ILE J 130 -30.85 -11.61 16.41
N ALA J 131 -30.84 -12.35 17.51
CA ALA J 131 -30.05 -13.57 17.58
C ALA J 131 -30.82 -14.78 17.03
N TYR J 132 -30.10 -15.64 16.32
CA TYR J 132 -30.59 -16.97 15.99
C TYR J 132 -30.71 -17.80 17.26
N ARG J 133 -31.42 -18.93 17.19
CA ARG J 133 -31.61 -19.79 18.36
C ARG J 133 -30.36 -20.60 18.67
N GLY J 134 -29.36 -19.90 19.21
CA GLY J 134 -28.09 -20.50 19.57
C GLY J 134 -28.09 -20.96 21.00
N LEU J 135 -27.39 -22.06 21.26
CA LEU J 135 -27.18 -22.55 22.62
C LEU J 135 -25.73 -22.97 22.75
N PHE J 136 -25.13 -22.66 23.89
CA PHE J 136 -23.71 -22.87 24.12
C PHE J 136 -23.49 -23.47 25.50
N ILE J 137 -22.62 -24.47 25.57
CA ILE J 137 -22.27 -25.08 26.85
C ILE J 137 -20.84 -24.71 27.22
N ILE J 138 -20.70 -24.15 28.41
CA ILE J 138 -19.42 -23.62 28.91
C ILE J 138 -19.07 -24.34 30.22
N ASP J 139 -17.86 -24.87 30.29
CA ASP J 139 -17.45 -25.69 31.45
C ASP J 139 -17.00 -24.83 32.64
N PRO J 140 -16.75 -25.48 33.81
CA PRO J 140 -16.34 -24.76 35.03
C PRO J 140 -15.10 -23.89 34.88
N LYS J 141 -14.27 -24.17 33.87
CA LYS J 141 -13.05 -23.41 33.62
C LYS J 141 -13.25 -22.29 32.59
N GLY J 142 -14.49 -22.12 32.15
CA GLY J 142 -14.83 -21.09 31.16
C GLY J 142 -14.51 -21.49 29.72
N ILE J 143 -14.18 -22.76 29.51
CA ILE J 143 -13.86 -23.29 28.20
C ILE J 143 -15.16 -23.68 27.48
N LEU J 144 -15.29 -23.26 26.22
CA LEU J 144 -16.47 -23.59 25.41
C LEU J 144 -16.43 -25.04 24.94
N ARG J 145 -17.46 -25.80 25.31
CA ARG J 145 -17.49 -27.24 25.04
C ARG J 145 -18.43 -27.63 23.90
N GLN J 146 -19.48 -26.82 23.69
CA GLN J 146 -20.53 -27.18 22.73
C GLN J 146 -21.15 -25.95 22.06
N ILE J 147 -21.34 -26.05 20.74
CA ILE J 147 -21.99 -25.01 19.96
C ILE J 147 -23.24 -25.59 19.30
N THR J 148 -24.37 -24.92 19.51
CA THR J 148 -25.61 -25.24 18.82
C THR J 148 -26.22 -23.95 18.29
N ILE J 149 -26.53 -23.90 16.99
CA ILE J 149 -27.24 -22.75 16.42
C ILE J 149 -28.35 -23.27 15.51
N ASN J 150 -29.58 -22.87 15.81
CA ASN J 150 -30.74 -23.22 15.00
C ASN J 150 -31.25 -22.01 14.23
N ASP J 151 -31.73 -22.24 13.01
CA ASP J 151 -32.50 -21.24 12.28
C ASP J 151 -33.75 -20.92 13.11
N LEU J 152 -34.34 -19.75 12.86
CA LEU J 152 -35.41 -19.21 13.71
C LEU J 152 -36.63 -20.12 13.97
N PRO J 153 -37.11 -20.86 12.94
CA PRO J 153 -38.36 -21.62 13.11
C PRO J 153 -38.32 -22.83 14.06
N VAL J 154 -37.13 -23.27 14.46
CA VAL J 154 -37.01 -24.54 15.21
C VAL J 154 -36.35 -24.36 16.57
N GLY J 155 -37.03 -24.83 17.62
CA GLY J 155 -36.57 -24.68 18.99
C GLY J 155 -35.61 -25.75 19.46
N ARG J 156 -35.20 -25.64 20.73
CA ARG J 156 -34.22 -26.53 21.33
C ARG J 156 -34.86 -27.43 22.40
N SER J 157 -34.18 -28.53 22.71
CA SER J 157 -34.68 -29.54 23.62
C SER J 157 -33.96 -29.49 24.96
N VAL J 158 -34.73 -29.41 26.05
CA VAL J 158 -34.17 -29.49 27.40
C VAL J 158 -33.51 -30.86 27.63
N ASP J 159 -34.16 -31.93 27.15
CA ASP J 159 -33.62 -33.29 27.27
C ASP J 159 -32.25 -33.43 26.61
N GLU J 160 -32.12 -32.94 25.39
CA GLU J 160 -30.85 -32.95 24.67
C GLU J 160 -29.78 -32.13 25.39
N THR J 161 -30.18 -30.96 25.90
CA THR J 161 -29.27 -30.08 26.64
C THR J 161 -28.77 -30.77 27.90
N LEU J 162 -29.68 -31.45 28.60
CA LEU J 162 -29.33 -32.22 29.79
C LEU J 162 -28.41 -33.41 29.44
N ARG J 163 -28.70 -34.08 28.32
CA ARG J 163 -27.84 -35.17 27.85
C ARG J 163 -26.42 -34.68 27.62
N LEU J 164 -26.30 -33.52 26.97
CA LEU J 164 -25.00 -32.96 26.64
C LEU J 164 -24.19 -32.55 27.86
N VAL J 165 -24.81 -31.78 28.76
CA VAL J 165 -24.11 -31.31 29.96
C VAL J 165 -23.70 -32.47 30.89
N GLN J 166 -24.56 -33.48 31.01
CA GLN J 166 -24.23 -34.67 31.80
C GLN J 166 -23.09 -35.48 31.18
N ALA J 167 -23.09 -35.59 29.84
CA ALA J 167 -22.02 -36.26 29.13
C ALA J 167 -20.68 -35.54 29.30
N PHE J 168 -20.72 -34.21 29.31
CA PHE J 168 -19.50 -33.41 29.53
C PHE J 168 -18.98 -33.53 30.96
N GLN J 169 -19.89 -33.55 31.93
CA GLN J 169 -19.53 -33.68 33.34
C GLN J 169 -18.94 -35.05 33.62
N TYR J 170 -19.47 -36.07 32.95
CA TYR J 170 -18.98 -37.44 33.10
C TYR J 170 -17.61 -37.61 32.44
N THR J 171 -17.47 -37.09 31.21
CA THR J 171 -16.21 -37.17 30.47
C THR J 171 -15.09 -36.43 31.17
N ASP J 172 -15.42 -35.33 31.82
CA ASP J 172 -14.46 -34.55 32.60
C ASP J 172 -13.80 -35.38 33.70
N LYS J 173 -14.56 -36.33 34.25
CA LYS J 173 -14.08 -37.19 35.34
C LYS J 173 -13.51 -38.52 34.87
N HIS J 174 -14.13 -39.12 33.86
CA HIS J 174 -13.84 -40.51 33.49
C HIS J 174 -13.13 -40.70 32.17
N GLY J 175 -13.32 -39.75 31.25
CA GLY J 175 -12.83 -39.92 29.87
C GLY J 175 -13.97 -40.37 28.98
N GLU J 176 -13.65 -41.08 27.90
CA GLU J 176 -14.66 -41.48 26.91
C GLU J 176 -15.37 -42.81 27.19
N VAL J 177 -16.36 -43.11 26.33
CA VAL J 177 -17.22 -44.30 26.42
C VAL J 177 -16.47 -45.57 26.83
#